data_9C0G
#
_entry.id   9C0G
#
_cell.length_a   1.00
_cell.length_b   1.00
_cell.length_c   1.00
_cell.angle_alpha   90.00
_cell.angle_beta   90.00
_cell.angle_gamma   90.00
#
_symmetry.space_group_name_H-M   'P 1'
#
loop_
_entity.id
_entity.type
_entity.pdbx_description
1 polymer 'Solute carrier family 12 member 2'
2 non-polymer Torasemide
3 non-polymer 'CHLORIDE ION'
4 non-polymer 'SODIUM ION'
5 water water
#
_entity_poly.entity_id   1
_entity_poly.type   'polypeptide(L)'
_entity_poly.pdbx_seq_one_letter_code
;MEPRPTAPSSGAPGLAGVGETPSAAALAAARVELPGTAVPSVPEDAAPASRDGGGVRDEGPAAAGDGLGRPLGPTPSQSR
FQVDLVSENAGRAAAAAAAAAAAAAAAGAGAGAKQTPADGEASGESEPAKGSEEAKGRFRVNFVDPAASSSAEDSLSDAA
GVGVDGPNVSFQNGGDTVLSEGSSLHSGGGGGSGHHQHYYYDTHTNTYYLRTFGHN(TPO)MDAVPRIDHYRHTAAQLGE
KLLRPSLAELHDELEKEPFEDGFANGEESTPTRDAVVTYTAESKGVVKFGWIKGVLVRCMLNIWGVMLFIRLSWIVGQAG
IGLSVLVIMMATVVTTITGLSTSAIATNGFVRGGGAYYLISRSLGPEFGGAIGLIFAFANAVAVAMYVVGFAETVVELLK
EHSILMIDEINDIRIIGAITVVILLGISVAGMEWEAKAQIVLLVILLLAIGDFVIGTFIPLESKKPKGFFGYKSEIFNEN
FGPDFREEETFFSVFAIFFPAATGILAGANISGDLADPQSAIPKGTLLAILITTLVYVGIAVSVGSCVVRDATGNVNDTI
VTELTNCTSAACKLNFDFSSCESSPCSYGLMNNFQVMSMVSGFTPLISAGIFSATLSSALASLVSAPKIFQALCKDNIYP
AFQMFAKGYGKNNEPLRGYILTFLIALGFILIAELNVIAPIISNFFLASYALINFSVFHASLAKSPGWRPAFKYYNMWIS
LLGAILCCIVMFVINWWAALLTYVIVLGLYIYVTYKKPDVNWGSSTQALTYLNALQHSIRLSGVEDHVKNFRPQCLVMTG
APNSRPALLHLVHDFTKNVGLMICGHVHMGPRRQAMKEMSIDQAKYQRWLIKNKMKAFYAPVHADDLREGAQYLMQAAGL
GRMKPNTLVLGFKKDWLQADMRDVDMYINLFHDAFDIQYGVVVIRLKEGLDISHLQGQEELLSSQEKSPGTKDVVVSVEY
SKKSDLDTSKPLSEKPITHKVEEEDGKTATQPLLKKESKGPIVPLNVADQKLLEASTQFQKKQGKNTIDVWWLFDDGGLT
LLIPYLLTTKKKWKDCKIRVFIGGKINRIDHDRRAMATLLSKFRIDFSDIMVLGDINTKPKKENIIAFEEIIEPYRLHED
DKEQDIADKMKEDEPWRITDNELELYKTKTYRQIRLNELLKEHSSTANIIVMSLPVARKGAVSSALYMAWLEALSKDLPP
ILLVRGNHQSVLTFYS
;
_entity_poly.pdbx_strand_id   A,B
#
loop_
_chem_comp.id
_chem_comp.type
_chem_comp.name
_chem_comp.formula
A1ATU non-polymer Torasemide 'C16 H20 N4 O3 S'
CL non-polymer 'CHLORIDE ION' 'Cl -1'
NA non-polymer 'SODIUM ION' 'Na 1'
#
# COMPACT_ATOMS: atom_id res chain seq x y z
N TPO A 217 -5.84 -45.72 -22.33
CA TPO A 217 -6.52 -45.25 -21.13
CB TPO A 217 -5.54 -45.19 -19.95
CG2 TPO A 217 -4.13 -44.99 -20.49
OG1 TPO A 217 -5.91 -44.12 -19.07
P TPO A 217 -6.53 -44.79 -17.75
O1P TPO A 217 -5.74 -45.98 -17.37
O2P TPO A 217 -6.51 -43.71 -16.55
O3P TPO A 217 -8.05 -45.23 -18.02
C TPO A 217 -7.18 -43.90 -21.35
O TPO A 217 -7.90 -43.40 -20.48
N MET A 218 -6.89 -43.30 -22.49
CA MET A 218 -7.45 -42.00 -22.88
C MET A 218 -6.78 -40.85 -22.15
N ASP A 219 -6.08 -41.17 -21.06
CA ASP A 219 -5.32 -40.17 -20.31
C ASP A 219 -3.92 -40.07 -20.91
N ALA A 220 -3.58 -38.88 -21.41
CA ALA A 220 -2.30 -38.69 -22.07
C ALA A 220 -1.18 -38.51 -21.05
N VAL A 221 -0.02 -39.07 -21.35
CA VAL A 221 1.15 -38.93 -20.49
C VAL A 221 1.76 -37.56 -20.72
N PRO A 222 2.56 -37.04 -19.79
CA PRO A 222 3.20 -35.74 -20.00
C PRO A 222 4.03 -35.74 -21.28
N ARG A 223 3.83 -34.71 -22.10
CA ARG A 223 4.51 -34.62 -23.39
C ARG A 223 4.74 -33.16 -23.74
N ILE A 224 5.93 -32.86 -24.27
CA ILE A 224 6.28 -31.48 -24.59
C ILE A 224 5.30 -30.89 -25.61
N ASP A 225 4.74 -31.72 -26.49
CA ASP A 225 3.83 -31.21 -27.51
C ASP A 225 2.59 -30.58 -26.89
N HIS A 226 2.16 -31.05 -25.72
CA HIS A 226 0.98 -30.49 -25.09
C HIS A 226 1.18 -29.02 -24.75
N TYR A 227 2.36 -28.67 -24.21
CA TYR A 227 2.62 -27.31 -23.76
C TYR A 227 3.20 -26.42 -24.85
N ARG A 228 3.64 -26.99 -25.97
CA ARG A 228 4.23 -26.21 -27.06
C ARG A 228 3.12 -25.75 -27.98
N HIS A 229 2.69 -24.50 -27.81
CA HIS A 229 1.60 -23.96 -28.62
C HIS A 229 1.81 -22.52 -29.07
N THR A 230 3.02 -21.98 -28.99
CA THR A 230 3.25 -20.62 -29.46
C THR A 230 4.39 -20.52 -30.44
N ALA A 231 5.43 -21.32 -30.29
CA ALA A 231 6.57 -21.34 -31.20
C ALA A 231 6.58 -22.54 -32.12
N ALA A 232 5.48 -23.29 -32.18
CA ALA A 232 5.39 -24.48 -33.02
C ALA A 232 3.93 -24.94 -33.02
N GLN A 233 3.67 -26.03 -33.74
CA GLN A 233 2.34 -26.61 -33.85
C GLN A 233 2.31 -27.94 -33.12
N LEU A 234 1.36 -28.10 -32.19
CA LEU A 234 1.25 -29.35 -31.45
C LEU A 234 0.92 -30.51 -32.37
N GLY A 235 0.03 -30.31 -33.33
CA GLY A 235 -0.33 -31.34 -34.28
C GLY A 235 -1.24 -32.39 -33.70
N GLU A 236 -1.53 -33.39 -34.51
CA GLU A 236 -2.41 -34.49 -34.07
C GLU A 236 -1.68 -35.43 -33.12
N LYS A 237 -0.37 -35.57 -33.26
CA LYS A 237 0.40 -36.47 -32.39
C LYS A 237 0.54 -35.96 -30.98
N LEU A 238 0.15 -34.72 -30.70
CA LEU A 238 0.26 -34.14 -29.36
C LEU A 238 -0.99 -33.30 -29.10
N LEU A 239 -1.88 -33.81 -28.27
CA LEU A 239 -3.08 -33.06 -27.88
C LEU A 239 -3.57 -33.62 -26.55
N ARG A 240 -3.33 -32.87 -25.47
CA ARG A 240 -3.77 -33.32 -24.12
C ARG A 240 -5.28 -33.38 -24.13
N PRO A 241 -5.91 -34.48 -23.67
CA PRO A 241 -7.37 -34.52 -23.54
C PRO A 241 -7.88 -33.52 -22.51
N SER A 242 -9.04 -32.93 -22.80
CA SER A 242 -9.65 -32.01 -21.86
C SER A 242 -10.29 -32.78 -20.71
N LEU A 243 -10.48 -32.08 -19.59
CA LEU A 243 -11.05 -32.72 -18.41
C LEU A 243 -12.48 -33.19 -18.68
N ALA A 244 -13.22 -32.47 -19.53
CA ALA A 244 -14.59 -32.87 -19.84
C ALA A 244 -14.64 -34.24 -20.50
N GLU A 245 -13.71 -34.51 -21.42
CA GLU A 245 -13.70 -35.80 -22.10
C GLU A 245 -13.47 -36.94 -21.11
N LEU A 246 -12.60 -36.74 -20.13
CA LEU A 246 -12.37 -37.76 -19.13
C LEU A 246 -13.53 -37.85 -18.14
N HIS A 247 -14.25 -36.77 -17.94
CA HIS A 247 -15.34 -36.71 -16.96
C HIS A 247 -16.71 -36.87 -17.59
N ASP A 248 -17.04 -36.02 -18.56
CA ASP A 248 -18.40 -35.95 -19.07
C ASP A 248 -18.86 -37.31 -19.59
N GLU A 249 -20.09 -37.69 -19.25
CA GLU A 249 -20.65 -38.96 -19.67
C GLU A 249 -21.20 -38.83 -21.08
N LEU A 250 -20.74 -39.70 -21.98
CA LEU A 250 -21.19 -39.68 -23.36
C LEU A 250 -21.94 -40.96 -23.71
N VAL A 282 17.55 -18.89 -42.36
CA VAL A 282 17.66 -18.41 -41.00
C VAL A 282 19.08 -18.59 -40.49
N VAL A 283 19.59 -17.57 -39.80
CA VAL A 283 20.95 -17.57 -39.28
C VAL A 283 20.89 -17.54 -37.76
N LYS A 284 21.56 -18.49 -37.13
CA LYS A 284 21.64 -18.58 -35.68
C LYS A 284 23.11 -18.64 -35.26
N PHE A 285 23.49 -17.80 -34.32
CA PHE A 285 24.88 -17.73 -33.86
C PHE A 285 25.04 -18.42 -32.52
N GLY A 286 26.26 -18.90 -32.26
CA GLY A 286 26.59 -19.49 -30.99
C GLY A 286 26.87 -18.43 -29.93
N TRP A 287 27.20 -18.92 -28.73
CA TRP A 287 27.43 -18.00 -27.61
C TRP A 287 28.75 -17.24 -27.77
N ILE A 288 29.72 -17.82 -28.47
CA ILE A 288 31.02 -17.19 -28.61
C ILE A 288 30.97 -16.10 -29.68
N LYS A 289 30.57 -16.45 -30.89
CA LYS A 289 30.52 -15.50 -31.99
C LYS A 289 29.28 -14.61 -31.95
N GLY A 290 28.34 -14.88 -31.05
CA GLY A 290 27.11 -14.10 -31.01
C GLY A 290 27.00 -13.19 -29.81
N VAL A 291 27.59 -13.58 -28.68
CA VAL A 291 27.49 -12.83 -27.43
C VAL A 291 28.86 -12.37 -26.94
N LEU A 292 29.81 -13.31 -26.86
CA LEU A 292 31.13 -12.98 -26.33
C LEU A 292 31.81 -11.90 -27.15
N VAL A 293 31.91 -12.10 -28.46
CA VAL A 293 32.62 -11.17 -29.33
C VAL A 293 31.92 -9.82 -29.35
N ARG A 294 30.59 -9.82 -29.51
CA ARG A 294 29.87 -8.57 -29.57
C ARG A 294 30.00 -7.78 -28.27
N CYS A 295 29.85 -8.46 -27.13
CA CYS A 295 29.98 -7.79 -25.84
C CYS A 295 31.38 -7.22 -25.66
N MET A 296 32.41 -8.01 -25.99
CA MET A 296 33.77 -7.54 -25.82
C MET A 296 34.07 -6.35 -26.72
N LEU A 297 33.58 -6.38 -27.96
CA LEU A 297 33.86 -5.29 -28.88
C LEU A 297 33.09 -4.03 -28.53
N ASN A 298 31.86 -4.18 -28.02
CA ASN A 298 31.09 -3.00 -27.63
C ASN A 298 31.66 -2.38 -26.36
N ILE A 299 32.10 -3.20 -25.41
CA ILE A 299 32.66 -2.68 -24.17
C ILE A 299 33.94 -1.89 -24.45
N TRP A 300 34.81 -2.42 -25.31
CA TRP A 300 36.09 -1.78 -25.57
C TRP A 300 35.92 -0.61 -26.53
N GLY A 301 36.67 0.46 -26.27
CA GLY A 301 36.65 1.65 -27.10
C GLY A 301 37.96 2.39 -27.08
N VAL A 302 37.92 3.69 -27.37
CA VAL A 302 39.13 4.51 -27.39
C VAL A 302 39.73 4.72 -26.01
N MET A 303 39.04 4.31 -24.94
CA MET A 303 39.58 4.52 -23.61
C MET A 303 40.89 3.74 -23.40
N LEU A 304 41.06 2.61 -24.09
CA LEU A 304 42.27 1.81 -23.93
C LEU A 304 43.48 2.46 -24.57
N PHE A 305 43.30 3.51 -25.37
CA PHE A 305 44.42 4.12 -26.09
C PHE A 305 44.49 5.64 -25.96
N ILE A 306 43.49 6.28 -25.34
CA ILE A 306 43.46 7.74 -25.29
C ILE A 306 43.42 8.22 -23.85
N ARG A 307 42.39 7.82 -23.11
CA ARG A 307 42.13 8.37 -21.79
C ARG A 307 42.63 7.47 -20.65
N LEU A 308 42.92 6.20 -20.92
CA LEU A 308 43.36 5.32 -19.84
C LEU A 308 44.66 5.81 -19.23
N SER A 309 45.62 6.21 -20.07
CA SER A 309 46.87 6.75 -19.54
C SER A 309 46.62 8.03 -18.75
N TRP A 310 45.79 8.93 -19.29
CA TRP A 310 45.50 10.18 -18.58
C TRP A 310 44.79 9.91 -17.26
N ILE A 311 43.87 8.95 -17.26
CA ILE A 311 43.17 8.62 -16.02
C ILE A 311 44.13 8.07 -14.99
N VAL A 312 45.01 7.15 -15.41
CA VAL A 312 45.97 6.57 -14.48
C VAL A 312 46.95 7.62 -13.98
N GLY A 313 47.23 8.64 -14.79
CA GLY A 313 48.11 9.71 -14.34
C GLY A 313 47.43 10.63 -13.33
N GLN A 314 46.28 11.18 -13.72
CA GLN A 314 45.57 12.09 -12.83
C GLN A 314 45.27 11.44 -11.49
N ALA A 315 44.67 10.26 -11.51
CA ALA A 315 44.49 9.48 -10.30
C ALA A 315 45.72 8.62 -10.05
N GLY A 316 45.67 7.85 -8.98
CA GLY A 316 46.75 6.92 -8.69
C GLY A 316 46.53 5.57 -9.34
N ILE A 317 47.58 4.75 -9.31
CA ILE A 317 47.44 3.37 -9.77
C ILE A 317 46.36 2.67 -8.95
N GLY A 318 46.45 2.78 -7.63
CA GLY A 318 45.44 2.17 -6.78
C GLY A 318 44.07 2.77 -6.98
N LEU A 319 43.99 4.10 -7.07
CA LEU A 319 42.70 4.75 -7.25
C LEU A 319 42.12 4.44 -8.63
N SER A 320 42.96 4.39 -9.66
CA SER A 320 42.47 3.99 -10.98
C SER A 320 41.93 2.58 -10.96
N VAL A 321 42.68 1.66 -10.34
CA VAL A 321 42.21 0.26 -10.25
C VAL A 321 40.86 0.27 -9.53
N LEU A 322 40.72 1.06 -8.47
CA LEU A 322 39.44 1.12 -7.71
C LEU A 322 38.32 1.62 -8.62
N VAL A 323 38.59 2.64 -9.44
CA VAL A 323 37.53 3.20 -10.32
C VAL A 323 37.07 2.09 -11.25
N ILE A 324 38.04 1.39 -11.85
CA ILE A 324 37.70 0.30 -12.80
C ILE A 324 36.83 -0.70 -12.05
N MET A 325 37.25 -1.13 -10.86
CA MET A 325 36.54 -2.17 -10.09
C MET A 325 35.11 -1.74 -9.76
N MET A 326 34.89 -0.47 -9.42
CA MET A 326 33.52 0.01 -9.05
C MET A 326 32.63 0.08 -10.29
N ALA A 327 33.20 0.52 -11.41
CA ALA A 327 32.40 0.49 -12.65
C ALA A 327 32.05 -0.97 -12.95
N THR A 328 32.99 -1.86 -12.64
CA THR A 328 32.78 -3.30 -12.93
C THR A 328 31.68 -3.83 -12.03
N VAL A 329 31.64 -3.41 -10.77
CA VAL A 329 30.53 -3.80 -9.86
C VAL A 329 29.24 -3.38 -10.54
N VAL A 330 29.15 -2.10 -10.92
CA VAL A 330 27.84 -1.67 -11.50
C VAL A 330 27.50 -2.56 -12.70
N THR A 331 28.47 -2.89 -13.56
CA THR A 331 28.14 -3.65 -14.80
C THR A 331 27.83 -5.12 -14.52
N THR A 332 28.51 -5.75 -13.58
CA THR A 332 28.34 -7.18 -13.23
C THR A 332 26.98 -7.34 -12.56
N ILE A 333 26.68 -6.43 -11.62
CA ILE A 333 25.33 -6.55 -11.08
C ILE A 333 24.31 -6.48 -12.19
N THR A 334 24.48 -5.54 -13.12
CA THR A 334 23.56 -5.45 -14.25
C THR A 334 23.56 -6.73 -15.07
N GLY A 335 24.74 -7.32 -15.30
CA GLY A 335 24.82 -8.54 -16.07
C GLY A 335 24.17 -9.72 -15.38
N LEU A 336 24.34 -9.82 -14.06
CA LEU A 336 23.67 -10.88 -13.31
C LEU A 336 22.16 -10.73 -13.42
N SER A 337 21.65 -9.50 -13.28
CA SER A 337 20.22 -9.29 -13.43
C SER A 337 19.75 -9.65 -14.84
N THR A 338 20.53 -9.29 -15.85
CA THR A 338 20.17 -9.61 -17.23
C THR A 338 20.12 -11.11 -17.46
N SER A 339 21.10 -11.85 -16.94
CA SER A 339 21.09 -13.29 -17.08
C SER A 339 19.90 -13.91 -16.37
N ALA A 340 19.58 -13.40 -15.17
CA ALA A 340 18.42 -13.90 -14.45
C ALA A 340 17.14 -13.68 -15.24
N ILE A 341 17.00 -12.49 -15.85
CA ILE A 341 15.78 -12.20 -16.61
C ILE A 341 15.78 -12.93 -17.95
N ALA A 342 16.93 -13.36 -18.44
CA ALA A 342 17.00 -14.05 -19.72
C ALA A 342 16.90 -15.56 -19.59
N THR A 343 17.07 -16.11 -18.39
CA THR A 343 16.92 -17.54 -18.17
C THR A 343 15.52 -17.92 -17.69
N ASN A 344 14.51 -17.12 -18.03
CA ASN A 344 13.14 -17.40 -17.63
C ASN A 344 12.42 -18.26 -18.67
N GLY A 345 12.24 -17.72 -19.87
CA GLY A 345 11.57 -18.45 -20.93
C GLY A 345 12.25 -18.25 -22.26
N PHE A 346 11.61 -18.65 -23.34
CA PHE A 346 12.17 -18.44 -24.66
C PHE A 346 12.04 -16.96 -25.03
N VAL A 347 13.17 -16.33 -25.37
CA VAL A 347 13.17 -14.93 -25.76
C VAL A 347 13.00 -14.87 -27.27
N ARG A 348 11.86 -14.35 -27.71
CA ARG A 348 11.52 -14.42 -29.13
C ARG A 348 12.50 -13.61 -29.97
N GLY A 349 12.85 -12.42 -29.50
CA GLY A 349 13.73 -11.54 -30.25
C GLY A 349 14.01 -10.24 -29.52
N GLY A 350 13.97 -9.13 -30.25
CA GLY A 350 14.22 -7.84 -29.66
C GLY A 350 15.57 -7.73 -29.00
N GLY A 351 15.59 -7.61 -27.68
CA GLY A 351 16.84 -7.48 -26.95
C GLY A 351 16.59 -7.26 -25.47
N ALA A 352 17.28 -6.29 -24.88
CA ALA A 352 16.97 -5.91 -23.49
C ALA A 352 15.53 -5.40 -23.38
N TYR A 353 15.01 -4.82 -24.46
CA TYR A 353 13.62 -4.38 -24.45
C TYR A 353 12.67 -5.55 -24.27
N TYR A 354 12.91 -6.65 -24.97
CA TYR A 354 12.03 -7.81 -24.84
C TYR A 354 12.06 -8.34 -23.41
N LEU A 355 13.25 -8.44 -22.82
CA LEU A 355 13.36 -8.92 -21.45
C LEU A 355 12.62 -8.00 -20.49
N ILE A 356 12.86 -6.68 -20.60
CA ILE A 356 12.25 -5.74 -19.67
C ILE A 356 10.74 -5.75 -19.81
N SER A 357 10.24 -5.75 -21.05
CA SER A 357 8.80 -5.74 -21.25
C SER A 357 8.16 -7.02 -20.71
N ARG A 358 8.67 -8.19 -21.12
CA ARG A 358 8.09 -9.44 -20.66
C ARG A 358 8.26 -9.63 -19.16
N SER A 359 9.18 -8.88 -18.53
CA SER A 359 9.33 -8.96 -17.08
C SER A 359 8.31 -8.09 -16.37
N LEU A 360 8.29 -6.79 -16.66
CA LEU A 360 7.47 -5.86 -15.88
C LEU A 360 6.67 -4.92 -16.79
N GLY A 361 5.96 -5.47 -17.76
CA GLY A 361 4.83 -4.78 -18.34
C GLY A 361 5.15 -3.84 -19.48
N PRO A 362 4.13 -3.59 -20.31
CA PRO A 362 4.33 -2.75 -21.50
C PRO A 362 4.73 -1.32 -21.21
N GLU A 363 4.34 -0.76 -20.06
CA GLU A 363 4.65 0.64 -19.79
C GLU A 363 6.17 0.85 -19.76
N PHE A 364 6.81 0.24 -18.76
CA PHE A 364 8.26 0.30 -18.67
C PHE A 364 8.91 -0.29 -19.90
N GLY A 365 8.33 -1.35 -20.46
CA GLY A 365 8.91 -1.96 -21.64
C GLY A 365 9.05 -0.98 -22.80
N GLY A 366 7.96 -0.27 -23.11
CA GLY A 366 8.00 0.69 -24.20
C GLY A 366 8.88 1.88 -23.89
N ALA A 367 8.81 2.39 -22.66
CA ALA A 367 9.67 3.51 -22.31
C ALA A 367 11.14 3.17 -22.52
N ILE A 368 11.58 2.05 -21.92
CA ILE A 368 12.97 1.65 -22.03
C ILE A 368 13.33 1.27 -23.46
N GLY A 369 12.39 0.67 -24.21
CA GLY A 369 12.70 0.31 -25.58
C GLY A 369 12.96 1.52 -26.45
N LEU A 370 12.10 2.53 -26.35
CA LEU A 370 12.33 3.77 -27.10
C LEU A 370 13.64 4.42 -26.69
N ILE A 371 13.88 4.51 -25.38
CA ILE A 371 15.10 5.16 -24.91
C ILE A 371 16.33 4.43 -25.43
N PHE A 372 16.33 3.10 -25.33
CA PHE A 372 17.49 2.30 -25.73
C PHE A 372 17.72 2.36 -27.23
N ALA A 373 16.65 2.30 -28.02
CA ALA A 373 16.80 2.38 -29.46
C ALA A 373 17.38 3.73 -29.87
N PHE A 374 16.87 4.82 -29.28
CA PHE A 374 17.44 6.13 -29.59
C PHE A 374 18.89 6.21 -29.14
N ALA A 375 19.21 5.65 -27.98
CA ALA A 375 20.59 5.69 -27.49
C ALA A 375 21.54 4.98 -28.44
N ASN A 376 21.14 3.82 -28.96
CA ASN A 376 22.01 3.11 -29.90
C ASN A 376 22.11 3.87 -31.23
N ALA A 377 20.99 4.42 -31.71
CA ALA A 377 21.01 5.16 -32.96
C ALA A 377 21.91 6.38 -32.88
N VAL A 378 22.03 6.98 -31.69
CA VAL A 378 22.95 8.11 -31.55
C VAL A 378 24.37 7.65 -31.25
N ALA A 379 24.52 6.49 -30.60
CA ALA A 379 25.85 5.97 -30.31
C ALA A 379 26.59 5.62 -31.60
N VAL A 380 25.85 5.11 -32.60
CA VAL A 380 26.51 4.82 -33.88
C VAL A 380 27.13 6.08 -34.45
N ALA A 381 26.38 7.19 -34.43
CA ALA A 381 26.90 8.46 -34.94
C ALA A 381 28.08 8.94 -34.10
N MET A 382 28.01 8.78 -32.77
CA MET A 382 29.11 9.21 -31.92
C MET A 382 30.39 8.43 -32.23
N TYR A 383 30.27 7.11 -32.41
CA TYR A 383 31.43 6.30 -32.73
C TYR A 383 32.00 6.66 -34.10
N VAL A 384 31.13 6.93 -35.07
CA VAL A 384 31.60 7.35 -36.38
C VAL A 384 32.34 8.69 -36.28
N VAL A 385 31.84 9.58 -35.44
CA VAL A 385 32.50 10.87 -35.23
C VAL A 385 33.88 10.66 -34.60
N GLY A 386 33.97 9.73 -33.64
CA GLY A 386 35.28 9.42 -33.07
C GLY A 386 36.25 8.90 -34.10
N PHE A 387 35.78 8.00 -34.97
CA PHE A 387 36.64 7.48 -36.04
C PHE A 387 37.09 8.60 -36.96
N ALA A 388 36.18 9.49 -37.34
CA ALA A 388 36.54 10.62 -38.19
C ALA A 388 37.55 11.52 -37.50
N GLU A 389 37.39 11.74 -36.20
CA GLU A 389 38.35 12.56 -35.46
C GLU A 389 39.74 11.92 -35.47
N THR A 390 39.80 10.61 -35.27
CA THR A 390 41.09 9.94 -35.29
C THR A 390 41.74 10.05 -36.66
N VAL A 391 40.97 9.85 -37.72
CA VAL A 391 41.53 9.96 -39.07
C VAL A 391 42.00 11.38 -39.35
N VAL A 392 41.22 12.38 -38.91
CA VAL A 392 41.58 13.77 -39.13
C VAL A 392 42.87 14.10 -38.40
N GLU A 393 43.02 13.63 -37.16
CA GLU A 393 44.26 13.86 -36.43
C GLU A 393 45.44 13.17 -37.13
N LEU A 394 45.23 11.95 -37.61
CA LEU A 394 46.30 11.25 -38.30
C LEU A 394 46.77 12.00 -39.54
N LEU A 395 45.82 12.53 -40.32
CA LEU A 395 46.20 13.26 -41.52
C LEU A 395 46.77 14.64 -41.20
N LYS A 396 46.29 15.28 -40.12
CA LYS A 396 46.82 16.58 -39.74
C LYS A 396 48.24 16.46 -39.20
N GLU A 397 48.59 15.33 -38.58
CA GLU A 397 49.98 15.10 -38.22
C GLU A 397 50.88 15.12 -39.43
N HIS A 398 50.33 14.90 -40.62
CA HIS A 398 51.01 15.08 -41.89
C HIS A 398 50.42 16.29 -42.60
N SER A 399 50.87 16.53 -43.83
CA SER A 399 50.46 17.74 -44.55
C SER A 399 49.09 17.61 -45.21
N ILE A 400 48.55 16.40 -45.34
CA ILE A 400 47.32 16.21 -46.09
C ILE A 400 46.14 16.85 -45.36
N LEU A 401 45.26 17.49 -46.12
CA LEU A 401 44.03 18.07 -45.61
C LEU A 401 43.21 18.57 -46.77
N MET A 402 41.88 18.50 -46.64
CA MET A 402 40.96 18.90 -47.70
C MET A 402 40.22 20.19 -47.38
N ILE A 403 39.61 20.29 -46.20
CA ILE A 403 38.85 21.46 -45.78
C ILE A 403 39.07 21.64 -44.27
N ASP A 404 38.44 22.68 -43.72
CA ASP A 404 38.52 22.91 -42.28
C ASP A 404 38.24 21.62 -41.53
N GLU A 405 38.87 21.49 -40.35
CA GLU A 405 38.83 20.23 -39.63
C GLU A 405 37.40 19.71 -39.45
N ILE A 406 36.46 20.60 -39.15
CA ILE A 406 35.08 20.19 -38.94
C ILE A 406 34.50 19.58 -40.21
N ASN A 407 34.73 20.22 -41.35
CA ASN A 407 34.17 19.74 -42.61
C ASN A 407 34.80 18.41 -43.01
N ASP A 408 36.11 18.26 -42.81
CA ASP A 408 36.75 16.98 -43.09
C ASP A 408 36.17 15.89 -42.18
N ILE A 409 35.96 16.21 -40.91
CA ILE A 409 35.35 15.25 -39.99
C ILE A 409 33.98 14.83 -40.51
N ARG A 410 33.18 15.80 -40.95
CA ARG A 410 31.85 15.49 -41.45
C ARG A 410 31.92 14.59 -42.69
N ILE A 411 32.84 14.88 -43.61
CA ILE A 411 32.94 14.09 -44.84
C ILE A 411 33.34 12.65 -44.51
N ILE A 412 34.39 12.50 -43.69
CA ILE A 412 34.84 11.16 -43.34
C ILE A 412 33.76 10.39 -42.59
N GLY A 413 33.06 11.07 -41.68
CA GLY A 413 31.99 10.42 -40.96
C GLY A 413 30.86 9.96 -41.86
N ALA A 414 30.50 10.80 -42.84
CA ALA A 414 29.44 10.42 -43.77
C ALA A 414 29.85 9.19 -44.59
N ILE A 415 31.08 9.18 -45.10
CA ILE A 415 31.53 8.02 -45.87
C ILE A 415 31.54 6.78 -44.99
N THR A 416 32.04 6.90 -43.76
CA THR A 416 32.07 5.77 -42.85
C THR A 416 30.67 5.25 -42.56
N VAL A 417 29.71 6.15 -42.33
CA VAL A 417 28.35 5.73 -42.03
C VAL A 417 27.73 5.03 -43.24
N VAL A 418 27.99 5.53 -44.45
CA VAL A 418 27.47 4.87 -45.64
C VAL A 418 28.02 3.46 -45.76
N ILE A 419 29.34 3.32 -45.54
CA ILE A 419 29.96 1.99 -45.63
C ILE A 419 29.39 1.06 -44.56
N LEU A 420 29.21 1.57 -43.34
CA LEU A 420 28.67 0.75 -42.27
C LEU A 420 27.25 0.31 -42.57
N LEU A 421 26.43 1.21 -43.11
CA LEU A 421 25.06 0.84 -43.48
C LEU A 421 25.08 -0.23 -44.56
N GLY A 422 25.95 -0.10 -45.55
CA GLY A 422 26.06 -1.13 -46.56
C GLY A 422 26.42 -2.48 -45.97
N ILE A 423 27.43 -2.49 -45.09
CA ILE A 423 27.86 -3.74 -44.47
C ILE A 423 26.72 -4.35 -43.67
N SER A 424 26.01 -3.53 -42.90
CA SER A 424 24.93 -4.06 -42.08
C SER A 424 23.82 -4.64 -42.94
N VAL A 425 23.44 -3.94 -44.01
CA VAL A 425 22.39 -4.44 -44.90
C VAL A 425 22.86 -5.71 -45.61
N ALA A 426 24.17 -5.87 -45.77
CA ALA A 426 24.69 -7.06 -46.45
C ALA A 426 24.18 -8.34 -45.81
N GLY A 427 24.01 -8.36 -44.50
CA GLY A 427 23.52 -9.54 -43.81
C GLY A 427 24.13 -9.65 -42.44
N MET A 428 23.64 -10.63 -41.69
CA MET A 428 24.07 -10.86 -40.32
C MET A 428 25.35 -11.68 -40.23
N GLU A 429 25.78 -12.33 -41.31
CA GLU A 429 27.01 -13.10 -41.30
C GLU A 429 28.21 -12.26 -41.73
N TRP A 430 28.03 -11.40 -42.73
CA TRP A 430 29.10 -10.48 -43.12
C TRP A 430 29.47 -9.58 -41.95
N GLU A 431 28.47 -9.11 -41.21
CA GLU A 431 28.74 -8.29 -40.04
C GLU A 431 29.56 -9.06 -39.01
N ALA A 432 29.25 -10.35 -38.83
CA ALA A 432 30.03 -11.17 -37.89
C ALA A 432 31.47 -11.32 -38.36
N LYS A 433 31.67 -11.54 -39.66
CA LYS A 433 33.02 -11.64 -40.18
C LYS A 433 33.79 -10.34 -39.95
N ALA A 434 33.15 -9.20 -40.22
CA ALA A 434 33.80 -7.91 -39.99
C ALA A 434 34.13 -7.71 -38.52
N GLN A 435 33.21 -8.11 -37.64
CA GLN A 435 33.47 -8.01 -36.20
C GLN A 435 34.66 -8.86 -35.80
N ILE A 436 34.77 -10.06 -36.36
CA ILE A 436 35.91 -10.92 -36.04
C ILE A 436 37.21 -10.27 -36.51
N VAL A 437 37.20 -9.71 -37.71
CA VAL A 437 38.41 -9.04 -38.22
C VAL A 437 38.80 -7.88 -37.32
N LEU A 438 37.82 -7.06 -36.93
CA LEU A 438 38.10 -5.91 -36.09
C LEU A 438 38.62 -6.36 -34.72
N LEU A 439 38.05 -7.42 -34.16
CA LEU A 439 38.54 -7.92 -32.88
C LEU A 439 39.97 -8.41 -32.99
N VAL A 440 40.30 -9.10 -34.09
CA VAL A 440 41.68 -9.55 -34.28
C VAL A 440 42.62 -8.36 -34.35
N ILE A 441 42.23 -7.31 -35.09
CA ILE A 441 43.08 -6.13 -35.21
C ILE A 441 43.28 -5.47 -33.86
N LEU A 442 42.19 -5.34 -33.09
CA LEU A 442 42.29 -4.67 -31.78
C LEU A 442 43.15 -5.48 -30.81
N LEU A 443 43.00 -6.80 -30.82
CA LEU A 443 43.87 -7.64 -29.99
C LEU A 443 45.32 -7.51 -30.41
N LEU A 444 45.57 -7.42 -31.73
CA LEU A 444 46.93 -7.18 -32.20
C LEU A 444 47.47 -5.87 -31.66
N ALA A 445 46.64 -4.82 -31.66
CA ALA A 445 47.09 -3.53 -31.14
C ALA A 445 47.43 -3.62 -29.65
N ILE A 446 46.58 -4.30 -28.88
CA ILE A 446 46.84 -4.44 -27.45
C ILE A 446 48.13 -5.20 -27.22
N GLY A 447 48.33 -6.31 -27.94
CA GLY A 447 49.56 -7.06 -27.82
C GLY A 447 50.77 -6.27 -28.25
N ASP A 448 50.62 -5.43 -29.27
CA ASP A 448 51.72 -4.58 -29.70
C ASP A 448 52.11 -3.59 -28.61
N PHE A 449 51.12 -2.97 -27.96
CA PHE A 449 51.44 -2.07 -26.85
C PHE A 449 52.16 -2.83 -25.74
N VAL A 450 51.66 -4.02 -25.39
CA VAL A 450 52.27 -4.75 -24.28
C VAL A 450 53.69 -5.20 -24.64
N ILE A 451 53.93 -5.56 -25.91
CA ILE A 451 55.26 -5.96 -26.33
C ILE A 451 56.20 -4.78 -26.32
N GLY A 452 55.74 -3.62 -26.80
CA GLY A 452 56.59 -2.44 -26.82
C GLY A 452 56.84 -1.85 -25.45
N THR A 453 56.02 -2.19 -24.46
CA THR A 453 56.30 -1.75 -23.10
C THR A 453 57.46 -2.52 -22.48
N PHE A 454 57.87 -3.64 -23.07
CA PHE A 454 58.98 -4.44 -22.57
C PHE A 454 60.29 -4.14 -23.29
N ILE A 455 60.28 -3.26 -24.29
CA ILE A 455 61.49 -2.94 -25.04
C ILE A 455 61.75 -1.44 -24.92
N PRO A 456 62.56 -1.01 -23.95
CA PRO A 456 62.83 0.42 -23.78
C PRO A 456 63.93 0.89 -24.71
N LEU A 457 63.57 1.77 -25.64
CA LEU A 457 64.51 2.34 -26.59
C LEU A 457 64.94 3.72 -26.10
N GLU A 458 66.25 3.96 -26.10
CA GLU A 458 66.77 5.23 -25.57
C GLU A 458 66.18 6.43 -26.30
N SER A 459 65.81 6.28 -27.57
CA SER A 459 65.24 7.39 -28.32
C SER A 459 63.97 7.90 -27.66
N LYS A 460 63.24 7.04 -26.97
CA LYS A 460 62.03 7.44 -26.26
C LYS A 460 62.30 7.89 -24.83
N LYS A 461 63.56 7.89 -24.40
CA LYS A 461 63.89 8.40 -23.07
C LYS A 461 63.45 9.85 -22.87
N PRO A 462 63.64 10.78 -23.80
CA PRO A 462 63.15 12.14 -23.57
C PRO A 462 61.63 12.21 -23.48
N LYS A 463 60.92 11.20 -23.97
CA LYS A 463 59.52 11.04 -23.65
C LYS A 463 59.39 10.53 -22.21
N GLY A 464 58.15 10.24 -21.80
CA GLY A 464 57.93 9.73 -20.47
C GLY A 464 58.25 8.26 -20.28
N PHE A 465 58.52 7.54 -21.35
CA PHE A 465 58.71 6.09 -21.28
C PHE A 465 60.09 5.75 -20.73
N PHE A 466 60.12 4.83 -19.77
CA PHE A 466 61.38 4.36 -19.19
C PHE A 466 61.52 2.84 -19.11
N GLY A 467 60.42 2.08 -19.20
CA GLY A 467 60.56 0.64 -19.27
C GLY A 467 60.48 -0.13 -17.96
N TYR A 468 59.39 0.04 -17.22
CA TYR A 468 59.15 -0.76 -16.02
C TYR A 468 60.19 -0.50 -14.94
N LYS A 469 60.26 0.73 -14.44
CA LYS A 469 61.17 1.08 -13.35
C LYS A 469 60.37 1.18 -12.05
N SER A 470 60.81 0.43 -11.03
CA SER A 470 60.07 0.39 -9.78
C SER A 470 59.91 1.78 -9.16
N GLU A 471 60.86 2.67 -9.41
CA GLU A 471 60.73 4.04 -8.90
C GLU A 471 59.51 4.73 -9.50
N ILE A 472 59.29 4.55 -10.80
CA ILE A 472 58.11 5.13 -11.45
C ILE A 472 56.84 4.57 -10.82
N PHE A 473 56.80 3.25 -10.58
CA PHE A 473 55.64 2.65 -9.95
C PHE A 473 55.39 3.25 -8.58
N ASN A 474 56.44 3.32 -7.74
CA ASN A 474 56.28 3.87 -6.40
C ASN A 474 55.85 5.33 -6.44
N GLU A 475 56.28 6.07 -7.46
CA GLU A 475 55.88 7.47 -7.58
C GLU A 475 54.49 7.65 -8.16
N ASN A 476 53.96 6.63 -8.84
CA ASN A 476 52.67 6.77 -9.51
C ASN A 476 51.48 6.35 -8.65
N PHE A 477 51.72 5.87 -7.44
CA PHE A 477 50.62 5.74 -6.49
C PHE A 477 50.11 7.13 -6.11
N GLY A 478 48.99 7.15 -5.40
CA GLY A 478 48.43 8.39 -4.91
C GLY A 478 47.76 9.22 -5.99
N PRO A 479 46.77 10.01 -5.59
CA PRO A 479 45.98 10.84 -6.54
C PRO A 479 46.56 12.22 -6.82
N ASP A 480 47.49 12.27 -7.78
CA ASP A 480 48.12 13.53 -8.17
C ASP A 480 47.22 14.20 -9.20
N PHE A 481 46.18 14.87 -8.69
CA PHE A 481 45.18 15.54 -9.52
C PHE A 481 45.70 16.93 -9.89
N ARG A 482 46.25 17.06 -11.11
CA ARG A 482 46.76 18.34 -11.59
C ARG A 482 45.73 19.05 -12.46
N GLU A 483 44.59 19.38 -11.85
CA GLU A 483 43.56 20.13 -12.58
C GLU A 483 42.40 20.51 -11.67
N GLU A 484 41.43 21.24 -12.23
CA GLU A 484 40.20 21.56 -11.51
C GLU A 484 39.26 20.36 -11.58
N GLU A 485 39.74 19.19 -11.17
CA GLU A 485 38.98 17.96 -11.21
C GLU A 485 39.24 17.20 -9.91
N THR A 486 38.54 16.09 -9.75
CA THR A 486 38.63 15.31 -8.52
C THR A 486 38.41 13.83 -8.85
N PHE A 487 38.38 13.02 -7.80
CA PHE A 487 38.20 11.58 -7.97
C PHE A 487 36.90 11.28 -8.72
N PHE A 488 35.80 11.92 -8.31
CA PHE A 488 34.52 11.65 -8.95
C PHE A 488 34.53 12.07 -10.42
N SER A 489 35.28 13.10 -10.77
CA SER A 489 35.40 13.47 -12.18
C SER A 489 36.07 12.37 -12.98
N VAL A 490 37.13 11.77 -12.42
CA VAL A 490 37.79 10.66 -13.10
C VAL A 490 36.85 9.47 -13.22
N PHE A 491 36.10 9.17 -12.16
CA PHE A 491 35.13 8.08 -12.22
C PHE A 491 34.10 8.33 -13.30
N ALA A 492 33.58 9.56 -13.40
CA ALA A 492 32.60 9.88 -14.42
C ALA A 492 33.19 9.75 -15.81
N ILE A 493 34.46 10.15 -15.97
CA ILE A 493 35.10 10.04 -17.28
C ILE A 493 35.28 8.58 -17.67
N PHE A 494 35.67 7.73 -16.72
CA PHE A 494 35.99 6.35 -17.06
C PHE A 494 34.76 5.47 -17.20
N PHE A 495 33.72 5.70 -16.39
CA PHE A 495 32.63 4.74 -16.28
C PHE A 495 32.02 4.33 -17.62
N PRO A 496 31.76 5.23 -18.56
CA PRO A 496 31.17 4.79 -19.84
C PRO A 496 31.99 3.70 -20.53
N ALA A 497 33.26 3.56 -20.16
CA ALA A 497 34.08 2.51 -20.71
C ALA A 497 33.67 1.12 -20.22
N ALA A 498 32.91 1.04 -19.14
CA ALA A 498 32.42 -0.23 -18.63
C ALA A 498 31.08 -0.63 -19.22
N THR A 499 30.42 0.26 -19.97
CA THR A 499 29.11 -0.01 -20.52
C THR A 499 29.26 -0.88 -21.78
N GLY A 500 28.18 -1.01 -22.55
CA GLY A 500 28.19 -1.88 -23.71
C GLY A 500 28.07 -3.35 -23.40
N ILE A 501 27.55 -3.71 -22.24
CA ILE A 501 27.47 -5.12 -21.83
C ILE A 501 26.25 -5.84 -22.37
N LEU A 502 25.35 -5.14 -23.04
CA LEU A 502 24.12 -5.74 -23.56
C LEU A 502 24.17 -5.96 -25.06
N ALA A 503 25.34 -5.86 -25.68
CA ALA A 503 25.43 -6.03 -27.12
C ALA A 503 25.01 -7.43 -27.55
N GLY A 504 25.46 -8.46 -26.82
CA GLY A 504 25.12 -9.82 -27.18
C GLY A 504 23.65 -10.15 -26.96
N ALA A 505 23.02 -9.52 -25.98
CA ALA A 505 21.61 -9.73 -25.71
C ALA A 505 20.72 -8.87 -26.59
N ASN A 506 21.28 -7.98 -27.39
CA ASN A 506 20.49 -7.14 -28.28
C ASN A 506 20.10 -7.87 -29.56
N ILE A 507 20.72 -9.00 -29.85
CA ILE A 507 20.43 -9.78 -31.05
C ILE A 507 19.87 -11.13 -30.63
N SER A 508 19.15 -11.17 -29.51
CA SER A 508 18.63 -12.43 -28.99
C SER A 508 17.78 -13.16 -30.01
N GLY A 509 17.15 -12.43 -30.93
CA GLY A 509 16.35 -13.06 -31.97
C GLY A 509 17.16 -13.74 -33.05
N ASP A 510 18.48 -13.71 -32.97
CA ASP A 510 19.35 -14.38 -33.93
C ASP A 510 20.31 -15.35 -33.28
N LEU A 511 20.25 -15.54 -31.96
CA LEU A 511 21.10 -16.51 -31.30
C LEU A 511 20.58 -17.92 -31.51
N ALA A 512 21.51 -18.87 -31.60
CA ALA A 512 21.12 -20.27 -31.74
C ALA A 512 20.28 -20.72 -30.56
N ASP A 513 20.68 -20.33 -29.35
CA ASP A 513 19.93 -20.71 -28.16
C ASP A 513 20.18 -19.71 -27.04
N PRO A 514 19.33 -18.68 -26.90
CA PRO A 514 19.41 -17.84 -25.70
C PRO A 514 19.08 -18.65 -24.46
N GLN A 515 19.19 -18.04 -23.28
CA GLN A 515 19.10 -18.67 -21.98
C GLN A 515 20.39 -19.42 -21.64
N SER A 516 21.32 -19.55 -22.57
CA SER A 516 22.64 -20.11 -22.31
C SER A 516 23.76 -19.25 -22.87
N ALA A 517 23.57 -18.67 -24.06
CA ALA A 517 24.62 -17.86 -24.66
C ALA A 517 24.73 -16.50 -23.97
N ILE A 518 23.59 -15.88 -23.67
CA ILE A 518 23.62 -14.53 -23.09
C ILE A 518 24.33 -14.51 -21.74
N PRO A 519 23.98 -15.34 -20.77
CA PRO A 519 24.59 -15.22 -19.43
C PRO A 519 26.10 -15.40 -19.46
N LYS A 520 26.55 -16.57 -19.93
CA LYS A 520 27.98 -16.87 -19.90
C LYS A 520 28.76 -15.92 -20.80
N GLY A 521 28.23 -15.63 -21.99
CA GLY A 521 28.93 -14.72 -22.88
C GLY A 521 29.10 -13.33 -22.28
N THR A 522 28.02 -12.78 -21.71
CA THR A 522 28.10 -11.46 -21.12
C THR A 522 29.05 -11.44 -19.92
N LEU A 523 28.96 -12.44 -19.06
CA LEU A 523 29.82 -12.48 -17.89
C LEU A 523 31.29 -12.60 -18.28
N LEU A 524 31.58 -13.46 -19.27
CA LEU A 524 32.95 -13.62 -19.73
C LEU A 524 33.47 -12.33 -20.36
N ALA A 525 32.63 -11.65 -21.15
CA ALA A 525 33.05 -10.39 -21.75
C ALA A 525 33.37 -9.37 -20.66
N ILE A 526 32.52 -9.25 -19.65
CA ILE A 526 32.78 -8.30 -18.57
C ILE A 526 34.10 -8.62 -17.88
N LEU A 527 34.29 -9.90 -17.54
CA LEU A 527 35.51 -10.31 -16.84
C LEU A 527 36.74 -9.98 -17.66
N ILE A 528 36.74 -10.36 -18.94
CA ILE A 528 37.92 -10.17 -19.78
C ILE A 528 38.21 -8.69 -19.96
N THR A 529 37.18 -7.89 -20.24
CA THR A 529 37.39 -6.46 -20.44
C THR A 529 37.94 -5.80 -19.18
N THR A 530 37.40 -6.14 -18.01
CA THR A 530 37.89 -5.55 -16.78
C THR A 530 39.33 -5.97 -16.50
N LEU A 531 39.66 -7.24 -16.75
CA LEU A 531 41.02 -7.69 -16.54
C LEU A 531 41.99 -6.94 -17.45
N VAL A 532 41.61 -6.77 -18.72
CA VAL A 532 42.49 -6.07 -19.67
C VAL A 532 42.65 -4.61 -19.25
N TYR A 533 41.56 -3.98 -18.81
CA TYR A 533 41.65 -2.59 -18.36
C TYR A 533 42.61 -2.46 -17.20
N VAL A 534 42.50 -3.33 -16.19
CA VAL A 534 43.38 -3.25 -15.03
C VAL A 534 44.83 -3.48 -15.44
N GLY A 535 45.06 -4.50 -16.28
CA GLY A 535 46.42 -4.77 -16.72
C GLY A 535 47.04 -3.61 -17.45
N ILE A 536 46.29 -3.01 -18.38
CA ILE A 536 46.83 -1.90 -19.15
C ILE A 536 47.06 -0.68 -18.27
N ALA A 537 46.15 -0.44 -17.32
CA ALA A 537 46.35 0.68 -16.40
C ALA A 537 47.64 0.52 -15.62
N VAL A 538 47.86 -0.67 -15.04
CA VAL A 538 49.08 -0.90 -14.27
C VAL A 538 50.31 -0.77 -15.16
N SER A 539 50.25 -1.37 -16.36
CA SER A 539 51.39 -1.32 -17.27
C SER A 539 51.77 0.12 -17.60
N VAL A 540 50.78 0.93 -18.00
CA VAL A 540 51.07 2.32 -18.34
C VAL A 540 51.55 3.08 -17.12
N GLY A 541 51.06 2.72 -15.93
CA GLY A 541 51.53 3.39 -14.72
C GLY A 541 52.91 2.96 -14.27
N SER A 542 53.45 1.88 -14.82
CA SER A 542 54.79 1.40 -14.46
C SER A 542 55.82 1.66 -15.56
N CYS A 543 55.51 2.51 -16.52
CA CYS A 543 56.45 2.78 -17.62
C CYS A 543 56.71 4.27 -17.80
N VAL A 544 55.68 5.08 -17.64
CA VAL A 544 55.72 6.49 -18.00
C VAL A 544 55.58 7.34 -16.75
N VAL A 545 56.32 8.45 -16.71
CA VAL A 545 56.24 9.40 -15.62
C VAL A 545 55.16 10.43 -15.94
N ARG A 546 54.63 11.07 -14.90
CA ARG A 546 53.50 11.96 -15.08
C ARG A 546 53.84 13.11 -16.03
N ASP A 547 54.98 13.75 -15.83
CA ASP A 547 55.37 14.91 -16.61
C ASP A 547 56.65 14.63 -17.37
N ALA A 548 56.81 15.30 -18.51
CA ALA A 548 57.99 15.11 -19.34
C ALA A 548 58.10 16.27 -20.31
N THR A 549 59.34 16.67 -20.61
CA THR A 549 59.64 17.71 -21.59
C THR A 549 60.50 17.05 -22.67
N GLY A 550 59.84 16.46 -23.66
CA GLY A 550 60.54 15.73 -24.69
C GLY A 550 61.52 16.59 -25.46
N ASN A 551 62.81 16.37 -25.22
CA ASN A 551 63.86 17.11 -25.90
C ASN A 551 65.21 16.45 -25.70
N VAL A 552 65.95 16.21 -26.79
CA VAL A 552 67.28 15.63 -26.67
C VAL A 552 68.17 16.53 -25.82
N ASN A 553 68.05 17.85 -25.99
CA ASN A 553 68.82 18.78 -25.20
C ASN A 553 68.52 18.67 -23.72
N ASP A 554 67.37 18.10 -23.35
CA ASP A 554 67.04 17.92 -21.95
C ASP A 554 68.14 17.12 -21.26
N THR A 555 68.55 17.58 -20.08
CA THR A 555 69.66 16.97 -19.37
C THR A 555 69.36 15.49 -19.10
N ILE A 556 70.13 14.61 -19.75
CA ILE A 556 70.02 13.18 -19.56
C ILE A 556 71.29 12.58 -18.95
N VAL A 557 72.21 13.42 -18.50
CA VAL A 557 73.47 12.93 -17.94
C VAL A 557 73.45 12.80 -16.42
N THR A 558 72.44 13.37 -15.75
CA THR A 558 72.33 13.30 -14.30
C THR A 558 73.55 13.91 -13.61
N GLU A 559 73.73 15.21 -13.82
CA GLU A 559 74.83 15.95 -13.22
C GLU A 559 74.54 16.17 -11.74
N LEU A 560 75.41 16.92 -11.07
CA LEU A 560 75.25 17.19 -9.65
C LEU A 560 73.92 17.88 -9.35
N THR A 561 73.04 17.18 -8.63
CA THR A 561 71.74 17.71 -8.22
C THR A 561 71.07 16.63 -7.39
N ASN A 562 69.94 17.00 -6.77
CA ASN A 562 69.15 16.06 -5.99
C ASN A 562 67.79 15.79 -6.61
N CYS A 563 66.97 16.82 -6.80
CA CYS A 563 65.69 16.71 -7.48
C CYS A 563 64.98 15.41 -7.11
N THR A 564 64.63 15.30 -5.82
CA THR A 564 64.19 14.03 -5.28
C THR A 564 62.82 13.64 -5.82
N SER A 565 62.77 13.34 -7.11
CA SER A 565 61.57 12.82 -7.78
C SER A 565 61.90 11.50 -8.44
N ALA A 566 60.86 10.81 -8.92
CA ALA A 566 61.06 9.50 -9.52
C ALA A 566 61.94 9.58 -10.75
N ALA A 567 61.72 10.59 -11.60
CA ALA A 567 62.48 10.69 -12.84
C ALA A 567 63.98 10.71 -12.58
N CYS A 568 64.42 11.57 -11.66
CA CYS A 568 65.85 11.66 -11.36
C CYS A 568 66.44 10.35 -10.88
N LYS A 569 65.62 9.43 -10.38
CA LYS A 569 66.16 8.18 -9.86
C LYS A 569 66.89 7.38 -10.92
N LEU A 570 66.65 7.67 -12.21
CA LEU A 570 67.32 6.94 -13.27
C LEU A 570 68.02 7.90 -14.23
N ASN A 571 67.44 9.08 -14.45
CA ASN A 571 68.01 10.06 -15.35
C ASN A 571 67.24 11.36 -15.21
N PHE A 572 67.81 12.43 -15.74
CA PHE A 572 67.20 13.74 -15.68
C PHE A 572 66.32 14.06 -16.89
N ASP A 573 66.17 13.11 -17.81
CA ASP A 573 65.35 13.35 -18.99
C ASP A 573 63.92 13.64 -18.58
N PHE A 574 63.33 14.67 -19.17
CA PHE A 574 61.97 15.10 -18.85
C PHE A 574 61.84 15.41 -17.36
N SER A 575 62.60 16.43 -16.93
CA SER A 575 62.71 16.78 -15.53
C SER A 575 62.45 18.28 -15.34
N SER A 576 61.94 18.62 -14.17
CA SER A 576 61.79 20.02 -13.74
C SER A 576 60.89 20.81 -14.71
N CYS A 577 59.61 20.38 -14.76
CA CYS A 577 58.57 21.19 -15.40
C CYS A 577 57.42 21.44 -14.45
N GLU A 578 57.71 21.58 -13.15
CA GLU A 578 56.69 21.88 -12.16
C GLU A 578 56.19 23.31 -12.25
N SER A 579 56.87 24.17 -13.02
CA SER A 579 56.45 25.55 -13.22
C SER A 579 56.03 25.83 -14.66
N SER A 580 56.88 25.50 -15.62
CA SER A 580 56.53 25.66 -17.02
C SER A 580 55.65 24.48 -17.47
N PRO A 581 54.80 24.70 -18.46
CA PRO A 581 53.95 23.60 -18.97
C PRO A 581 54.71 22.70 -19.95
N CYS A 582 55.46 21.76 -19.40
CA CYS A 582 56.27 20.87 -20.22
C CYS A 582 55.39 20.11 -21.21
N SER A 583 56.00 19.73 -22.34
CA SER A 583 55.23 19.42 -23.54
C SER A 583 54.21 18.32 -23.29
N TYR A 584 54.63 17.20 -22.73
CA TYR A 584 53.75 16.04 -22.67
C TYR A 584 54.15 15.16 -21.48
N GLY A 585 53.64 13.95 -21.46
CA GLY A 585 53.86 13.00 -20.38
C GLY A 585 52.56 12.29 -20.06
N LEU A 586 52.57 11.57 -18.93
CA LEU A 586 51.41 10.80 -18.53
C LEU A 586 50.21 11.67 -18.20
N MET A 587 50.41 12.97 -18.03
CA MET A 587 49.33 13.89 -17.71
C MET A 587 49.11 14.97 -18.77
N ASN A 588 49.91 14.98 -19.83
CA ASN A 588 49.79 16.02 -20.86
C ASN A 588 49.74 15.48 -22.27
N ASN A 589 50.00 14.21 -22.50
CA ASN A 589 49.95 13.61 -23.83
C ASN A 589 48.95 12.46 -23.83
N PHE A 590 48.07 12.43 -24.82
CA PHE A 590 47.07 11.39 -24.95
C PHE A 590 47.45 10.31 -25.95
N GLN A 591 48.67 10.35 -26.49
CA GLN A 591 49.17 9.33 -27.40
C GLN A 591 50.24 8.47 -26.75
N VAL A 592 50.23 8.40 -25.42
CA VAL A 592 51.24 7.61 -24.70
C VAL A 592 51.24 6.17 -25.20
N MET A 593 50.06 5.58 -25.33
CA MET A 593 49.97 4.21 -25.82
C MET A 593 50.58 4.07 -27.21
N SER A 594 50.46 5.10 -28.05
CA SER A 594 51.02 5.05 -29.39
C SER A 594 52.53 5.21 -29.39
N MET A 595 53.12 5.66 -28.27
CA MET A 595 54.57 5.83 -28.20
C MET A 595 55.24 4.69 -27.46
N VAL A 596 54.65 4.23 -26.35
CA VAL A 596 55.20 3.10 -25.63
C VAL A 596 55.14 1.82 -26.45
N SER A 597 54.30 1.80 -27.48
CA SER A 597 54.13 0.62 -28.33
C SER A 597 55.31 0.50 -29.28
N GLY A 598 55.22 -0.45 -30.21
CA GLY A 598 56.19 -0.58 -31.26
C GLY A 598 55.70 0.06 -32.54
N PHE A 599 55.15 -0.76 -33.45
CA PHE A 599 54.57 -0.23 -34.68
C PHE A 599 53.44 0.72 -34.35
N THR A 600 53.64 2.03 -34.56
CA THR A 600 52.61 3.01 -34.26
C THR A 600 51.35 2.82 -35.10
N PRO A 601 51.44 2.61 -36.42
CA PRO A 601 50.23 2.36 -37.20
C PRO A 601 49.45 1.16 -36.71
N LEU A 602 50.09 0.19 -36.04
CA LEU A 602 49.33 -0.88 -35.41
C LEU A 602 48.39 -0.34 -34.36
N ILE A 603 48.86 0.59 -33.52
CA ILE A 603 47.99 1.18 -32.50
C ILE A 603 46.92 2.04 -33.16
N SER A 604 47.27 2.75 -34.23
CA SER A 604 46.27 3.55 -34.93
C SER A 604 45.16 2.66 -35.49
N ALA A 605 45.53 1.52 -36.08
CA ALA A 605 44.53 0.57 -36.57
C ALA A 605 43.73 -0.04 -35.43
N GLY A 606 44.37 -0.26 -34.28
CA GLY A 606 43.63 -0.73 -33.12
C GLY A 606 42.55 0.23 -32.70
N ILE A 607 42.87 1.53 -32.69
CA ILE A 607 41.86 2.54 -32.38
C ILE A 607 40.77 2.55 -33.45
N PHE A 608 41.16 2.46 -34.72
CA PHE A 608 40.19 2.39 -35.81
C PHE A 608 39.21 1.25 -35.59
N SER A 609 39.74 0.06 -35.29
CA SER A 609 38.88 -1.11 -35.07
C SER A 609 38.01 -0.92 -33.84
N ALA A 610 38.56 -0.36 -32.77
CA ALA A 610 37.78 -0.16 -31.56
C ALA A 610 36.56 0.72 -31.84
N THR A 611 36.75 1.78 -32.62
CA THR A 611 35.62 2.65 -32.92
C THR A 611 34.65 1.99 -33.90
N LEU A 612 35.18 1.34 -34.94
CA LEU A 612 34.32 0.79 -35.98
C LEU A 612 33.48 -0.36 -35.46
N SER A 613 34.04 -1.20 -34.59
CA SER A 613 33.27 -2.32 -34.05
C SER A 613 32.09 -1.83 -33.23
N SER A 614 32.32 -0.82 -32.39
CA SER A 614 31.21 -0.25 -31.60
C SER A 614 30.17 0.38 -32.50
N ALA A 615 30.60 1.11 -33.53
CA ALA A 615 29.64 1.71 -34.45
C ALA A 615 28.78 0.64 -35.12
N LEU A 616 29.44 -0.42 -35.61
CA LEU A 616 28.70 -1.49 -36.28
C LEU A 616 27.74 -2.18 -35.33
N ALA A 617 28.19 -2.46 -34.09
CA ALA A 617 27.32 -3.12 -33.13
C ALA A 617 26.09 -2.28 -32.82
N SER A 618 26.28 -0.98 -32.62
CA SER A 618 25.13 -0.11 -32.33
C SER A 618 24.19 -0.05 -33.53
N LEU A 619 24.74 0.09 -34.74
CA LEU A 619 23.89 0.17 -35.92
C LEU A 619 23.10 -1.11 -36.13
N VAL A 620 23.69 -2.27 -35.79
CA VAL A 620 22.96 -3.52 -35.89
C VAL A 620 21.88 -3.61 -34.82
N SER A 621 22.23 -3.25 -33.58
CA SER A 621 21.35 -3.53 -32.45
C SER A 621 20.15 -2.60 -32.40
N ALA A 622 20.32 -1.32 -32.73
CA ALA A 622 19.21 -0.38 -32.60
C ALA A 622 18.00 -0.78 -33.44
N PRO A 623 18.13 -1.08 -34.73
CA PRO A 623 16.95 -1.48 -35.52
C PRO A 623 16.27 -2.73 -34.99
N LYS A 624 17.02 -3.68 -34.43
CA LYS A 624 16.38 -4.86 -33.88
C LYS A 624 15.44 -4.51 -32.73
N ILE A 625 15.93 -3.69 -31.80
CA ILE A 625 15.08 -3.25 -30.68
C ILE A 625 13.89 -2.48 -31.21
N PHE A 626 14.10 -1.59 -32.18
CA PHE A 626 12.99 -0.81 -32.71
C PHE A 626 11.93 -1.71 -33.33
N GLN A 627 12.35 -2.70 -34.13
CA GLN A 627 11.41 -3.60 -34.77
C GLN A 627 10.66 -4.44 -33.73
N ALA A 628 11.37 -4.91 -32.71
CA ALA A 628 10.70 -5.68 -31.66
C ALA A 628 9.65 -4.83 -30.96
N LEU A 629 10.00 -3.59 -30.62
CA LEU A 629 9.04 -2.71 -29.96
C LEU A 629 7.88 -2.35 -30.89
N CYS A 630 8.13 -2.29 -32.19
CA CYS A 630 7.07 -1.95 -33.14
C CYS A 630 6.12 -3.11 -33.38
N LYS A 631 6.62 -4.35 -33.33
CA LYS A 631 5.77 -5.51 -33.53
C LYS A 631 4.72 -5.67 -32.44
N ASP A 632 4.87 -4.99 -31.31
CA ASP A 632 3.90 -5.05 -30.23
C ASP A 632 2.86 -3.93 -30.29
N ASN A 633 3.00 -3.01 -31.25
CA ASN A 633 2.03 -1.92 -31.44
C ASN A 633 1.81 -1.12 -30.15
N ILE A 634 2.86 -0.96 -29.34
CA ILE A 634 2.73 -0.14 -28.15
C ILE A 634 2.54 1.32 -28.53
N TYR A 635 3.27 1.79 -29.55
CA TYR A 635 3.03 3.09 -30.15
C TYR A 635 2.43 2.87 -31.53
N PRO A 636 1.13 3.08 -31.72
CA PRO A 636 0.50 2.72 -33.00
C PRO A 636 1.07 3.46 -34.20
N ALA A 637 1.49 4.72 -34.02
CA ALA A 637 2.06 5.47 -35.13
C ALA A 637 3.34 4.81 -35.63
N PHE A 638 4.05 4.11 -34.75
CA PHE A 638 5.30 3.46 -35.12
C PHE A 638 5.08 2.17 -35.90
N GLN A 639 3.85 1.72 -36.08
CA GLN A 639 3.60 0.58 -36.96
C GLN A 639 4.36 0.80 -38.26
N MET A 640 4.77 -0.32 -38.87
CA MET A 640 5.86 -0.31 -39.85
C MET A 640 7.17 -0.21 -39.07
N PHE A 641 8.30 -0.19 -39.77
CA PHE A 641 9.60 -0.32 -39.09
C PHE A 641 9.70 -1.66 -38.36
N ALA A 642 8.76 -2.56 -38.63
CA ALA A 642 8.76 -3.89 -38.05
C ALA A 642 8.74 -4.99 -39.09
N LYS A 643 8.57 -4.67 -40.38
CA LYS A 643 8.59 -5.68 -41.42
C LYS A 643 10.00 -6.18 -41.66
N GLY A 644 10.18 -7.49 -41.66
CA GLY A 644 11.45 -8.10 -41.95
C GLY A 644 11.52 -8.58 -43.39
N TYR A 645 12.73 -8.55 -43.95
CA TYR A 645 12.96 -8.99 -45.32
C TYR A 645 13.94 -10.17 -45.32
N GLY A 646 13.84 -10.99 -46.37
CA GLY A 646 14.73 -12.11 -46.53
C GLY A 646 14.38 -13.27 -45.63
N LYS A 647 15.22 -14.30 -45.71
CA LYS A 647 15.03 -15.50 -44.88
C LYS A 647 15.03 -15.12 -43.41
N ASN A 648 16.15 -14.59 -42.92
CA ASN A 648 16.21 -14.07 -41.56
C ASN A 648 15.63 -12.66 -41.54
N ASN A 649 14.49 -12.49 -40.86
CA ASN A 649 13.80 -11.21 -40.85
C ASN A 649 14.73 -10.11 -40.35
N GLU A 650 15.09 -9.19 -41.23
CA GLU A 650 15.95 -8.08 -40.89
C GLU A 650 15.21 -6.76 -41.09
N PRO A 651 15.21 -5.87 -40.11
CA PRO A 651 14.46 -4.60 -40.23
C PRO A 651 15.18 -3.56 -41.09
N LEU A 652 15.01 -3.70 -42.40
CA LEU A 652 15.66 -2.77 -43.32
C LEU A 652 15.18 -1.34 -43.10
N ARG A 653 13.88 -1.15 -42.87
CA ARG A 653 13.38 0.19 -42.61
C ARG A 653 14.01 0.77 -41.34
N GLY A 654 14.12 -0.05 -40.29
CA GLY A 654 14.82 0.42 -39.10
C GLY A 654 16.29 0.70 -39.36
N TYR A 655 16.91 -0.10 -40.23
CA TYR A 655 18.30 0.15 -40.60
C TYR A 655 18.44 1.52 -41.25
N ILE A 656 17.53 1.84 -42.18
CA ILE A 656 17.59 3.14 -42.86
C ILE A 656 17.31 4.27 -41.88
N LEU A 657 16.36 4.07 -40.98
CA LEU A 657 16.06 5.12 -40.00
C LEU A 657 17.25 5.39 -39.10
N THR A 658 17.92 4.33 -38.62
CA THR A 658 19.11 4.50 -37.81
C THR A 658 20.21 5.17 -38.60
N PHE A 659 20.38 4.80 -39.87
CA PHE A 659 21.36 5.46 -40.73
C PHE A 659 21.07 6.95 -40.83
N LEU A 660 19.80 7.32 -41.03
CA LEU A 660 19.47 8.73 -41.15
C LEU A 660 19.74 9.49 -39.85
N ILE A 661 19.36 8.90 -38.71
CA ILE A 661 19.60 9.57 -37.43
C ILE A 661 21.09 9.77 -37.21
N ALA A 662 21.88 8.72 -37.45
CA ALA A 662 23.32 8.82 -37.27
C ALA A 662 23.93 9.83 -38.21
N LEU A 663 23.47 9.87 -39.47
CA LEU A 663 23.99 10.83 -40.43
C LEU A 663 23.69 12.26 -40.00
N GLY A 664 22.48 12.51 -39.49
CA GLY A 664 22.16 13.84 -39.00
C GLY A 664 23.04 14.25 -37.82
N PHE A 665 23.18 13.34 -36.85
CA PHE A 665 23.99 13.67 -35.68
C PHE A 665 25.46 13.85 -36.06
N ILE A 666 25.93 13.16 -37.10
CA ILE A 666 27.27 13.37 -37.59
C ILE A 666 27.37 14.72 -38.28
N LEU A 667 26.36 15.08 -39.08
CA LEU A 667 26.33 16.39 -39.71
C LEU A 667 26.42 17.50 -38.67
N ILE A 668 25.84 17.29 -37.49
CA ILE A 668 26.07 18.23 -36.39
C ILE A 668 27.55 18.27 -36.05
N ALA A 669 28.18 17.09 -35.92
CA ALA A 669 29.63 16.97 -35.86
C ALA A 669 30.22 17.43 -34.54
N GLU A 670 29.40 17.98 -33.66
CA GLU A 670 29.83 18.44 -32.34
C GLU A 670 29.00 17.69 -31.30
N LEU A 671 29.51 16.52 -30.90
CA LEU A 671 28.75 15.60 -30.06
C LEU A 671 29.25 15.53 -28.62
N ASN A 672 30.28 16.31 -28.27
CA ASN A 672 30.84 16.20 -26.92
C ASN A 672 29.81 16.53 -25.85
N VAL A 673 28.82 17.36 -26.18
CA VAL A 673 27.80 17.75 -25.20
C VAL A 673 26.66 16.73 -25.10
N ILE A 674 26.52 15.84 -26.07
CA ILE A 674 25.41 14.88 -26.07
C ILE A 674 25.81 13.54 -25.46
N ALA A 675 27.10 13.21 -25.39
CA ALA A 675 27.53 11.93 -24.84
C ALA A 675 26.97 11.65 -23.46
N PRO A 676 27.00 12.60 -22.51
CA PRO A 676 26.43 12.31 -21.19
C PRO A 676 24.97 11.91 -21.21
N ILE A 677 24.17 12.48 -22.12
CA ILE A 677 22.76 12.07 -22.22
C ILE A 677 22.66 10.62 -22.64
N ILE A 678 23.48 10.19 -23.60
CA ILE A 678 23.47 8.79 -24.03
C ILE A 678 23.89 7.89 -22.89
N SER A 679 24.94 8.28 -22.16
CA SER A 679 25.37 7.50 -21.02
C SER A 679 24.26 7.37 -19.99
N ASN A 680 23.53 8.46 -19.76
CA ASN A 680 22.41 8.44 -18.81
C ASN A 680 21.31 7.51 -19.29
N PHE A 681 21.04 7.49 -20.60
CA PHE A 681 20.05 6.56 -21.15
C PHE A 681 20.46 5.12 -20.90
N PHE A 682 21.72 4.79 -21.17
CA PHE A 682 22.21 3.44 -20.92
C PHE A 682 22.12 3.07 -19.45
N LEU A 683 22.48 4.01 -18.57
CA LEU A 683 22.40 3.75 -17.14
C LEU A 683 20.95 3.53 -16.72
N ALA A 684 20.02 4.29 -17.29
CA ALA A 684 18.61 4.10 -17.00
C ALA A 684 18.15 2.71 -17.42
N SER A 685 18.59 2.25 -18.59
CA SER A 685 18.25 0.90 -19.01
C SER A 685 18.80 -0.15 -18.04
N TYR A 686 20.04 0.04 -17.60
CA TYR A 686 20.63 -0.89 -16.62
C TYR A 686 19.80 -0.91 -15.34
N ALA A 687 19.42 0.27 -14.86
CA ALA A 687 18.63 0.35 -13.64
C ALA A 687 17.27 -0.28 -13.83
N LEU A 688 16.68 -0.14 -15.01
CA LEU A 688 15.40 -0.78 -15.27
C LEU A 688 15.53 -2.30 -15.25
N ILE A 689 16.63 -2.84 -15.77
CA ILE A 689 16.83 -4.29 -15.72
C ILE A 689 16.97 -4.76 -14.28
N ASN A 690 17.78 -4.05 -13.49
CA ASN A 690 17.94 -4.41 -12.09
C ASN A 690 16.62 -4.33 -11.34
N PHE A 691 15.84 -3.28 -11.60
CA PHE A 691 14.53 -3.15 -10.98
C PHE A 691 13.57 -4.22 -11.46
N SER A 692 13.70 -4.68 -12.70
CA SER A 692 12.91 -5.80 -13.17
C SER A 692 13.17 -7.03 -12.31
N VAL A 693 14.45 -7.33 -12.09
CA VAL A 693 14.78 -8.51 -11.28
C VAL A 693 14.25 -8.33 -9.86
N PHE A 694 14.44 -7.14 -9.28
CA PHE A 694 13.98 -6.90 -7.92
C PHE A 694 12.46 -7.03 -7.81
N HIS A 695 11.73 -6.45 -8.77
CA HIS A 695 10.28 -6.53 -8.77
C HIS A 695 9.81 -7.97 -8.90
N ALA A 696 10.44 -8.73 -9.80
CA ALA A 696 10.07 -10.14 -9.94
C ALA A 696 10.28 -10.90 -8.64
N SER A 697 11.39 -10.64 -7.96
CA SER A 697 11.61 -11.30 -6.66
C SER A 697 10.62 -10.80 -5.61
N LEU A 698 10.14 -9.57 -5.74
CA LEU A 698 9.19 -9.03 -4.76
C LEU A 698 7.81 -9.65 -4.93
N ALA A 699 7.33 -9.75 -6.16
CA ALA A 699 6.07 -10.43 -6.46
C ALA A 699 6.37 -11.91 -6.60
N LYS A 700 6.00 -12.70 -5.59
CA LYS A 700 6.37 -14.11 -5.53
C LYS A 700 5.50 -14.97 -6.46
N SER A 701 5.52 -14.59 -7.74
CA SER A 701 4.80 -15.36 -8.74
C SER A 701 5.42 -16.75 -8.88
N PRO A 702 4.62 -17.82 -8.87
CA PRO A 702 5.19 -19.15 -9.07
C PRO A 702 5.92 -19.29 -10.40
N GLY A 703 5.54 -18.53 -11.40
CA GLY A 703 6.17 -18.59 -12.70
C GLY A 703 7.42 -17.74 -12.87
N TRP A 704 7.98 -17.23 -11.77
CA TRP A 704 9.24 -16.49 -11.88
C TRP A 704 10.39 -17.43 -12.24
N ARG A 705 10.52 -18.54 -11.52
CA ARG A 705 11.25 -19.73 -11.94
C ARG A 705 12.42 -19.42 -12.87
N PRO A 706 13.43 -18.69 -12.43
CA PRO A 706 14.58 -18.43 -13.30
C PRO A 706 15.63 -19.53 -13.22
N ALA A 707 16.21 -19.84 -14.37
CA ALA A 707 17.17 -20.94 -14.47
C ALA A 707 18.58 -20.55 -14.04
N PHE A 708 18.87 -19.27 -13.87
CA PHE A 708 20.19 -18.79 -13.49
C PHE A 708 20.15 -18.34 -12.04
N LYS A 709 21.00 -18.95 -11.21
CA LYS A 709 21.12 -18.58 -9.81
C LYS A 709 22.03 -17.36 -9.68
N TYR A 710 22.46 -17.05 -8.45
CA TYR A 710 23.32 -15.90 -8.18
C TYR A 710 22.68 -14.61 -8.71
N TYR A 711 21.46 -14.36 -8.25
CA TYR A 711 20.72 -13.19 -8.70
C TYR A 711 19.99 -12.51 -7.55
N ASN A 712 20.56 -12.56 -6.34
CA ASN A 712 19.90 -12.08 -5.14
C ASN A 712 19.15 -10.77 -5.40
N MET A 713 17.92 -10.70 -4.91
CA MET A 713 17.07 -9.55 -5.17
C MET A 713 17.64 -8.28 -4.59
N TRP A 714 18.23 -8.37 -3.40
CA TRP A 714 18.80 -7.19 -2.76
C TRP A 714 19.98 -6.66 -3.54
N ILE A 715 20.81 -7.55 -4.09
CA ILE A 715 21.91 -7.12 -4.94
C ILE A 715 21.37 -6.40 -6.17
N SER A 716 20.26 -6.89 -6.74
CA SER A 716 19.68 -6.23 -7.91
C SER A 716 19.13 -4.85 -7.56
N LEU A 717 18.47 -4.73 -6.40
CA LEU A 717 17.98 -3.41 -5.98
C LEU A 717 19.15 -2.46 -5.74
N LEU A 718 20.21 -2.95 -5.10
CA LEU A 718 21.40 -2.12 -4.90
C LEU A 718 22.02 -1.74 -6.23
N GLY A 719 21.99 -2.63 -7.21
CA GLY A 719 22.52 -2.29 -8.52
C GLY A 719 21.70 -1.23 -9.22
N ALA A 720 20.39 -1.29 -9.11
CA ALA A 720 19.55 -0.23 -9.67
C ALA A 720 19.81 1.10 -8.99
N ILE A 721 19.94 1.08 -7.66
CA ILE A 721 20.24 2.31 -6.93
C ILE A 721 21.60 2.87 -7.36
N LEU A 722 22.59 1.98 -7.49
CA LEU A 722 23.91 2.42 -7.92
C LEU A 722 23.87 2.97 -9.34
N CYS A 723 23.06 2.37 -10.21
CA CYS A 723 22.91 2.89 -11.56
C CYS A 723 22.35 4.31 -11.53
N CYS A 724 21.32 4.54 -10.72
CA CYS A 724 20.77 5.89 -10.59
C CYS A 724 21.80 6.86 -10.03
N ILE A 725 22.55 6.43 -9.01
CA ILE A 725 23.53 7.31 -8.38
C ILE A 725 24.64 7.67 -9.35
N VAL A 726 25.15 6.68 -10.09
CA VAL A 726 26.18 6.95 -11.10
C VAL A 726 25.62 7.84 -12.20
N MET A 727 24.36 7.64 -12.56
CA MET A 727 23.72 8.50 -13.54
C MET A 727 23.74 9.95 -13.07
N PHE A 728 23.46 10.17 -11.79
CA PHE A 728 23.53 11.53 -11.24
C PHE A 728 24.97 12.03 -11.19
N VAL A 729 25.93 11.15 -10.86
CA VAL A 729 27.30 11.58 -10.65
C VAL A 729 27.87 12.26 -11.89
N ILE A 730 27.36 11.92 -13.06
CA ILE A 730 27.80 12.52 -14.31
C ILE A 730 26.62 13.26 -14.92
N ASN A 731 26.77 14.57 -15.11
CA ASN A 731 25.76 15.41 -15.76
C ASN A 731 24.40 15.27 -15.07
N TRP A 732 24.36 15.77 -13.84
CA TRP A 732 23.13 15.72 -13.03
C TRP A 732 21.91 16.21 -13.80
N TRP A 733 22.06 17.30 -14.57
CA TRP A 733 20.92 17.80 -15.34
C TRP A 733 20.55 16.82 -16.45
N ALA A 734 21.54 16.15 -17.04
CA ALA A 734 21.23 15.08 -17.98
C ALA A 734 20.43 13.98 -17.32
N ALA A 735 20.80 13.63 -16.07
CA ALA A 735 20.04 12.63 -15.33
C ALA A 735 18.60 13.08 -15.11
N LEU A 736 18.41 14.34 -14.73
CA LEU A 736 17.05 14.85 -14.59
C LEU A 736 16.28 14.76 -15.90
N LEU A 737 16.93 15.10 -17.01
CA LEU A 737 16.26 15.06 -18.30
C LEU A 737 15.83 13.64 -18.65
N THR A 738 16.72 12.67 -18.45
CA THR A 738 16.36 11.28 -18.73
C THR A 738 15.24 10.80 -17.82
N TYR A 739 15.30 11.16 -16.53
CA TYR A 739 14.23 10.78 -15.61
C TYR A 739 12.90 11.35 -16.08
N VAL A 740 12.88 12.61 -16.47
CA VAL A 740 11.64 13.25 -16.93
C VAL A 740 11.12 12.57 -18.18
N ILE A 741 12.02 12.27 -19.13
CA ILE A 741 11.59 11.63 -20.37
C ILE A 741 10.99 10.25 -20.09
N VAL A 742 11.66 9.47 -19.22
CA VAL A 742 11.17 8.14 -18.90
C VAL A 742 9.81 8.24 -18.21
N LEU A 743 9.67 9.15 -17.26
CA LEU A 743 8.38 9.30 -16.56
C LEU A 743 7.28 9.71 -17.53
N GLY A 744 7.57 10.64 -18.44
CA GLY A 744 6.57 11.05 -19.41
C GLY A 744 6.13 9.91 -20.31
N LEU A 745 7.10 9.15 -20.83
CA LEU A 745 6.76 8.02 -21.67
C LEU A 745 5.95 6.98 -20.91
N TYR A 746 6.34 6.71 -19.66
CA TYR A 746 5.61 5.74 -18.85
C TYR A 746 4.17 6.19 -18.62
N ILE A 747 3.98 7.48 -18.31
CA ILE A 747 2.63 7.99 -18.09
C ILE A 747 1.81 7.90 -19.36
N TYR A 748 2.40 8.27 -20.50
CA TYR A 748 1.68 8.21 -21.77
C TYR A 748 1.27 6.77 -22.09
N VAL A 749 2.17 5.82 -21.87
CA VAL A 749 1.84 4.42 -22.15
C VAL A 749 0.75 3.92 -21.21
N THR A 750 0.83 4.32 -19.93
CA THR A 750 -0.20 3.91 -18.98
C THR A 750 -1.56 4.45 -19.38
N TYR A 751 -1.62 5.72 -19.81
CA TYR A 751 -2.90 6.29 -20.24
C TYR A 751 -3.39 5.67 -21.53
N LYS A 752 -2.47 5.27 -22.43
CA LYS A 752 -2.88 4.63 -23.66
C LYS A 752 -3.53 3.28 -23.42
N LYS A 753 -3.05 2.54 -22.41
CA LYS A 753 -3.60 1.23 -22.08
C LYS A 753 -3.59 0.34 -23.32
N PRO A 754 -2.44 -0.12 -23.76
CA PRO A 754 -2.39 -0.93 -24.98
C PRO A 754 -2.98 -2.31 -24.77
N ASP A 755 -3.50 -2.88 -25.85
CA ASP A 755 -4.15 -4.18 -25.81
C ASP A 755 -3.08 -5.26 -25.89
N VAL A 756 -2.55 -5.63 -24.72
CA VAL A 756 -1.54 -6.67 -24.63
C VAL A 756 -1.53 -7.21 -23.20
N ASN A 757 -1.10 -8.46 -23.06
CA ASN A 757 -1.05 -9.11 -21.75
C ASN A 757 0.05 -10.16 -21.80
N TRP A 758 1.12 -9.95 -21.05
CA TRP A 758 2.30 -10.80 -21.12
C TRP A 758 2.59 -11.56 -19.83
N GLY A 759 1.98 -11.19 -18.71
CA GLY A 759 2.26 -11.86 -17.45
C GLY A 759 3.34 -11.16 -16.67
N SER A 760 3.33 -9.84 -16.69
CA SER A 760 4.35 -9.05 -16.02
C SER A 760 4.27 -9.24 -14.51
N SER A 761 5.37 -8.90 -13.84
CA SER A 761 5.39 -8.94 -12.38
C SER A 761 4.46 -7.91 -11.77
N THR A 762 4.03 -6.92 -12.54
CA THR A 762 3.09 -5.93 -12.02
C THR A 762 1.76 -6.57 -11.65
N GLN A 763 1.24 -7.46 -12.51
CA GLN A 763 -0.03 -8.13 -12.22
C GLN A 763 0.11 -9.05 -11.01
N ALA A 764 1.20 -9.81 -10.95
CA ALA A 764 1.44 -10.68 -9.80
C ALA A 764 1.53 -9.86 -8.51
N LEU A 765 2.18 -8.71 -8.57
CA LEU A 765 2.29 -7.85 -7.40
C LEU A 765 0.94 -7.26 -7.01
N THR A 766 0.11 -6.93 -8.00
CA THR A 766 -1.25 -6.48 -7.70
C THR A 766 -2.01 -7.55 -6.93
N TYR A 767 -1.94 -8.79 -7.41
CA TYR A 767 -2.62 -9.89 -6.71
C TYR A 767 -2.06 -10.05 -5.30
N LEU A 768 -0.74 -10.02 -5.16
CA LEU A 768 -0.14 -10.23 -3.85
C LEU A 768 -0.50 -9.10 -2.88
N ASN A 769 -0.56 -7.87 -3.38
CA ASN A 769 -0.96 -6.74 -2.55
C ASN A 769 -2.41 -6.92 -2.07
N ALA A 770 -3.29 -7.29 -2.99
CA ALA A 770 -4.68 -7.53 -2.59
C ALA A 770 -4.76 -8.64 -1.54
N LEU A 771 -4.02 -9.72 -1.74
CA LEU A 771 -4.03 -10.82 -0.79
C LEU A 771 -3.53 -10.37 0.59
N GLN A 772 -2.42 -9.63 0.61
CA GLN A 772 -1.86 -9.18 1.88
C GLN A 772 -2.83 -8.25 2.60
N HIS A 773 -3.44 -7.32 1.87
CA HIS A 773 -4.38 -6.39 2.50
C HIS A 773 -5.62 -7.12 3.01
N SER A 774 -6.11 -8.10 2.27
CA SER A 774 -7.25 -8.87 2.75
C SER A 774 -6.90 -9.65 4.00
N ILE A 775 -5.71 -10.25 4.04
CA ILE A 775 -5.29 -11.01 5.22
C ILE A 775 -5.14 -10.07 6.41
N ARG A 776 -4.66 -8.85 6.18
CA ARG A 776 -4.61 -7.86 7.26
C ARG A 776 -6.00 -7.53 7.76
N LEU A 777 -6.92 -7.24 6.83
CA LEU A 777 -8.28 -6.89 7.22
C LEU A 777 -8.96 -8.02 7.97
N SER A 778 -8.60 -9.26 7.69
CA SER A 778 -9.25 -10.38 8.36
C SER A 778 -8.99 -10.42 9.85
N GLY A 779 -8.02 -9.67 10.35
CA GLY A 779 -7.70 -9.66 11.76
C GLY A 779 -8.24 -8.46 12.51
N VAL A 780 -9.17 -7.73 11.90
CA VAL A 780 -9.72 -6.51 12.47
C VAL A 780 -11.11 -6.81 13.03
N GLU A 781 -11.31 -6.52 14.31
CA GLU A 781 -12.62 -6.69 14.91
C GLU A 781 -13.58 -5.61 14.41
N ASP A 782 -14.84 -5.98 14.26
CA ASP A 782 -15.85 -5.06 13.75
C ASP A 782 -16.43 -4.22 14.87
N HIS A 783 -16.62 -2.94 14.59
CA HIS A 783 -17.16 -1.98 15.55
C HIS A 783 -18.32 -1.24 14.91
N VAL A 784 -19.26 -0.80 15.76
CA VAL A 784 -20.49 -0.19 15.26
C VAL A 784 -20.17 1.05 14.43
N LYS A 785 -19.29 1.91 14.93
CA LYS A 785 -18.95 3.12 14.19
C LYS A 785 -18.14 2.83 12.94
N ASN A 786 -17.63 1.62 12.78
CA ASN A 786 -16.90 1.21 11.59
C ASN A 786 -17.76 0.40 10.62
N PHE A 787 -19.08 0.35 10.86
CA PHE A 787 -19.97 -0.40 9.98
C PHE A 787 -20.03 0.25 8.59
N ARG A 788 -20.02 -0.59 7.56
CA ARG A 788 -20.16 -0.12 6.19
C ARG A 788 -21.25 -0.93 5.49
N PRO A 789 -22.03 -0.30 4.61
CA PRO A 789 -23.00 -1.04 3.82
C PRO A 789 -22.33 -1.89 2.75
N GLN A 790 -22.33 -3.21 2.94
CA GLN A 790 -21.71 -4.15 2.02
C GLN A 790 -22.85 -4.85 1.28
N CYS A 791 -23.10 -4.42 0.04
CA CYS A 791 -24.33 -4.73 -0.66
C CYS A 791 -24.11 -5.78 -1.73
N LEU A 792 -25.04 -6.74 -1.80
CA LEU A 792 -25.13 -7.73 -2.86
C LEU A 792 -26.39 -7.40 -3.65
N VAL A 793 -26.21 -6.90 -4.87
CA VAL A 793 -27.32 -6.45 -5.70
C VAL A 793 -27.66 -7.55 -6.70
N MET A 794 -28.92 -7.99 -6.69
CA MET A 794 -29.39 -9.02 -7.61
C MET A 794 -29.87 -8.33 -8.88
N THR A 795 -29.02 -8.32 -9.91
CA THR A 795 -29.33 -7.60 -11.13
C THR A 795 -29.18 -8.45 -12.39
N GLY A 796 -28.62 -9.64 -12.31
CA GLY A 796 -28.35 -10.42 -13.51
C GLY A 796 -27.24 -9.76 -14.33
N ALA A 797 -27.58 -9.30 -15.52
CA ALA A 797 -26.64 -8.52 -16.30
C ALA A 797 -26.53 -7.11 -15.71
N PRO A 798 -25.34 -6.67 -15.31
CA PRO A 798 -25.25 -5.35 -14.65
C PRO A 798 -25.68 -4.19 -15.53
N ASN A 799 -25.74 -4.39 -16.84
CA ASN A 799 -26.16 -3.33 -17.76
C ASN A 799 -27.65 -3.36 -18.06
N SER A 800 -28.39 -4.32 -17.49
CA SER A 800 -29.83 -4.39 -17.76
C SER A 800 -30.57 -3.19 -17.19
N ARG A 801 -30.25 -2.80 -15.96
CA ARG A 801 -30.86 -1.64 -15.31
C ARG A 801 -29.75 -0.72 -14.81
N PRO A 802 -29.43 0.35 -15.56
CA PRO A 802 -28.30 1.18 -15.18
C PRO A 802 -28.61 2.19 -14.08
N ALA A 803 -29.86 2.66 -14.03
CA ALA A 803 -30.23 3.62 -13.00
C ALA A 803 -30.12 3.01 -11.60
N LEU A 804 -30.62 1.79 -11.43
CA LEU A 804 -30.51 1.12 -10.15
C LEU A 804 -29.05 0.88 -9.77
N LEU A 805 -28.23 0.47 -10.74
CA LEU A 805 -26.82 0.25 -10.46
C LEU A 805 -26.13 1.54 -10.04
N HIS A 806 -26.42 2.64 -10.72
CA HIS A 806 -25.85 3.93 -10.32
C HIS A 806 -26.29 4.31 -8.92
N LEU A 807 -27.58 4.16 -8.62
CA LEU A 807 -28.07 4.52 -7.29
C LEU A 807 -27.37 3.70 -6.21
N VAL A 808 -27.24 2.39 -6.43
CA VAL A 808 -26.53 1.56 -5.46
C VAL A 808 -25.08 1.99 -5.34
N HIS A 809 -24.47 2.38 -6.47
CA HIS A 809 -23.10 2.86 -6.43
C HIS A 809 -22.96 4.09 -5.55
N ASP A 810 -23.95 4.99 -5.61
CA ASP A 810 -23.83 6.28 -4.94
C ASP A 810 -23.53 6.11 -3.45
N PHE A 811 -24.27 5.23 -2.77
CA PHE A 811 -24.07 5.02 -1.33
C PHE A 811 -23.13 3.86 -1.03
N THR A 812 -22.48 3.30 -2.05
CA THR A 812 -21.43 2.31 -1.86
C THR A 812 -20.08 2.74 -2.40
N LYS A 813 -20.06 3.59 -3.43
CA LYS A 813 -18.81 4.03 -4.03
C LYS A 813 -17.90 4.68 -2.99
N ASN A 814 -16.71 4.11 -2.80
CA ASN A 814 -15.69 4.55 -1.86
C ASN A 814 -16.04 4.22 -0.42
N VAL A 815 -17.24 3.72 -0.14
CA VAL A 815 -17.65 3.34 1.20
C VAL A 815 -18.49 2.07 1.08
N GLY A 816 -17.94 0.95 1.52
CA GLY A 816 -18.64 -0.32 1.47
C GLY A 816 -18.38 -1.10 0.19
N LEU A 817 -18.82 -2.36 0.21
CA LEU A 817 -18.62 -3.30 -0.88
C LEU A 817 -19.86 -3.41 -1.75
N MET A 818 -19.64 -3.77 -3.01
CA MET A 818 -20.71 -3.88 -4.00
C MET A 818 -20.45 -5.11 -4.86
N ILE A 819 -21.32 -6.11 -4.76
CA ILE A 819 -21.22 -7.32 -5.56
C ILE A 819 -22.48 -7.43 -6.40
N CYS A 820 -22.33 -7.41 -7.72
CA CYS A 820 -23.46 -7.59 -8.63
C CYS A 820 -23.61 -9.08 -8.92
N GLY A 821 -24.59 -9.71 -8.29
CA GLY A 821 -24.79 -11.14 -8.43
C GLY A 821 -25.67 -11.46 -9.64
N HIS A 822 -25.24 -12.48 -10.39
CA HIS A 822 -25.96 -12.95 -11.56
C HIS A 822 -26.11 -14.46 -11.47
N VAL A 823 -27.32 -14.94 -11.73
CA VAL A 823 -27.63 -16.38 -11.68
C VAL A 823 -27.86 -16.86 -13.11
N HIS A 824 -27.16 -17.92 -13.47
CA HIS A 824 -27.27 -18.52 -14.80
C HIS A 824 -27.98 -19.86 -14.69
N MET A 825 -28.91 -20.11 -15.61
CA MET A 825 -29.74 -21.30 -15.59
C MET A 825 -29.60 -22.04 -16.91
N GLY A 826 -29.80 -23.36 -16.84
CA GLY A 826 -29.71 -24.20 -18.01
C GLY A 826 -28.77 -25.37 -17.81
N PRO A 827 -28.39 -26.04 -18.89
CA PRO A 827 -27.45 -27.16 -18.78
C PRO A 827 -26.09 -26.69 -18.28
N ARG A 828 -25.45 -27.54 -17.48
CA ARG A 828 -24.17 -27.17 -16.88
C ARG A 828 -23.11 -26.90 -17.93
N ARG A 829 -23.04 -27.74 -18.97
CA ARG A 829 -21.97 -27.63 -19.95
C ARG A 829 -21.96 -26.25 -20.59
N GLN A 830 -23.02 -25.90 -21.32
CA GLN A 830 -23.08 -24.59 -21.96
C GLN A 830 -23.09 -23.47 -20.92
N ALA A 831 -23.63 -23.73 -19.73
CA ALA A 831 -23.69 -22.70 -18.70
C ALA A 831 -22.29 -22.27 -18.28
N MET A 832 -21.36 -23.22 -18.16
CA MET A 832 -20.00 -22.86 -17.77
C MET A 832 -19.36 -21.93 -18.79
N LYS A 833 -19.51 -22.23 -20.08
CA LYS A 833 -18.95 -21.36 -21.11
C LYS A 833 -19.62 -19.99 -21.11
N GLU A 834 -20.94 -19.95 -20.96
CA GLU A 834 -21.65 -18.68 -20.92
C GLU A 834 -21.18 -17.84 -19.74
N MET A 835 -21.02 -18.46 -18.57
CA MET A 835 -20.55 -17.74 -17.40
C MET A 835 -19.12 -17.25 -17.59
N SER A 836 -18.26 -18.07 -18.20
CA SER A 836 -16.89 -17.66 -18.42
C SER A 836 -16.81 -16.46 -19.35
N ILE A 837 -17.65 -16.44 -20.39
CA ILE A 837 -17.67 -15.30 -21.29
C ILE A 837 -18.22 -14.06 -20.58
N ASP A 838 -19.34 -14.23 -19.87
CA ASP A 838 -20.01 -13.10 -19.24
C ASP A 838 -19.15 -12.47 -18.15
N GLN A 839 -18.40 -13.30 -17.42
CA GLN A 839 -17.54 -12.74 -16.38
C GLN A 839 -16.59 -11.70 -16.94
N ALA A 840 -15.84 -12.06 -17.98
CA ALA A 840 -14.92 -11.12 -18.60
C ALA A 840 -15.67 -9.94 -19.20
N LYS A 841 -16.75 -10.21 -19.95
CA LYS A 841 -17.47 -9.12 -20.60
C LYS A 841 -17.93 -8.08 -19.60
N TYR A 842 -18.61 -8.52 -18.53
CA TYR A 842 -19.21 -7.60 -17.59
C TYR A 842 -18.19 -6.97 -16.65
N GLN A 843 -17.12 -7.69 -16.29
CA GLN A 843 -16.07 -7.04 -15.52
C GLN A 843 -15.40 -5.93 -16.32
N ARG A 844 -15.12 -6.18 -17.60
CA ARG A 844 -14.58 -5.12 -18.44
C ARG A 844 -15.57 -3.96 -18.57
N TRP A 845 -16.86 -4.27 -18.74
CA TRP A 845 -17.86 -3.22 -18.84
C TRP A 845 -17.90 -2.37 -17.58
N LEU A 846 -17.84 -3.01 -16.42
CA LEU A 846 -17.83 -2.28 -15.15
C LEU A 846 -16.59 -1.39 -15.04
N ILE A 847 -15.42 -1.96 -15.30
CA ILE A 847 -14.18 -1.19 -15.19
C ILE A 847 -14.18 -0.03 -16.17
N LYS A 848 -14.86 -0.18 -17.30
CA LYS A 848 -14.91 0.88 -18.30
C LYS A 848 -15.93 1.97 -17.97
N ASN A 849 -16.73 1.77 -16.92
CA ASN A 849 -17.75 2.76 -16.53
C ASN A 849 -17.52 3.31 -15.13
N LYS A 850 -16.38 3.03 -14.52
CA LYS A 850 -16.00 3.60 -13.23
C LYS A 850 -16.89 3.11 -12.10
N MET A 851 -17.42 1.89 -12.22
CA MET A 851 -18.19 1.26 -11.16
C MET A 851 -17.29 0.35 -10.35
N LYS A 852 -17.13 0.65 -9.08
CA LYS A 852 -16.29 -0.14 -8.18
C LYS A 852 -17.04 -1.35 -7.63
N ALA A 853 -17.63 -2.14 -8.54
CA ALA A 853 -18.39 -3.31 -8.19
C ALA A 853 -17.68 -4.58 -8.65
N PHE A 854 -18.07 -5.70 -8.05
CA PHE A 854 -17.55 -7.01 -8.42
C PHE A 854 -18.66 -7.82 -9.08
N TYR A 855 -18.39 -8.34 -10.27
CA TYR A 855 -19.31 -9.24 -10.92
C TYR A 855 -19.21 -10.62 -10.29
N ALA A 856 -20.36 -11.23 -9.96
CA ALA A 856 -20.42 -12.49 -9.26
C ALA A 856 -21.41 -13.43 -9.95
N PRO A 857 -21.02 -14.01 -11.08
CA PRO A 857 -21.90 -14.98 -11.73
C PRO A 857 -22.00 -16.27 -10.92
N VAL A 858 -23.14 -16.95 -11.08
CA VAL A 858 -23.37 -18.23 -10.41
C VAL A 858 -24.37 -19.02 -11.24
N HIS A 859 -24.25 -20.34 -11.18
CA HIS A 859 -25.09 -21.25 -11.94
C HIS A 859 -25.94 -22.09 -10.99
N ALA A 860 -27.25 -22.05 -11.18
CA ALA A 860 -28.18 -22.83 -10.37
C ALA A 860 -29.46 -23.03 -11.17
N ASP A 861 -30.35 -23.86 -10.63
CA ASP A 861 -31.59 -24.17 -11.34
C ASP A 861 -32.56 -23.01 -11.32
N ASP A 862 -32.65 -22.31 -10.19
CA ASP A 862 -33.56 -21.18 -10.04
C ASP A 862 -32.86 -20.03 -9.34
N LEU A 863 -33.47 -18.85 -9.44
CA LEU A 863 -32.88 -17.65 -8.84
C LEU A 863 -32.77 -17.78 -7.33
N ARG A 864 -33.73 -18.47 -6.70
CA ARG A 864 -33.65 -18.65 -5.25
C ARG A 864 -32.36 -19.34 -4.84
N GLU A 865 -32.01 -20.42 -5.53
CA GLU A 865 -30.83 -21.19 -5.13
C GLU A 865 -29.54 -20.42 -5.41
N GLY A 866 -29.50 -19.67 -6.51
CA GLY A 866 -28.33 -18.85 -6.78
C GLY A 866 -28.14 -17.75 -5.75
N ALA A 867 -29.24 -17.07 -5.38
CA ALA A 867 -29.17 -16.09 -4.32
C ALA A 867 -28.75 -16.72 -3.00
N GLN A 868 -29.20 -17.95 -2.74
CA GLN A 868 -28.74 -18.68 -1.55
C GLN A 868 -27.23 -18.89 -1.60
N TYR A 869 -26.73 -19.35 -2.76
CA TYR A 869 -25.29 -19.49 -2.93
C TYR A 869 -24.57 -18.21 -2.58
N LEU A 870 -25.03 -17.09 -3.16
CA LEU A 870 -24.34 -15.82 -2.98
C LEU A 870 -24.39 -15.36 -1.53
N MET A 871 -25.57 -15.38 -0.91
CA MET A 871 -25.68 -14.94 0.47
C MET A 871 -24.97 -15.87 1.45
N GLN A 872 -24.67 -17.09 1.04
CA GLN A 872 -23.95 -18.00 1.93
C GLN A 872 -22.44 -17.90 1.78
N ALA A 873 -21.94 -17.70 0.56
CA ALA A 873 -20.51 -17.86 0.29
C ALA A 873 -19.83 -16.63 -0.27
N ALA A 874 -20.54 -15.77 -0.99
CA ALA A 874 -19.89 -14.63 -1.65
C ALA A 874 -19.11 -13.79 -0.65
N GLY A 875 -17.88 -13.46 -1.00
CA GLY A 875 -17.04 -12.61 -0.18
C GLY A 875 -15.78 -13.32 0.28
N LEU A 876 -14.84 -12.52 0.77
CA LEU A 876 -13.57 -13.01 1.31
C LEU A 876 -13.38 -12.45 2.70
N GLY A 877 -13.19 -13.34 3.67
CA GLY A 877 -12.92 -12.91 5.03
C GLY A 877 -13.98 -11.95 5.54
N ARG A 878 -13.54 -10.73 5.87
CA ARG A 878 -14.42 -9.71 6.42
C ARG A 878 -15.03 -8.82 5.34
N MET A 879 -14.67 -9.02 4.08
CA MET A 879 -15.29 -8.27 2.97
C MET A 879 -16.43 -9.11 2.37
N LYS A 880 -17.48 -9.28 3.19
CA LYS A 880 -18.60 -10.12 2.81
C LYS A 880 -19.91 -9.32 2.90
N PRO A 881 -20.86 -9.58 2.00
CA PRO A 881 -22.09 -8.80 1.99
C PRO A 881 -22.86 -8.94 3.30
N ASN A 882 -23.53 -7.86 3.67
CA ASN A 882 -24.48 -7.88 4.77
C ASN A 882 -25.84 -7.33 4.40
N THR A 883 -26.00 -6.83 3.17
CA THR A 883 -27.26 -6.28 2.69
C THR A 883 -27.59 -6.90 1.35
N LEU A 884 -28.87 -7.20 1.14
CA LEU A 884 -29.38 -7.73 -0.12
C LEU A 884 -30.21 -6.64 -0.79
N VAL A 885 -29.84 -6.30 -2.02
CA VAL A 885 -30.49 -5.23 -2.78
C VAL A 885 -31.22 -5.85 -3.95
N LEU A 886 -32.50 -5.52 -4.08
CA LEU A 886 -33.32 -5.95 -5.21
C LEU A 886 -33.98 -4.75 -5.85
N GLY A 887 -34.33 -4.92 -7.13
CA GLY A 887 -35.16 -3.97 -7.83
C GLY A 887 -36.60 -4.45 -7.84
N PHE A 888 -37.53 -3.48 -7.79
CA PHE A 888 -38.94 -3.82 -7.75
C PHE A 888 -39.33 -4.64 -8.97
N LYS A 889 -40.09 -5.71 -8.75
CA LYS A 889 -40.60 -6.54 -9.83
C LYS A 889 -41.74 -5.78 -10.50
N LYS A 890 -41.37 -4.88 -11.42
CA LYS A 890 -42.35 -4.00 -12.04
C LYS A 890 -43.36 -4.76 -12.88
N ASP A 891 -43.03 -5.97 -13.32
CA ASP A 891 -43.92 -6.78 -14.16
C ASP A 891 -44.64 -7.86 -13.38
N TRP A 892 -44.64 -7.78 -12.05
CA TRP A 892 -45.26 -8.84 -11.25
C TRP A 892 -46.73 -9.02 -11.58
N LEU A 893 -47.40 -7.94 -12.00
CA LEU A 893 -48.81 -8.06 -12.35
C LEU A 893 -49.01 -9.01 -13.52
N GLN A 894 -48.17 -8.90 -14.54
CA GLN A 894 -48.18 -9.80 -15.69
C GLN A 894 -46.93 -10.67 -15.62
N ALA A 895 -47.02 -11.76 -14.88
CA ALA A 895 -45.90 -12.68 -14.70
C ALA A 895 -46.38 -13.90 -13.93
N ASP A 896 -45.75 -15.04 -14.20
CA ASP A 896 -46.12 -16.26 -13.51
C ASP A 896 -45.94 -16.10 -12.00
N MET A 897 -46.93 -16.57 -11.24
CA MET A 897 -46.88 -16.42 -9.79
C MET A 897 -45.73 -17.19 -9.17
N ARG A 898 -45.13 -18.14 -9.90
CA ARG A 898 -43.94 -18.79 -9.40
C ARG A 898 -42.79 -17.79 -9.26
N ASP A 899 -42.64 -16.89 -10.24
CA ASP A 899 -41.61 -15.88 -10.15
C ASP A 899 -41.83 -14.94 -8.97
N VAL A 900 -43.09 -14.53 -8.74
CA VAL A 900 -43.39 -13.65 -7.61
C VAL A 900 -43.12 -14.38 -6.29
N ASP A 901 -43.49 -15.66 -6.23
CA ASP A 901 -43.20 -16.44 -5.04
C ASP A 901 -41.70 -16.54 -4.80
N MET A 902 -40.92 -16.71 -5.86
CA MET A 902 -39.47 -16.76 -5.73
C MET A 902 -38.93 -15.42 -5.24
N TYR A 903 -39.49 -14.32 -5.73
CA TYR A 903 -39.09 -12.98 -5.27
C TYR A 903 -39.34 -12.83 -3.77
N ILE A 904 -40.56 -13.14 -3.33
CA ILE A 904 -40.88 -12.99 -1.91
C ILE A 904 -40.06 -13.95 -1.07
N ASN A 905 -39.78 -15.15 -1.60
CA ASN A 905 -38.92 -16.07 -0.87
C ASN A 905 -37.49 -15.57 -0.80
N LEU A 906 -37.03 -14.86 -1.82
CA LEU A 906 -35.74 -14.16 -1.71
C LEU A 906 -35.77 -13.21 -0.53
N PHE A 907 -36.85 -12.43 -0.42
CA PHE A 907 -37.02 -11.58 0.76
C PHE A 907 -36.89 -12.39 2.05
N HIS A 908 -37.60 -13.51 2.12
CA HIS A 908 -37.68 -14.28 3.36
C HIS A 908 -36.34 -14.91 3.72
N ASP A 909 -35.62 -15.45 2.74
CA ASP A 909 -34.30 -16.00 3.02
C ASP A 909 -33.30 -14.91 3.38
N ALA A 910 -33.43 -13.74 2.77
CA ALA A 910 -32.59 -12.61 3.18
C ALA A 910 -32.80 -12.29 4.65
N PHE A 911 -34.05 -12.22 5.09
CA PHE A 911 -34.31 -11.98 6.50
C PHE A 911 -33.83 -13.13 7.38
N ASP A 912 -34.01 -14.36 6.91
CA ASP A 912 -33.61 -15.53 7.70
C ASP A 912 -32.10 -15.59 7.89
N ILE A 913 -31.34 -15.12 6.92
CA ILE A 913 -29.89 -15.15 6.98
C ILE A 913 -29.33 -13.92 7.68
N GLN A 914 -30.20 -13.10 8.30
CA GLN A 914 -29.78 -11.91 9.03
C GLN A 914 -29.16 -10.87 8.09
N TYR A 915 -29.78 -10.69 6.94
CA TYR A 915 -29.42 -9.65 5.99
C TYR A 915 -30.40 -8.48 6.11
N GLY A 916 -29.93 -7.30 5.71
CA GLY A 916 -30.81 -6.15 5.58
C GLY A 916 -31.22 -5.98 4.13
N VAL A 917 -32.51 -5.76 3.92
CA VAL A 917 -33.10 -5.78 2.59
C VAL A 917 -33.36 -4.37 2.12
N VAL A 918 -32.92 -4.05 0.90
CA VAL A 918 -33.19 -2.76 0.27
C VAL A 918 -33.84 -3.04 -1.07
N VAL A 919 -35.04 -2.52 -1.25
CA VAL A 919 -35.79 -2.66 -2.50
C VAL A 919 -35.86 -1.29 -3.15
N ILE A 920 -35.35 -1.18 -4.38
CA ILE A 920 -35.26 0.09 -5.09
C ILE A 920 -36.29 0.08 -6.21
N ARG A 921 -37.16 1.09 -6.24
CA ARG A 921 -38.14 1.25 -7.30
C ARG A 921 -37.95 2.61 -7.93
N LEU A 922 -37.60 2.63 -9.21
CA LEU A 922 -37.35 3.86 -9.93
C LEU A 922 -37.65 3.64 -11.41
N LYS A 923 -37.86 4.74 -12.12
CA LYS A 923 -38.14 4.70 -13.56
C LYS A 923 -36.85 4.44 -14.30
N GLU A 924 -36.72 3.24 -14.87
CA GLU A 924 -35.50 2.86 -15.57
C GLU A 924 -35.39 3.49 -16.95
N GLY A 925 -36.51 3.84 -17.58
CA GLY A 925 -36.46 4.36 -18.94
C GLY A 925 -35.62 5.62 -19.06
N LEU A 926 -35.72 6.51 -18.10
CA LEU A 926 -34.97 7.76 -18.11
C LEU A 926 -35.36 8.61 -19.31
N ASN A 1022 -32.78 19.13 -4.71
CA ASN A 1022 -33.83 19.60 -3.82
C ASN A 1022 -33.70 18.98 -2.43
N THR A 1023 -34.57 18.02 -2.13
CA THR A 1023 -34.64 17.41 -0.81
C THR A 1023 -34.54 15.89 -0.91
N ILE A 1024 -34.25 15.28 0.23
CA ILE A 1024 -34.26 13.83 0.40
C ILE A 1024 -35.16 13.56 1.61
N ASP A 1025 -36.28 12.90 1.38
CA ASP A 1025 -37.28 12.68 2.40
C ASP A 1025 -37.13 11.27 2.96
N VAL A 1026 -36.91 11.17 4.26
CA VAL A 1026 -36.68 9.89 4.93
C VAL A 1026 -37.87 9.60 5.83
N TRP A 1027 -38.70 8.64 5.42
CA TRP A 1027 -39.84 8.19 6.20
C TRP A 1027 -39.49 6.88 6.89
N TRP A 1028 -38.68 6.98 7.94
CA TRP A 1028 -38.32 5.80 8.71
C TRP A 1028 -39.17 5.78 9.97
N LEU A 1029 -40.09 4.81 10.04
CA LEU A 1029 -41.10 4.73 11.08
C LEU A 1029 -40.89 3.57 12.03
N PHE A 1030 -39.92 2.70 11.77
CA PHE A 1030 -39.62 1.58 12.65
C PHE A 1030 -38.11 1.47 12.77
N ASP A 1031 -37.65 1.18 13.98
CA ASP A 1031 -36.22 1.19 14.26
C ASP A 1031 -35.61 -0.13 13.77
N ASP A 1032 -34.92 -0.07 12.64
CA ASP A 1032 -34.23 -1.21 12.07
C ASP A 1032 -32.77 -1.27 12.48
N GLY A 1033 -32.34 -0.39 13.38
CA GLY A 1033 -30.94 -0.26 13.74
C GLY A 1033 -30.25 0.94 13.15
N GLY A 1034 -30.90 1.67 12.24
CA GLY A 1034 -30.36 2.91 11.70
C GLY A 1034 -30.03 2.89 10.23
N LEU A 1035 -30.11 1.75 9.55
CA LEU A 1035 -29.76 1.70 8.13
C LEU A 1035 -30.58 2.70 7.31
N THR A 1036 -31.86 2.87 7.67
CA THR A 1036 -32.72 3.77 6.92
C THR A 1036 -32.20 5.19 6.96
N LEU A 1037 -31.54 5.59 8.05
CA LEU A 1037 -30.88 6.88 8.11
C LEU A 1037 -29.47 6.87 7.56
N LEU A 1038 -28.74 5.77 7.75
CA LEU A 1038 -27.36 5.70 7.29
C LEU A 1038 -27.27 5.81 5.78
N ILE A 1039 -28.20 5.18 5.05
CA ILE A 1039 -28.13 5.21 3.58
C ILE A 1039 -28.30 6.60 3.03
N PRO A 1040 -29.34 7.37 3.38
CA PRO A 1040 -29.48 8.72 2.81
C PRO A 1040 -28.36 9.66 3.24
N TYR A 1041 -27.81 9.49 4.44
CA TYR A 1041 -26.67 10.29 4.83
C TYR A 1041 -25.47 10.03 3.92
N LEU A 1042 -25.21 8.76 3.61
CA LEU A 1042 -24.16 8.43 2.66
C LEU A 1042 -24.46 9.02 1.29
N LEU A 1043 -25.74 9.04 0.90
CA LEU A 1043 -26.13 9.72 -0.33
C LEU A 1043 -25.69 11.18 -0.29
N THR A 1044 -25.99 11.86 0.83
CA THR A 1044 -25.59 13.25 1.00
C THR A 1044 -24.08 13.43 1.01
N THR A 1045 -23.34 12.38 1.37
CA THR A 1045 -21.88 12.44 1.40
C THR A 1045 -21.26 12.53 0.00
N LYS A 1046 -22.03 12.30 -1.06
CA LYS A 1046 -21.51 12.29 -2.41
C LYS A 1046 -21.79 13.62 -3.11
N LYS A 1047 -21.04 13.86 -4.19
CA LYS A 1047 -21.16 15.12 -4.91
C LYS A 1047 -22.43 15.21 -5.75
N LYS A 1048 -23.08 14.08 -6.02
CA LYS A 1048 -24.32 14.12 -6.80
C LYS A 1048 -25.51 14.56 -5.95
N TRP A 1049 -25.45 14.35 -4.64
CA TRP A 1049 -26.53 14.73 -3.74
C TRP A 1049 -26.07 15.70 -2.66
N LYS A 1050 -24.98 16.43 -2.91
CA LYS A 1050 -24.47 17.37 -1.91
C LYS A 1050 -25.48 18.47 -1.63
N ASP A 1051 -26.15 18.97 -2.65
CA ASP A 1051 -27.11 20.06 -2.48
C ASP A 1051 -28.44 19.61 -1.92
N CYS A 1052 -28.67 18.30 -1.77
CA CYS A 1052 -29.93 17.79 -1.26
C CYS A 1052 -29.92 17.80 0.27
N LYS A 1053 -30.99 18.32 0.85
CA LYS A 1053 -31.12 18.42 2.29
C LYS A 1053 -32.06 17.33 2.80
N ILE A 1054 -31.68 16.71 3.91
CA ILE A 1054 -32.44 15.59 4.46
C ILE A 1054 -33.57 16.14 5.33
N ARG A 1055 -34.80 15.78 4.99
CA ARG A 1055 -35.95 16.07 5.85
C ARG A 1055 -36.59 14.76 6.28
N VAL A 1056 -36.91 14.66 7.57
CA VAL A 1056 -37.32 13.41 8.18
C VAL A 1056 -38.82 13.45 8.45
N PHE A 1057 -39.45 12.28 8.35
CA PHE A 1057 -40.85 12.09 8.66
C PHE A 1057 -40.97 10.98 9.70
N ILE A 1058 -41.73 11.23 10.76
CA ILE A 1058 -41.98 10.24 11.79
C ILE A 1058 -43.47 10.27 12.13
N GLY A 1059 -43.91 9.23 12.84
CA GLY A 1059 -45.29 9.10 13.27
C GLY A 1059 -45.42 9.35 14.76
N GLY A 1060 -46.41 10.16 15.12
CA GLY A 1060 -46.66 10.48 16.50
C GLY A 1060 -48.15 10.49 16.81
N LYS A 1061 -48.46 10.90 18.03
CA LYS A 1061 -49.83 10.97 18.52
C LYS A 1061 -50.25 12.43 18.67
N ILE A 1062 -51.47 12.75 18.23
CA ILE A 1062 -51.96 14.11 18.36
C ILE A 1062 -51.94 14.51 19.83
N ASN A 1063 -51.69 15.79 20.09
CA ASN A 1063 -51.51 16.38 21.41
C ASN A 1063 -50.12 16.07 21.94
N ARG A 1064 -49.29 15.32 21.20
CA ARG A 1064 -47.93 15.00 21.60
C ARG A 1064 -46.94 15.25 20.46
N ILE A 1065 -47.30 16.09 19.49
CA ILE A 1065 -46.46 16.27 18.32
C ILE A 1065 -45.14 16.91 18.70
N ASP A 1066 -45.17 17.97 19.51
CA ASP A 1066 -43.96 18.71 19.82
C ASP A 1066 -42.98 17.88 20.63
N HIS A 1067 -43.48 17.08 21.57
CA HIS A 1067 -42.59 16.22 22.35
C HIS A 1067 -41.84 15.25 21.46
N ASP A 1068 -42.56 14.59 20.55
CA ASP A 1068 -41.91 13.63 19.65
C ASP A 1068 -40.97 14.33 18.69
N ARG A 1069 -41.34 15.52 18.21
CA ARG A 1069 -40.43 16.27 17.34
C ARG A 1069 -39.13 16.61 18.07
N ARG A 1070 -39.24 17.05 19.32
CA ARG A 1070 -38.04 17.36 20.09
C ARG A 1070 -37.20 16.11 20.32
N ALA A 1071 -37.85 14.98 20.63
CA ALA A 1071 -37.11 13.74 20.82
C ALA A 1071 -36.37 13.34 19.54
N MET A 1072 -37.04 13.44 18.39
CA MET A 1072 -36.39 13.10 17.13
C MET A 1072 -35.23 14.05 16.83
N ALA A 1073 -35.41 15.34 17.10
CA ALA A 1073 -34.34 16.29 16.87
C ALA A 1073 -33.14 15.97 17.76
N THR A 1074 -33.38 15.66 19.04
CA THR A 1074 -32.28 15.30 19.93
C THR A 1074 -31.57 14.04 19.45
N LEU A 1075 -32.34 13.02 19.03
CA LEU A 1075 -31.73 11.79 18.57
C LEU A 1075 -30.89 12.03 17.32
N LEU A 1076 -31.40 12.82 16.38
CA LEU A 1076 -30.64 13.12 15.17
C LEU A 1076 -29.39 13.92 15.48
N SER A 1077 -29.48 14.86 16.43
CA SER A 1077 -28.30 15.63 16.81
C SER A 1077 -27.25 14.74 17.44
N LYS A 1078 -27.67 13.79 18.30
CA LYS A 1078 -26.73 12.86 18.88
C LYS A 1078 -26.03 12.03 17.82
N PHE A 1079 -26.74 11.69 16.75
CA PHE A 1079 -26.15 10.95 15.63
C PHE A 1079 -25.34 11.84 14.69
N ARG A 1080 -25.51 13.16 14.78
CA ARG A 1080 -24.79 14.10 13.93
C ARG A 1080 -25.19 13.94 12.46
N ILE A 1081 -26.49 13.77 12.22
CA ILE A 1081 -27.03 13.72 10.86
C ILE A 1081 -27.84 15.00 10.66
N ASP A 1082 -27.37 15.84 9.76
CA ASP A 1082 -28.04 17.13 9.53
C ASP A 1082 -29.38 16.90 8.86
N PHE A 1083 -30.40 17.62 9.33
CA PHE A 1083 -31.74 17.54 8.78
C PHE A 1083 -32.28 18.95 8.59
N SER A 1084 -32.95 19.17 7.45
CA SER A 1084 -33.55 20.48 7.19
C SER A 1084 -34.82 20.66 8.03
N ASP A 1085 -35.65 19.62 8.10
CA ASP A 1085 -36.88 19.71 8.87
C ASP A 1085 -37.26 18.32 9.37
N ILE A 1086 -38.08 18.31 10.42
CA ILE A 1086 -38.67 17.09 10.97
C ILE A 1086 -40.18 17.28 10.98
N MET A 1087 -40.90 16.31 10.43
CA MET A 1087 -42.36 16.36 10.35
C MET A 1087 -42.93 15.15 11.07
N VAL A 1088 -43.83 15.41 12.03
CA VAL A 1088 -44.52 14.37 12.78
C VAL A 1088 -45.94 14.29 12.28
N LEU A 1089 -46.37 13.09 11.88
CA LEU A 1089 -47.68 12.88 11.30
C LEU A 1089 -48.51 11.98 12.19
N GLY A 1090 -49.71 12.45 12.53
CA GLY A 1090 -50.71 11.65 13.21
C GLY A 1090 -51.73 11.04 12.30
N ASP A 1091 -51.65 11.30 10.99
CA ASP A 1091 -52.61 10.77 10.03
C ASP A 1091 -52.39 9.30 9.74
N ILE A 1092 -51.25 8.73 10.15
CA ILE A 1092 -51.08 7.29 10.04
C ILE A 1092 -52.05 6.58 10.97
N ASN A 1093 -52.33 5.31 10.65
CA ASN A 1093 -53.24 4.45 11.40
C ASN A 1093 -54.70 4.82 11.17
N THR A 1094 -54.98 5.73 10.25
CA THR A 1094 -56.35 6.10 9.92
C THR A 1094 -56.80 5.39 8.65
N LYS A 1095 -58.10 5.22 8.52
CA LYS A 1095 -58.65 4.51 7.37
C LYS A 1095 -58.38 5.29 6.09
N PRO A 1096 -57.78 4.66 5.07
CA PRO A 1096 -57.59 5.36 3.80
C PRO A 1096 -58.92 5.67 3.12
N LYS A 1097 -58.86 6.34 1.97
CA LYS A 1097 -60.07 6.65 1.24
C LYS A 1097 -60.70 5.37 0.68
N LYS A 1098 -62.00 5.47 0.36
CA LYS A 1098 -62.70 4.33 -0.20
C LYS A 1098 -62.14 3.97 -1.58
N GLU A 1099 -61.80 4.97 -2.39
CA GLU A 1099 -61.32 4.70 -3.74
C GLU A 1099 -60.05 3.87 -3.72
N ASN A 1100 -59.11 4.21 -2.84
CA ASN A 1100 -57.84 3.48 -2.80
C ASN A 1100 -58.04 2.05 -2.30
N ILE A 1101 -58.92 1.86 -1.31
CA ILE A 1101 -59.21 0.51 -0.84
C ILE A 1101 -59.84 -0.31 -1.95
N ILE A 1102 -60.76 0.29 -2.72
CA ILE A 1102 -61.40 -0.41 -3.82
C ILE A 1102 -60.36 -0.76 -4.89
N ALA A 1103 -59.44 0.16 -5.19
CA ALA A 1103 -58.41 -0.13 -6.16
C ALA A 1103 -57.51 -1.28 -5.70
N PHE A 1104 -57.14 -1.29 -4.42
CA PHE A 1104 -56.32 -2.38 -3.90
C PHE A 1104 -57.07 -3.70 -4.02
N GLU A 1105 -58.36 -3.72 -3.68
CA GLU A 1105 -59.13 -4.94 -3.78
C GLU A 1105 -59.22 -5.42 -5.23
N GLU A 1106 -59.44 -4.48 -6.17
CA GLU A 1106 -59.51 -4.85 -7.57
C GLU A 1106 -58.19 -5.43 -8.05
N ILE A 1107 -57.07 -4.83 -7.64
CA ILE A 1107 -55.77 -5.35 -8.03
C ILE A 1107 -55.55 -6.74 -7.46
N ILE A 1108 -55.96 -6.96 -6.20
CA ILE A 1108 -55.69 -8.22 -5.52
C ILE A 1108 -56.68 -9.33 -5.87
N GLU A 1109 -57.80 -8.99 -6.52
CA GLU A 1109 -58.83 -9.98 -6.80
C GLU A 1109 -58.32 -11.23 -7.53
N PRO A 1110 -57.52 -11.13 -8.59
CA PRO A 1110 -57.17 -12.34 -9.34
C PRO A 1110 -56.50 -13.43 -8.53
N TYR A 1111 -55.75 -13.06 -7.48
CA TYR A 1111 -55.01 -14.04 -6.69
C TYR A 1111 -55.74 -14.43 -5.41
N ARG A 1112 -56.98 -13.98 -5.23
CA ARG A 1112 -57.75 -14.34 -4.05
C ARG A 1112 -58.17 -15.81 -4.09
N LEU A 1113 -58.01 -16.50 -2.97
CA LEU A 1113 -58.44 -17.89 -2.88
C LEU A 1113 -59.94 -18.01 -2.72
N HIS A 1114 -60.56 -17.11 -1.94
CA HIS A 1114 -61.99 -17.16 -1.66
C HIS A 1114 -62.36 -18.47 -0.98
N GLU A 1115 -61.75 -18.71 0.18
CA GLU A 1115 -61.98 -19.95 0.91
C GLU A 1115 -63.44 -20.06 1.35
N ASP A 1116 -64.06 -18.94 1.70
CA ASP A 1116 -65.44 -18.99 2.19
C ASP A 1116 -66.38 -19.53 1.12
N ASP A 1117 -66.19 -19.13 -0.13
CA ASP A 1117 -67.08 -19.56 -1.21
C ASP A 1117 -66.83 -21.00 -1.63
N LYS A 1118 -65.81 -21.66 -1.08
CA LYS A 1118 -65.48 -23.02 -1.46
C LYS A 1118 -65.49 -23.92 -0.23
N GLU A 1119 -65.62 -25.22 -0.48
CA GLU A 1119 -65.63 -26.23 0.58
C GLU A 1119 -64.20 -26.57 0.96
N GLN A 1120 -64.01 -27.65 1.72
CA GLN A 1120 -62.68 -28.06 2.13
C GLN A 1120 -61.80 -28.46 0.96
N ASP A 1121 -62.37 -28.69 -0.22
CA ASP A 1121 -61.56 -29.00 -1.39
C ASP A 1121 -60.56 -27.88 -1.70
N ILE A 1122 -60.87 -26.65 -1.31
CA ILE A 1122 -59.95 -25.54 -1.51
C ILE A 1122 -58.61 -25.80 -0.85
N ALA A 1123 -58.57 -26.70 0.14
CA ALA A 1123 -57.31 -27.06 0.79
C ALA A 1123 -56.31 -27.65 -0.19
N ASP A 1124 -56.74 -28.02 -1.39
CA ASP A 1124 -55.82 -28.48 -2.42
C ASP A 1124 -55.24 -27.33 -3.23
N LYS A 1125 -56.01 -26.26 -3.43
CA LYS A 1125 -55.46 -25.08 -4.11
C LYS A 1125 -54.38 -24.42 -3.26
N MET A 1126 -54.57 -24.38 -1.94
CA MET A 1126 -53.58 -23.80 -1.05
C MET A 1126 -52.29 -24.61 -1.01
N LYS A 1127 -52.30 -25.84 -1.55
CA LYS A 1127 -51.10 -26.66 -1.59
C LYS A 1127 -50.54 -26.87 -2.99
N GLU A 1128 -51.35 -26.66 -4.03
CA GLU A 1128 -50.90 -26.80 -5.41
C GLU A 1128 -50.89 -25.47 -6.14
N ASP A 1129 -52.01 -24.76 -6.19
CA ASP A 1129 -52.06 -23.41 -6.74
C ASP A 1129 -51.80 -22.38 -5.64
N GLU A 1130 -50.71 -22.58 -4.91
CA GLU A 1130 -50.39 -21.77 -3.75
C GLU A 1130 -48.94 -22.00 -3.34
N PRO A 1131 -48.44 -21.32 -2.31
CA PRO A 1131 -49.14 -20.39 -1.41
C PRO A 1131 -49.31 -19.00 -2.01
N TRP A 1132 -49.50 -18.90 -3.33
CA TRP A 1132 -49.76 -17.59 -3.93
C TRP A 1132 -51.13 -17.07 -3.49
N ARG A 1133 -52.13 -17.93 -3.46
CA ARG A 1133 -53.50 -17.51 -3.18
C ARG A 1133 -53.59 -16.85 -1.81
N ILE A 1134 -54.34 -15.76 -1.74
CA ILE A 1134 -54.52 -15.03 -0.50
C ILE A 1134 -55.75 -15.60 0.22
N THR A 1135 -55.53 -16.17 1.41
CA THR A 1135 -56.62 -16.70 2.19
C THR A 1135 -57.44 -15.58 2.80
N ASP A 1136 -58.77 -15.71 2.73
CA ASP A 1136 -59.64 -14.69 3.31
C ASP A 1136 -59.35 -14.49 4.79
N ASN A 1137 -58.96 -15.56 5.49
CA ASN A 1137 -58.64 -15.44 6.91
C ASN A 1137 -57.51 -14.44 7.13
N GLU A 1138 -56.46 -14.53 6.32
CA GLU A 1138 -55.36 -13.58 6.46
C GLU A 1138 -55.76 -12.19 5.98
N LEU A 1139 -56.54 -12.11 4.89
CA LEU A 1139 -56.99 -10.82 4.40
C LEU A 1139 -57.81 -10.08 5.44
N GLU A 1140 -58.53 -10.81 6.29
CA GLU A 1140 -59.29 -10.19 7.36
C GLU A 1140 -58.47 -10.01 8.63
N LEU A 1141 -57.44 -10.83 8.84
CA LEU A 1141 -56.61 -10.74 10.03
C LEU A 1141 -55.52 -9.69 9.92
N TYR A 1142 -55.25 -9.17 8.73
CA TYR A 1142 -54.20 -8.18 8.51
C TYR A 1142 -54.73 -6.95 7.79
N LYS A 1143 -56.00 -6.60 8.02
CA LYS A 1143 -56.55 -5.40 7.41
C LYS A 1143 -55.81 -4.15 7.87
N THR A 1144 -55.28 -4.16 9.09
CA THR A 1144 -54.55 -3.01 9.58
C THR A 1144 -53.33 -2.72 8.71
N LYS A 1145 -52.56 -3.75 8.36
CA LYS A 1145 -51.34 -3.53 7.59
C LYS A 1145 -51.66 -3.09 6.17
N THR A 1146 -52.70 -3.64 5.55
CA THR A 1146 -53.10 -3.21 4.21
C THR A 1146 -53.54 -1.75 4.23
N TYR A 1147 -54.39 -1.39 5.19
CA TYR A 1147 -54.81 -0.01 5.32
C TYR A 1147 -53.62 0.90 5.58
N ARG A 1148 -52.65 0.42 6.36
CA ARG A 1148 -51.45 1.19 6.64
C ARG A 1148 -50.65 1.43 5.38
N GLN A 1149 -50.52 0.41 4.52
CA GLN A 1149 -49.81 0.59 3.26
C GLN A 1149 -50.51 1.61 2.37
N ILE A 1150 -51.84 1.51 2.26
CA ILE A 1150 -52.55 2.45 1.39
C ILE A 1150 -52.47 3.87 1.93
N ARG A 1151 -52.66 4.03 3.25
CA ARG A 1151 -52.57 5.34 3.86
C ARG A 1151 -51.16 5.92 3.73
N LEU A 1152 -50.15 5.07 3.87
CA LEU A 1152 -48.76 5.53 3.72
C LEU A 1152 -48.49 6.00 2.29
N ASN A 1153 -49.04 5.29 1.30
CA ASN A 1153 -48.89 5.76 -0.08
C ASN A 1153 -49.59 7.09 -0.27
N GLU A 1154 -50.77 7.26 0.31
CA GLU A 1154 -51.46 8.55 0.26
C GLU A 1154 -50.59 9.65 0.85
N LEU A 1155 -50.02 9.39 2.03
CA LEU A 1155 -49.20 10.39 2.70
C LEU A 1155 -47.95 10.72 1.88
N LEU A 1156 -47.31 9.70 1.31
CA LEU A 1156 -46.14 9.93 0.48
C LEU A 1156 -46.48 10.79 -0.73
N LYS A 1157 -47.61 10.50 -1.37
CA LYS A 1157 -48.01 11.30 -2.53
C LYS A 1157 -48.32 12.73 -2.12
N GLU A 1158 -48.94 12.93 -0.95
CA GLU A 1158 -49.32 14.26 -0.51
C GLU A 1158 -48.13 15.09 -0.04
N HIS A 1159 -47.09 14.45 0.52
CA HIS A 1159 -45.98 15.16 1.11
C HIS A 1159 -44.67 15.05 0.34
N SER A 1160 -44.30 13.84 -0.09
CA SER A 1160 -42.98 13.58 -0.64
C SER A 1160 -42.96 13.55 -2.16
N SER A 1161 -44.04 13.98 -2.81
CA SER A 1161 -44.11 13.95 -4.26
C SER A 1161 -43.00 14.76 -4.93
N THR A 1162 -42.47 15.77 -4.25
CA THR A 1162 -41.45 16.63 -4.82
C THR A 1162 -40.03 16.23 -4.44
N ALA A 1163 -39.87 15.13 -3.70
CA ALA A 1163 -38.55 14.72 -3.26
C ALA A 1163 -37.72 14.19 -4.42
N ASN A 1164 -36.40 14.37 -4.32
CA ASN A 1164 -35.50 13.73 -5.28
C ASN A 1164 -35.43 12.23 -5.06
N ILE A 1165 -35.48 11.80 -3.81
CA ILE A 1165 -35.50 10.38 -3.46
C ILE A 1165 -36.25 10.23 -2.15
N ILE A 1166 -36.97 9.11 -2.01
CA ILE A 1166 -37.68 8.77 -0.78
C ILE A 1166 -37.02 7.52 -0.20
N VAL A 1167 -36.85 7.52 1.12
CA VAL A 1167 -36.40 6.34 1.85
C VAL A 1167 -37.46 6.04 2.89
N MET A 1168 -38.01 4.82 2.83
CA MET A 1168 -39.11 4.44 3.71
C MET A 1168 -38.85 3.06 4.29
N SER A 1169 -39.37 2.84 5.50
CA SER A 1169 -39.24 1.54 6.14
C SER A 1169 -39.90 0.46 5.31
N LEU A 1170 -39.25 -0.70 5.22
CA LEU A 1170 -39.75 -1.80 4.42
C LEU A 1170 -40.68 -2.66 5.25
N PRO A 1171 -41.95 -2.81 4.88
CA PRO A 1171 -42.84 -3.70 5.63
C PRO A 1171 -42.26 -5.10 5.71
N VAL A 1172 -42.39 -5.72 6.88
CA VAL A 1172 -41.91 -7.09 7.11
C VAL A 1172 -43.10 -7.97 7.40
N ALA A 1173 -43.24 -9.05 6.63
CA ALA A 1173 -44.32 -10.01 6.80
C ALA A 1173 -43.76 -11.30 7.39
N ARG A 1174 -44.38 -11.78 8.46
CA ARG A 1174 -43.95 -13.03 9.07
C ARG A 1174 -44.11 -14.17 8.08
N LYS A 1175 -43.10 -15.02 7.99
CA LYS A 1175 -43.15 -16.13 7.04
C LYS A 1175 -44.16 -17.17 7.52
N GLY A 1176 -45.03 -17.58 6.60
CA GLY A 1176 -46.11 -18.50 6.91
C GLY A 1176 -47.42 -17.85 7.28
N ALA A 1177 -47.40 -16.55 7.58
CA ALA A 1177 -48.62 -15.83 7.95
C ALA A 1177 -49.25 -15.11 6.76
N VAL A 1178 -48.44 -14.60 5.84
CA VAL A 1178 -48.91 -13.84 4.69
C VAL A 1178 -48.45 -14.53 3.42
N SER A 1179 -49.34 -14.58 2.43
CA SER A 1179 -48.98 -15.16 1.14
C SER A 1179 -48.04 -14.23 0.39
N SER A 1180 -47.30 -14.81 -0.56
CA SER A 1180 -46.38 -14.02 -1.37
C SER A 1180 -47.12 -12.96 -2.18
N ALA A 1181 -48.29 -13.32 -2.74
CA ALA A 1181 -49.05 -12.36 -3.52
C ALA A 1181 -49.47 -11.16 -2.68
N LEU A 1182 -49.91 -11.40 -1.44
CA LEU A 1182 -50.33 -10.30 -0.59
C LEU A 1182 -49.15 -9.41 -0.22
N TYR A 1183 -48.00 -10.01 0.05
CA TYR A 1183 -46.80 -9.21 0.35
C TYR A 1183 -46.42 -8.34 -0.84
N MET A 1184 -46.42 -8.93 -2.04
CA MET A 1184 -46.12 -8.16 -3.24
C MET A 1184 -47.13 -7.03 -3.45
N ALA A 1185 -48.41 -7.30 -3.18
CA ALA A 1185 -49.41 -6.25 -3.31
C ALA A 1185 -49.20 -5.14 -2.28
N TRP A 1186 -48.81 -5.51 -1.06
CA TRP A 1186 -48.45 -4.51 -0.07
C TRP A 1186 -47.35 -3.60 -0.60
N LEU A 1187 -46.27 -4.20 -1.10
CA LEU A 1187 -45.16 -3.40 -1.62
C LEU A 1187 -45.60 -2.51 -2.77
N GLU A 1188 -46.40 -3.06 -3.69
CA GLU A 1188 -46.83 -2.29 -4.85
C GLU A 1188 -47.71 -1.12 -4.43
N ALA A 1189 -48.64 -1.35 -3.52
CA ALA A 1189 -49.48 -0.26 -3.03
C ALA A 1189 -48.64 0.80 -2.33
N LEU A 1190 -47.65 0.38 -1.55
CA LEU A 1190 -46.82 1.33 -0.83
C LEU A 1190 -46.04 2.21 -1.80
N SER A 1191 -45.42 1.61 -2.81
CA SER A 1191 -44.44 2.30 -3.64
C SER A 1191 -45.00 2.83 -4.95
N LYS A 1192 -46.29 2.65 -5.23
CA LYS A 1192 -46.82 2.98 -6.54
C LYS A 1192 -46.82 4.50 -6.79
N ASP A 1193 -46.39 4.88 -8.00
CA ASP A 1193 -46.52 6.25 -8.50
C ASP A 1193 -45.86 7.22 -7.52
N LEU A 1194 -44.53 7.12 -7.45
CA LEU A 1194 -43.75 7.96 -6.56
C LEU A 1194 -42.38 8.22 -7.19
N PRO A 1195 -41.69 9.26 -6.76
CA PRO A 1195 -40.29 9.45 -7.17
C PRO A 1195 -39.46 8.24 -6.80
N PRO A 1196 -38.20 8.18 -7.26
CA PRO A 1196 -37.34 7.06 -6.86
C PRO A 1196 -37.47 6.75 -5.38
N ILE A 1197 -37.70 5.49 -5.03
CA ILE A 1197 -38.00 5.10 -3.66
C ILE A 1197 -37.13 3.92 -3.27
N LEU A 1198 -36.68 3.93 -2.01
CA LEU A 1198 -35.91 2.85 -1.42
C LEU A 1198 -36.64 2.37 -0.17
N LEU A 1199 -37.16 1.16 -0.22
CA LEU A 1199 -37.74 0.51 0.96
C LEU A 1199 -36.64 -0.25 1.66
N VAL A 1200 -36.29 0.19 2.87
CA VAL A 1200 -35.14 -0.32 3.61
C VAL A 1200 -35.64 -0.97 4.89
N ARG A 1201 -35.19 -2.21 5.13
CA ARG A 1201 -35.39 -2.89 6.39
C ARG A 1201 -34.03 -3.42 6.83
N GLY A 1202 -33.46 -2.80 7.86
CA GLY A 1202 -32.13 -3.14 8.30
C GLY A 1202 -32.09 -4.41 9.13
N ASN A 1203 -30.87 -4.79 9.52
CA ASN A 1203 -30.65 -6.01 10.29
C ASN A 1203 -31.35 -5.97 11.64
N HIS A 1204 -31.68 -4.78 12.15
CA HIS A 1204 -32.14 -4.53 13.51
C HIS A 1204 -30.97 -4.54 14.48
N GLN A 1205 -29.74 -4.72 13.99
CA GLN A 1205 -28.55 -4.50 14.78
C GLN A 1205 -28.15 -3.04 14.68
N SER A 1206 -27.70 -2.48 15.80
CA SER A 1206 -27.39 -1.05 15.82
C SER A 1206 -26.36 -0.71 14.76
N VAL A 1207 -26.70 0.24 13.90
CA VAL A 1207 -25.81 0.68 12.83
C VAL A 1207 -25.29 2.10 13.05
N LEU A 1208 -25.94 2.88 13.91
CA LEU A 1208 -25.47 4.21 14.30
C LEU A 1208 -25.15 4.21 15.79
N THR A 1209 -24.39 5.22 16.20
CA THR A 1209 -24.05 5.39 17.61
C THR A 1209 -23.73 6.85 17.86
N PHE A 1210 -23.95 7.29 19.10
CA PHE A 1210 -23.54 8.62 19.53
C PHE A 1210 -22.51 8.56 20.64
N TYR A 1211 -21.68 7.52 20.66
CA TYR A 1211 -20.56 7.41 21.58
C TYR A 1211 -19.27 7.40 20.78
N SER A 1212 -18.31 8.21 21.19
CA SER A 1212 -17.04 8.31 20.49
C SER A 1212 -16.13 7.15 20.86
N TPO B 217 -49.00 -2.78 16.24
CA TPO B 217 -47.87 -3.37 15.55
CB TPO B 217 -47.44 -2.50 14.36
CG2 TPO B 217 -46.65 -1.28 14.84
OG1 TPO B 217 -46.65 -3.26 13.44
P TPO B 217 -47.56 -3.66 12.17
O1P TPO B 217 -47.47 -2.59 11.16
O2P TPO B 217 -47.09 -5.07 11.57
O3P TPO B 217 -49.10 -3.77 12.64
C TPO B 217 -46.69 -3.58 16.51
O TPO B 217 -46.39 -2.72 17.34
N MET B 218 -46.03 -4.73 16.40
CA MET B 218 -44.90 -5.04 17.27
C MET B 218 -43.62 -4.35 16.79
N ASP B 219 -43.74 -3.61 15.69
CA ASP B 219 -42.61 -2.85 15.18
C ASP B 219 -42.49 -1.55 15.96
N ALA B 220 -41.27 -1.28 16.44
CA ALA B 220 -41.03 -0.15 17.33
C ALA B 220 -40.58 1.07 16.52
N VAL B 221 -41.19 2.21 16.80
CA VAL B 221 -40.83 3.46 16.14
C VAL B 221 -39.43 3.86 16.61
N PRO B 222 -38.70 4.66 15.84
CA PRO B 222 -37.36 5.08 16.28
C PRO B 222 -37.44 5.82 17.61
N ARG B 223 -36.51 5.51 18.50
CA ARG B 223 -36.52 6.08 19.85
C ARG B 223 -35.11 6.04 20.43
N ILE B 224 -34.74 7.12 21.12
CA ILE B 224 -33.39 7.26 21.64
C ILE B 224 -33.02 6.16 22.61
N ASP B 225 -34.01 5.46 23.17
CA ASP B 225 -33.73 4.44 24.18
C ASP B 225 -33.13 3.18 23.57
N HIS B 226 -33.45 2.86 22.32
CA HIS B 226 -32.87 1.67 21.70
C HIS B 226 -31.37 1.80 21.55
N TYR B 227 -30.89 2.99 21.17
CA TYR B 227 -29.47 3.21 20.91
C TYR B 227 -28.70 3.61 22.16
N ARG B 228 -29.37 4.05 23.22
CA ARG B 228 -28.71 4.47 24.45
C ARG B 228 -28.48 3.23 25.31
N HIS B 229 -27.31 2.61 25.14
CA HIS B 229 -27.01 1.39 25.89
C HIS B 229 -25.62 1.32 26.50
N THR B 230 -24.67 2.18 26.09
CA THR B 230 -23.30 2.09 26.60
C THR B 230 -23.01 3.08 27.70
N ALA B 231 -23.50 4.31 27.60
CA ALA B 231 -23.27 5.34 28.60
C ALA B 231 -24.51 5.62 29.45
N ALA B 232 -25.57 4.84 29.30
CA ALA B 232 -26.78 5.03 30.08
C ALA B 232 -27.57 3.74 30.10
N GLN B 233 -28.48 3.64 31.07
CA GLN B 233 -29.34 2.46 31.18
C GLN B 233 -30.31 2.39 30.01
N LEU B 234 -30.59 1.17 29.55
CA LEU B 234 -31.52 0.99 28.45
C LEU B 234 -32.97 1.14 28.92
N GLY B 235 -33.36 0.40 29.94
CA GLY B 235 -34.70 0.45 30.48
C GLY B 235 -35.52 -0.77 30.08
N GLU B 236 -36.77 -0.78 30.55
CA GLU B 236 -37.69 -1.86 30.27
C GLU B 236 -38.30 -1.74 28.88
N LYS B 237 -38.96 -0.62 28.61
CA LYS B 237 -39.57 -0.38 27.30
C LYS B 237 -38.57 0.05 26.24
N LEU B 238 -37.34 0.40 26.64
CA LEU B 238 -36.31 0.80 25.68
C LEU B 238 -35.60 -0.43 25.13
N LEU B 239 -36.33 -1.17 24.30
CA LEU B 239 -35.80 -2.39 23.69
C LEU B 239 -36.55 -2.60 22.38
N ARG B 240 -35.87 -2.31 21.27
CA ARG B 240 -36.48 -2.51 19.94
C ARG B 240 -36.66 -4.01 19.73
N PRO B 241 -37.67 -4.45 18.97
CA PRO B 241 -37.81 -5.87 18.65
C PRO B 241 -36.71 -6.34 17.72
N SER B 242 -36.27 -7.58 17.94
CA SER B 242 -35.30 -8.19 17.07
C SER B 242 -35.96 -8.61 15.76
N LEU B 243 -35.16 -8.68 14.69
CA LEU B 243 -35.69 -9.05 13.40
C LEU B 243 -36.31 -10.44 13.43
N ALA B 244 -35.75 -11.35 14.24
CA ALA B 244 -36.31 -12.68 14.36
C ALA B 244 -37.69 -12.64 15.02
N GLU B 245 -37.86 -11.81 16.04
CA GLU B 245 -39.14 -11.72 16.73
C GLU B 245 -40.24 -11.17 15.83
N LEU B 246 -39.88 -10.53 14.72
CA LEU B 246 -40.86 -9.99 13.79
C LEU B 246 -41.00 -10.80 12.52
N HIS B 247 -40.00 -11.59 12.15
CA HIS B 247 -40.03 -12.38 10.93
C HIS B 247 -40.18 -13.88 11.18
N ASP B 248 -39.62 -14.39 12.27
CA ASP B 248 -39.72 -15.82 12.56
C ASP B 248 -41.17 -16.23 12.78
N GLU B 249 -41.48 -17.46 12.40
CA GLU B 249 -42.85 -17.96 12.51
C GLU B 249 -43.10 -18.56 13.89
N LEU B 250 -44.25 -18.25 14.44
CA LEU B 250 -44.64 -18.75 15.77
C LEU B 250 -46.00 -18.19 16.18
N VAL B 282 -21.26 14.50 39.11
CA VAL B 282 -21.87 15.29 40.16
C VAL B 282 -21.63 16.78 39.91
N VAL B 283 -20.38 17.14 39.67
CA VAL B 283 -19.99 18.53 39.42
C VAL B 283 -19.72 18.67 37.93
N LYS B 284 -20.50 19.53 37.27
CA LYS B 284 -20.37 19.77 35.84
C LYS B 284 -20.24 21.28 35.60
N PHE B 285 -19.26 21.65 34.78
CA PHE B 285 -18.97 23.04 34.51
C PHE B 285 -19.48 23.43 33.12
N GLY B 286 -19.79 24.72 32.96
CA GLY B 286 -20.17 25.25 31.67
C GLY B 286 -18.98 25.51 30.78
N TRP B 287 -19.27 26.05 29.59
CA TRP B 287 -18.21 26.29 28.62
C TRP B 287 -17.33 27.48 29.01
N ILE B 288 -17.87 28.42 29.77
CA ILE B 288 -17.09 29.59 30.18
C ILE B 288 -16.17 29.25 31.33
N LYS B 289 -16.74 28.83 32.47
CA LYS B 289 -15.95 28.50 33.65
C LYS B 289 -15.20 27.18 33.50
N GLY B 290 -15.48 26.40 32.46
CA GLY B 290 -14.85 25.11 32.31
C GLY B 290 -13.80 25.03 31.22
N VAL B 291 -13.98 25.77 30.14
CA VAL B 291 -13.11 25.72 28.98
C VAL B 291 -12.46 27.09 28.71
N LEU B 292 -13.27 28.13 28.64
CA LEU B 292 -12.75 29.45 28.29
C LEU B 292 -11.71 29.92 29.31
N VAL B 293 -12.08 29.91 30.59
CA VAL B 293 -11.20 30.45 31.63
C VAL B 293 -9.93 29.61 31.72
N ARG B 294 -10.08 28.29 31.73
CA ARG B 294 -8.90 27.42 31.87
C ARG B 294 -7.96 27.57 30.68
N CYS B 295 -8.52 27.60 29.47
CA CYS B 295 -7.68 27.77 28.28
C CYS B 295 -6.96 29.11 28.30
N MET B 296 -7.67 30.18 28.64
CA MET B 296 -7.04 31.50 28.68
C MET B 296 -5.96 31.56 29.74
N LEU B 297 -6.19 30.96 30.90
CA LEU B 297 -5.20 31.02 31.97
C LEU B 297 -3.99 30.14 31.67
N ASN B 298 -4.19 29.02 30.98
CA ASN B 298 -3.06 28.16 30.64
C ASN B 298 -2.24 28.75 29.50
N ILE B 299 -2.88 29.42 28.53
CA ILE B 299 -2.15 30.00 27.42
C ILE B 299 -1.26 31.15 27.92
N TRP B 300 -1.77 31.96 28.84
CA TRP B 300 -1.01 33.09 29.36
C TRP B 300 -0.04 32.63 30.43
N GLY B 301 1.23 32.98 30.25
CA GLY B 301 2.28 32.67 31.20
C GLY B 301 3.00 33.94 31.62
N VAL B 302 4.32 33.83 31.80
CA VAL B 302 5.12 34.98 32.19
C VAL B 302 5.71 35.69 30.98
N MET B 303 5.22 35.41 29.78
CA MET B 303 5.71 36.07 28.58
C MET B 303 5.05 37.42 28.34
N LEU B 304 3.98 37.74 29.04
CA LEU B 304 3.31 39.02 28.89
C LEU B 304 3.93 40.13 29.72
N PHE B 305 4.85 39.79 30.63
CA PHE B 305 5.48 40.77 31.49
C PHE B 305 6.99 40.64 31.58
N ILE B 306 7.58 39.61 30.97
CA ILE B 306 8.99 39.29 31.12
C ILE B 306 9.72 39.28 29.79
N ARG B 307 9.13 38.65 28.78
CA ARG B 307 9.84 38.39 27.53
C ARG B 307 9.24 39.06 26.31
N LEU B 308 7.96 39.46 26.35
CA LEU B 308 7.36 40.07 25.17
C LEU B 308 8.05 41.37 24.80
N SER B 309 8.39 42.19 25.80
CA SER B 309 9.11 43.42 25.53
C SER B 309 10.45 43.15 24.87
N TRP B 310 11.20 42.18 25.40
CA TRP B 310 12.50 41.85 24.82
C TRP B 310 12.35 41.35 23.40
N ILE B 311 11.32 40.53 23.15
CA ILE B 311 11.10 40.02 21.80
C ILE B 311 10.79 41.16 20.84
N VAL B 312 9.93 42.09 21.27
CA VAL B 312 9.58 43.22 20.41
C VAL B 312 10.81 44.09 20.15
N GLY B 313 11.68 44.23 21.15
CA GLY B 313 12.91 44.96 20.93
C GLY B 313 13.82 44.28 19.93
N GLN B 314 14.01 42.96 20.09
CA GLN B 314 14.92 42.23 19.22
C GLN B 314 14.46 42.25 17.77
N ALA B 315 13.17 42.05 17.54
CA ALA B 315 12.58 42.08 16.21
C ALA B 315 11.51 43.15 16.17
N GLY B 316 11.46 43.89 15.07
CA GLY B 316 10.59 45.05 14.97
C GLY B 316 9.13 44.73 15.26
N ILE B 317 8.29 45.77 15.31
CA ILE B 317 6.88 45.56 15.59
C ILE B 317 6.26 44.60 14.59
N GLY B 318 6.53 44.82 13.30
CA GLY B 318 5.96 43.97 12.27
C GLY B 318 6.41 42.52 12.40
N LEU B 319 7.70 42.30 12.65
CA LEU B 319 8.21 40.95 12.72
C LEU B 319 7.68 40.22 13.96
N SER B 320 7.60 40.93 15.09
CA SER B 320 7.02 40.32 16.28
C SER B 320 5.55 39.96 16.06
N VAL B 321 4.80 40.86 15.41
CA VAL B 321 3.40 40.57 15.11
C VAL B 321 3.30 39.36 14.19
N LEU B 322 4.25 39.22 13.27
CA LEU B 322 4.26 38.04 12.37
C LEU B 322 4.51 36.78 13.20
N VAL B 323 5.43 36.83 14.15
CA VAL B 323 5.77 35.62 14.96
C VAL B 323 4.50 35.18 15.70
N ILE B 324 3.84 36.15 16.35
CA ILE B 324 2.60 35.83 17.10
C ILE B 324 1.62 35.18 16.14
N MET B 325 1.40 35.78 14.98
CA MET B 325 0.40 35.28 14.00
C MET B 325 0.73 33.85 13.56
N MET B 326 2.01 33.53 13.33
CA MET B 326 2.41 32.17 12.87
C MET B 326 2.20 31.15 14.01
N ALA B 327 2.52 31.55 15.24
CA ALA B 327 2.25 30.64 16.37
C ALA B 327 0.74 30.41 16.46
N THR B 328 -0.04 31.45 16.18
CA THR B 328 -1.51 31.35 16.26
C THR B 328 -2.01 30.42 15.16
N VAL B 329 -1.40 30.48 13.99
CA VAL B 329 -1.76 29.53 12.89
C VAL B 329 -1.52 28.13 13.44
N VAL B 330 -0.34 27.88 14.00
CA VAL B 330 -0.13 26.47 14.45
C VAL B 330 -1.20 26.12 15.47
N THR B 331 -1.54 27.02 16.39
CA THR B 331 -2.51 26.70 17.48
C THR B 331 -3.95 26.64 16.94
N THR B 332 -4.32 27.57 16.06
CA THR B 332 -5.68 27.58 15.53
C THR B 332 -5.96 26.32 14.73
N ILE B 333 -4.99 25.86 13.94
CA ILE B 333 -5.17 24.61 13.23
C ILE B 333 -5.34 23.47 14.23
N THR B 334 -4.51 23.45 15.27
CA THR B 334 -4.64 22.41 16.29
C THR B 334 -6.02 22.47 16.95
N GLY B 335 -6.50 23.67 17.26
CA GLY B 335 -7.80 23.80 17.91
C GLY B 335 -8.94 23.38 17.01
N LEU B 336 -8.86 23.70 15.72
CA LEU B 336 -9.89 23.24 14.78
C LEU B 336 -9.92 21.72 14.72
N SER B 337 -8.74 21.09 14.65
CA SER B 337 -8.70 19.63 14.66
C SER B 337 -9.27 19.07 15.95
N THR B 338 -8.97 19.71 17.08
CA THR B 338 -9.47 19.24 18.36
C THR B 338 -11.00 19.33 18.41
N SER B 339 -11.57 20.44 17.95
CA SER B 339 -13.02 20.57 17.94
C SER B 339 -13.65 19.54 17.01
N ALA B 340 -13.04 19.30 15.84
CA ALA B 340 -13.55 18.28 14.95
C ALA B 340 -13.54 16.90 15.60
N ILE B 341 -12.44 16.58 16.30
CA ILE B 341 -12.34 15.27 16.94
C ILE B 341 -13.21 15.17 18.18
N ALA B 342 -13.63 16.29 18.76
CA ALA B 342 -14.45 16.28 19.96
C ALA B 342 -15.94 16.38 19.67
N THR B 343 -16.33 16.75 18.44
CA THR B 343 -17.74 16.85 18.08
C THR B 343 -18.23 15.62 17.33
N ASN B 344 -17.71 14.44 17.65
CA ASN B 344 -18.12 13.20 17.01
C ASN B 344 -19.03 12.36 17.89
N GLY B 345 -18.55 11.98 19.08
CA GLY B 345 -19.34 11.23 20.02
C GLY B 345 -19.27 11.84 21.41
N PHE B 346 -19.90 11.16 22.35
CA PHE B 346 -19.85 11.60 23.74
C PHE B 346 -18.47 11.31 24.32
N VAL B 347 -17.84 12.34 24.88
CA VAL B 347 -16.49 12.23 25.42
C VAL B 347 -16.64 11.82 26.88
N ARG B 348 -16.36 10.54 27.16
CA ARG B 348 -16.60 10.01 28.49
C ARG B 348 -15.78 10.76 29.54
N GLY B 349 -14.48 10.88 29.32
CA GLY B 349 -13.61 11.56 30.25
C GLY B 349 -12.24 11.87 29.68
N GLY B 350 -11.20 11.73 30.50
CA GLY B 350 -9.86 12.02 30.05
C GLY B 350 -9.74 13.38 29.40
N GLY B 351 -8.76 13.56 28.54
CA GLY B 351 -8.58 14.83 27.85
C GLY B 351 -8.30 14.63 26.38
N ALA B 352 -7.22 15.24 25.88
CA ALA B 352 -6.81 14.98 24.51
C ALA B 352 -6.48 13.51 24.30
N TYR B 353 -6.10 12.82 25.38
CA TYR B 353 -5.81 11.39 25.28
C TYR B 353 -7.05 10.60 24.86
N TYR B 354 -8.19 10.89 25.46
CA TYR B 354 -9.41 10.17 25.12
C TYR B 354 -9.77 10.40 23.65
N LEU B 355 -9.71 11.65 23.20
CA LEU B 355 -10.01 11.95 21.81
C LEU B 355 -9.06 11.22 20.87
N ILE B 356 -7.76 11.29 21.15
CA ILE B 356 -6.78 10.69 20.26
C ILE B 356 -6.95 9.17 20.21
N SER B 357 -7.15 8.54 21.37
CA SER B 357 -7.32 7.10 21.39
C SER B 357 -8.57 6.69 20.64
N ARG B 358 -9.72 7.27 20.99
CA ARG B 358 -10.97 6.90 20.34
C ARG B 358 -10.94 7.23 18.86
N SER B 359 -10.06 8.14 18.42
CA SER B 359 -9.95 8.45 17.00
C SER B 359 -9.11 7.42 16.27
N LEU B 360 -7.85 7.24 16.68
CA LEU B 360 -6.91 6.44 15.91
C LEU B 360 -6.17 5.42 16.76
N GLY B 361 -6.88 4.69 17.61
CA GLY B 361 -6.37 3.45 18.12
C GLY B 361 -5.54 3.52 19.39
N PRO B 362 -5.50 2.39 20.11
CA PRO B 362 -4.81 2.37 21.41
C PRO B 362 -3.31 2.62 21.33
N GLU B 363 -2.66 2.31 20.20
CA GLU B 363 -1.22 2.48 20.12
C GLU B 363 -0.84 3.96 20.31
N PHE B 364 -1.26 4.79 19.35
CA PHE B 364 -1.05 6.22 19.47
C PHE B 364 -1.72 6.77 20.71
N GLY B 365 -2.90 6.25 21.06
CA GLY B 365 -3.58 6.73 22.24
C GLY B 365 -2.72 6.63 23.49
N GLY B 366 -2.18 5.44 23.75
CA GLY B 366 -1.35 5.25 24.92
C GLY B 366 -0.05 6.03 24.86
N ALA B 367 0.60 6.03 23.70
CA ALA B 367 1.85 6.78 23.58
C ALA B 367 1.62 8.25 23.93
N ILE B 368 0.65 8.88 23.27
CA ILE B 368 0.39 10.30 23.48
C ILE B 368 -0.11 10.54 24.89
N GLY B 369 -0.91 9.62 25.45
CA GLY B 369 -1.40 9.82 26.80
C GLY B 369 -0.28 9.84 27.83
N LEU B 370 0.63 8.87 27.74
CA LEU B 370 1.76 8.85 28.67
C LEU B 370 2.60 10.11 28.50
N ILE B 371 2.92 10.47 27.26
CA ILE B 371 3.79 11.63 27.05
C ILE B 371 3.11 12.90 27.56
N PHE B 372 1.82 13.06 27.28
CA PHE B 372 1.10 14.28 27.67
C PHE B 372 0.97 14.37 29.18
N ALA B 373 0.68 13.24 29.85
CA ALA B 373 0.59 13.26 31.30
C ALA B 373 1.92 13.64 31.92
N PHE B 374 3.02 13.07 31.42
CA PHE B 374 4.33 13.44 31.93
C PHE B 374 4.63 14.91 31.67
N ALA B 375 4.25 15.42 30.49
CA ALA B 375 4.49 16.82 30.17
C ALA B 375 3.76 17.73 31.14
N ASN B 376 2.49 17.42 31.44
CA ASN B 376 1.74 18.25 32.38
C ASN B 376 2.34 18.17 33.78
N ALA B 377 2.72 16.97 34.21
CA ALA B 377 3.32 16.83 35.54
C ALA B 377 4.59 17.67 35.67
N VAL B 378 5.45 17.63 34.64
CA VAL B 378 6.69 18.41 34.68
C VAL B 378 6.39 19.90 34.58
N ALA B 379 5.39 20.27 33.78
CA ALA B 379 5.00 21.67 33.67
C ALA B 379 4.57 22.23 35.01
N VAL B 380 3.94 21.42 35.85
CA VAL B 380 3.58 21.89 37.19
C VAL B 380 4.84 22.39 37.92
N ALA B 381 5.89 21.57 37.92
CA ALA B 381 7.12 21.95 38.59
C ALA B 381 7.76 23.17 37.93
N MET B 382 7.71 23.24 36.60
CA MET B 382 8.31 24.38 35.90
C MET B 382 7.62 25.68 36.28
N TYR B 383 6.29 25.68 36.31
CA TYR B 383 5.55 26.89 36.71
C TYR B 383 5.82 27.24 38.17
N VAL B 384 5.90 26.23 39.05
CA VAL B 384 6.22 26.52 40.44
C VAL B 384 7.61 27.13 40.57
N VAL B 385 8.55 26.66 39.74
CA VAL B 385 9.91 27.20 39.75
C VAL B 385 9.90 28.64 39.26
N GLY B 386 9.08 28.95 38.25
CA GLY B 386 8.95 30.33 37.83
C GLY B 386 8.41 31.23 38.93
N PHE B 387 7.40 30.75 39.65
CA PHE B 387 6.87 31.50 40.80
C PHE B 387 7.97 31.73 41.84
N ALA B 388 8.73 30.69 42.14
CA ALA B 388 9.81 30.81 43.12
C ALA B 388 10.86 31.82 42.65
N GLU B 389 11.19 31.80 41.36
CA GLU B 389 12.17 32.75 40.84
C GLU B 389 11.66 34.19 40.97
N THR B 390 10.39 34.42 40.65
CA THR B 390 9.85 35.77 40.78
C THR B 390 9.89 36.23 42.23
N VAL B 391 9.49 35.36 43.16
CA VAL B 391 9.49 35.74 44.57
C VAL B 391 10.91 35.98 45.06
N VAL B 392 11.86 35.18 44.60
CA VAL B 392 13.25 35.34 45.00
C VAL B 392 13.79 36.67 44.52
N GLU B 393 13.49 37.03 43.27
CA GLU B 393 13.93 38.33 42.76
C GLU B 393 13.31 39.47 43.56
N LEU B 394 12.01 39.36 43.86
CA LEU B 394 11.34 40.41 44.61
C LEU B 394 11.97 40.59 45.98
N LEU B 395 12.27 39.49 46.68
CA LEU B 395 12.84 39.60 48.01
C LEU B 395 14.33 39.94 48.00
N LYS B 396 15.03 39.65 46.89
CA LYS B 396 16.42 40.05 46.77
C LYS B 396 16.55 41.52 46.46
N GLU B 397 15.55 42.11 45.80
CA GLU B 397 15.56 43.55 45.61
C GLU B 397 15.58 44.30 46.93
N HIS B 398 15.16 43.66 48.02
CA HIS B 398 15.16 44.27 49.35
C HIS B 398 16.05 43.52 50.34
N SER B 399 16.83 42.55 49.84
CA SER B 399 17.81 41.85 50.65
C SER B 399 17.18 41.19 51.88
N ILE B 400 16.31 40.23 51.61
CA ILE B 400 15.67 39.44 52.67
C ILE B 400 15.87 37.96 52.37
N LEU B 401 16.85 37.64 51.54
CA LEU B 401 17.11 36.26 51.15
C LEU B 401 17.66 35.46 52.33
N MET B 402 17.41 34.16 52.32
CA MET B 402 17.89 33.25 53.35
C MET B 402 18.44 31.99 52.69
N ILE B 403 19.62 31.56 53.14
CA ILE B 403 20.25 30.34 52.67
C ILE B 403 20.43 30.39 51.15
N ASP B 404 21.19 31.37 50.67
CA ASP B 404 21.52 31.46 49.25
C ASP B 404 20.30 31.83 48.43
N GLU B 405 20.37 31.59 47.12
CA GLU B 405 19.28 31.89 46.20
C GLU B 405 18.60 30.64 45.64
N ILE B 406 19.38 29.70 45.10
CA ILE B 406 18.79 28.46 44.59
C ILE B 406 18.16 27.67 45.72
N ASN B 407 18.85 27.60 46.87
CA ASN B 407 18.31 26.89 48.02
C ASN B 407 17.07 27.56 48.59
N ASP B 408 16.85 28.84 48.33
CA ASP B 408 15.62 29.52 48.69
C ASP B 408 14.52 29.27 47.66
N ILE B 409 14.89 29.20 46.39
CA ILE B 409 13.97 28.88 45.31
C ILE B 409 13.37 27.50 45.61
N ARG B 410 14.22 26.57 46.02
CA ARG B 410 13.74 25.22 46.32
C ARG B 410 12.68 25.25 47.43
N ILE B 411 12.96 25.96 48.52
CA ILE B 411 12.04 26.00 49.65
C ILE B 411 10.72 26.65 49.25
N ILE B 412 10.79 27.80 48.59
CA ILE B 412 9.56 28.50 48.20
C ILE B 412 8.74 27.65 47.24
N GLY B 413 9.41 27.03 46.26
CA GLY B 413 8.69 26.19 45.33
C GLY B 413 8.03 25.00 46.00
N ALA B 414 8.73 24.39 46.96
CA ALA B 414 8.13 23.27 47.69
C ALA B 414 6.88 23.72 48.45
N ILE B 415 6.95 24.89 49.09
CA ILE B 415 5.79 25.37 49.83
C ILE B 415 4.62 25.62 48.89
N THR B 416 4.90 26.27 47.75
CA THR B 416 3.83 26.55 46.79
C THR B 416 3.25 25.26 46.23
N VAL B 417 4.10 24.25 45.97
CA VAL B 417 3.59 22.98 45.44
C VAL B 417 2.70 22.30 46.47
N VAL B 418 3.08 22.35 47.75
CA VAL B 418 2.22 21.77 48.78
C VAL B 418 0.88 22.48 48.82
N ILE B 419 0.89 23.81 48.76
CA ILE B 419 -0.35 24.57 48.80
C ILE B 419 -1.22 24.22 47.59
N LEU B 420 -0.61 24.12 46.42
CA LEU B 420 -1.37 23.80 45.20
C LEU B 420 -1.96 22.40 45.29
N LEU B 421 -1.20 21.44 45.82
CA LEU B 421 -1.74 20.09 46.00
C LEU B 421 -2.93 20.11 46.94
N GLY B 422 -2.83 20.85 48.04
CA GLY B 422 -3.97 20.96 48.95
C GLY B 422 -5.18 21.54 48.25
N ILE B 423 -5.00 22.63 47.50
CA ILE B 423 -6.10 23.26 46.80
C ILE B 423 -6.75 22.29 45.82
N SER B 424 -5.92 21.57 45.06
CA SER B 424 -6.45 20.63 44.07
C SER B 424 -7.23 19.51 44.74
N VAL B 425 -6.70 18.97 45.83
CA VAL B 425 -7.42 17.91 46.55
C VAL B 425 -8.71 18.45 47.14
N ALA B 426 -8.76 19.76 47.43
CA ALA B 426 -9.95 20.33 48.05
C ALA B 426 -11.20 20.16 47.19
N GLY B 427 -11.05 19.81 45.93
CA GLY B 427 -12.17 19.59 45.03
C GLY B 427 -12.03 20.38 43.75
N MET B 428 -13.04 20.26 42.90
CA MET B 428 -13.03 20.90 41.59
C MET B 428 -13.65 22.29 41.60
N GLU B 429 -14.58 22.56 42.52
CA GLU B 429 -15.20 23.88 42.58
C GLU B 429 -14.24 24.90 43.20
N TRP B 430 -13.52 24.51 44.25
CA TRP B 430 -12.54 25.41 44.85
C TRP B 430 -11.46 25.78 43.85
N GLU B 431 -11.01 24.81 43.06
CA GLU B 431 -10.03 25.11 42.02
C GLU B 431 -10.57 26.12 41.02
N ALA B 432 -11.85 25.98 40.65
CA ALA B 432 -12.44 26.94 39.72
C ALA B 432 -12.51 28.33 40.32
N LYS B 433 -12.87 28.44 41.61
CA LYS B 433 -12.90 29.74 42.26
C LYS B 433 -11.51 30.37 42.29
N ALA B 434 -10.50 29.57 42.63
CA ALA B 434 -9.13 30.09 42.62
C ALA B 434 -8.71 30.53 41.23
N GLN B 435 -9.10 29.76 40.20
CA GLN B 435 -8.79 30.13 38.84
C GLN B 435 -9.43 31.46 38.47
N ILE B 436 -10.69 31.67 38.88
CA ILE B 436 -11.36 32.94 38.60
C ILE B 436 -10.64 34.09 39.29
N VAL B 437 -10.25 33.89 40.55
CA VAL B 437 -9.55 34.94 41.28
C VAL B 437 -8.23 35.29 40.57
N LEU B 438 -7.48 34.27 40.17
CA LEU B 438 -6.21 34.50 39.49
C LEU B 438 -6.43 35.22 38.17
N LEU B 439 -7.48 34.84 37.42
CA LEU B 439 -7.78 35.52 36.16
C LEU B 439 -8.10 36.98 36.41
N VAL B 440 -8.88 37.28 37.44
CA VAL B 440 -9.21 38.67 37.73
C VAL B 440 -7.94 39.45 38.05
N ILE B 441 -7.05 38.86 38.85
CA ILE B 441 -5.80 39.54 39.18
C ILE B 441 -4.97 39.81 37.93
N LEU B 442 -4.88 38.81 37.04
CA LEU B 442 -4.08 38.97 35.84
C LEU B 442 -4.67 40.03 34.91
N LEU B 443 -5.99 40.06 34.77
CA LEU B 443 -6.61 41.12 33.96
C LEU B 443 -6.37 42.49 34.58
N LEU B 444 -6.40 42.57 35.92
CA LEU B 444 -6.07 43.82 36.58
C LEU B 444 -4.64 44.24 36.24
N ALA B 445 -3.70 43.30 36.24
CA ALA B 445 -2.32 43.64 35.90
C ALA B 445 -2.21 44.15 34.47
N ILE B 446 -2.89 43.48 33.53
CA ILE B 446 -2.83 43.90 32.13
C ILE B 446 -3.41 45.31 31.99
N GLY B 447 -4.57 45.55 32.60
CA GLY B 447 -5.15 46.88 32.55
C GLY B 447 -4.29 47.92 33.21
N ASP B 448 -3.57 47.55 34.29
CA ASP B 448 -2.67 48.48 34.93
C ASP B 448 -1.55 48.88 33.98
N PHE B 449 -0.97 47.90 33.28
CA PHE B 449 0.08 48.23 32.32
C PHE B 449 -0.46 49.15 31.23
N VAL B 450 -1.65 48.84 30.72
CA VAL B 450 -2.20 49.64 29.63
C VAL B 450 -2.51 51.06 30.10
N ILE B 451 -3.00 51.20 31.33
CA ILE B 451 -3.27 52.54 31.87
C ILE B 451 -1.97 53.31 32.06
N GLY B 452 -0.96 52.65 32.63
CA GLY B 452 0.32 53.32 32.84
C GLY B 452 0.99 53.73 31.55
N THR B 453 0.72 53.01 30.46
CA THR B 453 1.31 53.40 29.19
C THR B 453 0.74 54.70 28.64
N PHE B 454 -0.35 55.21 29.22
CA PHE B 454 -0.96 56.47 28.80
C PHE B 454 -0.65 57.61 29.77
N ILE B 455 0.14 57.36 30.81
CA ILE B 455 0.45 58.40 31.79
C ILE B 455 1.93 58.70 31.76
N PRO B 456 2.43 59.42 30.75
CA PRO B 456 3.86 59.79 30.73
C PRO B 456 4.23 60.52 32.00
N LEU B 457 5.37 60.13 32.58
CA LEU B 457 5.88 60.73 33.80
C LEU B 457 7.38 60.98 33.63
N GLU B 458 7.81 62.21 33.93
CA GLU B 458 9.21 62.55 33.76
C GLU B 458 10.14 61.69 34.61
N SER B 459 9.62 61.09 35.69
CA SER B 459 10.46 60.23 36.52
C SER B 459 11.01 59.06 35.71
N LYS B 460 10.20 58.48 34.83
CA LYS B 460 10.63 57.36 34.00
C LYS B 460 11.41 57.80 32.77
N LYS B 461 11.54 59.11 32.54
CA LYS B 461 12.29 59.60 31.38
C LYS B 461 13.68 59.00 31.29
N PRO B 462 14.46 58.91 32.37
CA PRO B 462 15.76 58.19 32.28
C PRO B 462 15.64 56.76 31.81
N LYS B 463 14.55 56.08 32.18
CA LYS B 463 14.23 54.79 31.59
C LYS B 463 13.72 54.98 30.16
N GLY B 464 13.69 53.87 29.43
CA GLY B 464 13.31 53.95 28.02
C GLY B 464 11.91 54.50 27.78
N PHE B 465 11.03 54.36 28.76
CA PHE B 465 9.64 54.78 28.58
C PHE B 465 9.56 56.27 28.27
N PHE B 466 8.78 56.62 27.25
CA PHE B 466 8.72 58.01 26.81
C PHE B 466 7.28 58.53 26.70
N GLY B 467 6.31 57.65 26.43
CA GLY B 467 4.94 58.12 26.41
C GLY B 467 4.16 58.01 25.11
N TYR B 468 4.37 56.93 24.35
CA TYR B 468 3.57 56.68 23.15
C TYR B 468 3.85 57.72 22.06
N LYS B 469 5.12 57.89 21.74
CA LYS B 469 5.56 58.86 20.74
C LYS B 469 5.80 58.16 19.40
N SER B 470 5.32 58.79 18.32
CA SER B 470 5.40 58.18 17.00
C SER B 470 6.84 57.84 16.63
N GLU B 471 7.77 58.77 16.86
CA GLU B 471 9.16 58.54 16.47
C GLU B 471 9.68 57.20 16.97
N ILE B 472 9.34 56.84 18.22
CA ILE B 472 9.72 55.54 18.75
C ILE B 472 9.10 54.43 17.91
N PHE B 473 7.84 54.62 17.50
CA PHE B 473 7.18 53.60 16.69
C PHE B 473 7.91 53.38 15.38
N ASN B 474 8.25 54.47 14.68
CA ASN B 474 8.97 54.33 13.42
C ASN B 474 10.35 53.72 13.63
N GLU B 475 11.02 54.09 14.72
CA GLU B 475 12.33 53.51 15.01
C GLU B 475 12.24 52.01 15.24
N ASN B 476 11.21 51.56 15.97
CA ASN B 476 11.10 50.17 16.38
C ASN B 476 10.36 49.29 15.37
N PHE B 477 9.76 49.88 14.34
CA PHE B 477 9.03 49.08 13.36
C PHE B 477 9.94 48.13 12.59
N GLY B 478 11.25 48.33 12.62
CA GLY B 478 12.17 47.50 11.89
C GLY B 478 12.94 46.55 12.80
N PRO B 479 13.42 45.45 12.22
CA PRO B 479 14.17 44.47 13.01
C PRO B 479 15.50 45.03 13.50
N ASP B 480 15.94 44.53 14.65
CA ASP B 480 17.27 44.78 15.16
C ASP B 480 18.09 43.51 15.26
N PHE B 481 17.58 42.49 15.95
CA PHE B 481 18.27 41.21 16.11
C PHE B 481 19.70 41.41 16.61
N ARG B 482 19.80 41.97 17.81
CA ARG B 482 21.10 42.18 18.44
C ARG B 482 21.71 40.85 18.86
N GLU B 483 22.90 40.90 19.42
CA GLU B 483 23.59 39.74 19.96
C GLU B 483 23.57 38.61 18.92
N GLU B 484 23.67 37.36 19.37
CA GLU B 484 23.58 36.21 18.49
C GLU B 484 22.14 35.70 18.45
N GLU B 485 21.27 36.56 17.92
CA GLU B 485 19.84 36.28 17.84
C GLU B 485 19.39 36.36 16.39
N THR B 486 18.49 35.47 16.01
CA THR B 486 17.93 35.43 14.66
C THR B 486 16.41 35.33 14.74
N PHE B 487 15.75 35.60 13.61
CA PHE B 487 14.30 35.56 13.57
C PHE B 487 13.76 34.23 14.08
N PHE B 488 14.36 33.12 13.65
CA PHE B 488 13.87 31.82 14.08
C PHE B 488 14.14 31.60 15.57
N SER B 489 15.23 32.15 16.10
CA SER B 489 15.49 32.04 17.53
C SER B 489 14.41 32.74 18.35
N VAL B 490 14.02 33.94 17.93
CA VAL B 490 12.97 34.66 18.65
C VAL B 490 11.63 33.96 18.48
N PHE B 491 11.36 33.41 17.30
CA PHE B 491 10.15 32.64 17.11
C PHE B 491 10.11 31.43 18.04
N ALA B 492 11.24 30.74 18.18
CA ALA B 492 11.31 29.59 19.07
C ALA B 492 11.10 30.02 20.52
N ILE B 493 11.65 31.19 20.89
CA ILE B 493 11.46 31.69 22.25
C ILE B 493 9.99 31.99 22.51
N PHE B 494 9.32 32.60 21.54
CA PHE B 494 7.94 33.03 21.75
C PHE B 494 6.94 31.87 21.69
N PHE B 495 7.15 30.91 20.79
CA PHE B 495 6.10 29.95 20.46
C PHE B 495 5.47 29.27 21.67
N PRO B 496 6.24 28.81 22.67
CA PRO B 496 5.60 28.17 23.83
C PRO B 496 4.50 29.03 24.45
N ALA B 497 4.56 30.34 24.25
CA ALA B 497 3.51 31.22 24.75
C ALA B 497 2.17 30.91 24.10
N ALA B 498 2.17 30.47 22.85
CA ALA B 498 0.93 30.14 22.15
C ALA B 498 0.34 28.81 22.58
N THR B 499 1.09 27.99 23.29
CA THR B 499 0.60 26.68 23.69
C THR B 499 -0.42 26.81 24.83
N GLY B 500 -0.84 25.66 25.36
CA GLY B 500 -1.82 25.64 26.43
C GLY B 500 -3.26 25.66 25.98
N ILE B 501 -3.54 25.36 24.71
CA ILE B 501 -4.90 25.44 24.18
C ILE B 501 -5.78 24.27 24.59
N LEU B 502 -5.22 23.22 25.18
CA LEU B 502 -5.96 22.01 25.51
C LEU B 502 -6.35 21.92 26.98
N ALA B 503 -6.22 23.01 27.73
CA ALA B 503 -6.57 22.97 29.14
C ALA B 503 -8.06 22.65 29.34
N GLY B 504 -8.93 23.28 28.56
CA GLY B 504 -10.35 23.01 28.69
C GLY B 504 -10.72 21.60 28.29
N ALA B 505 -10.15 21.10 27.18
CA ALA B 505 -10.42 19.75 26.74
C ALA B 505 -9.88 18.70 27.70
N ASN B 506 -8.93 19.08 28.55
CA ASN B 506 -8.43 18.15 29.56
C ASN B 506 -9.44 17.90 30.66
N ILE B 507 -10.46 18.75 30.76
CA ILE B 507 -11.49 18.64 31.79
C ILE B 507 -12.77 18.02 31.22
N SER B 508 -12.67 17.31 30.10
CA SER B 508 -13.86 16.79 29.44
C SER B 508 -14.69 15.91 30.37
N GLY B 509 -14.06 15.19 31.28
CA GLY B 509 -14.79 14.31 32.18
C GLY B 509 -15.63 15.02 33.21
N ASP B 510 -15.52 16.36 33.32
CA ASP B 510 -16.28 17.12 34.29
C ASP B 510 -17.02 18.29 33.66
N LEU B 511 -17.15 18.33 32.34
CA LEU B 511 -17.90 19.38 31.67
C LEU B 511 -19.38 19.01 31.60
N ALA B 512 -20.23 20.03 31.64
CA ALA B 512 -21.67 19.79 31.54
C ALA B 512 -22.04 19.23 30.18
N ASP B 513 -21.40 19.72 29.12
CA ASP B 513 -21.73 19.27 27.77
C ASP B 513 -20.55 19.46 26.82
N PRO B 514 -19.59 18.53 26.80
CA PRO B 514 -18.59 18.56 25.73
C PRO B 514 -19.27 18.44 24.38
N GLN B 515 -18.49 18.67 23.33
CA GLN B 515 -18.94 18.79 21.94
C GLN B 515 -19.61 20.14 21.70
N SER B 516 -19.81 20.96 22.73
CA SER B 516 -20.34 22.31 22.55
C SER B 516 -19.48 23.30 23.33
N ALA B 517 -18.90 22.85 24.44
CA ALA B 517 -18.06 23.68 25.29
C ALA B 517 -16.61 23.71 24.82
N ILE B 518 -16.05 22.56 24.47
CA ILE B 518 -14.64 22.50 24.08
C ILE B 518 -14.37 23.36 22.84
N PRO B 519 -15.07 23.19 21.73
CA PRO B 519 -14.71 23.92 20.51
C PRO B 519 -14.78 25.43 20.66
N LYS B 520 -15.98 25.94 21.03
CA LYS B 520 -16.16 27.38 21.12
C LYS B 520 -15.27 27.98 22.21
N GLY B 521 -15.17 27.32 23.36
CA GLY B 521 -14.32 27.83 24.42
C GLY B 521 -12.87 27.91 24.00
N THR B 522 -12.34 26.85 23.39
CA THR B 522 -10.95 26.84 22.97
C THR B 522 -10.70 27.91 21.91
N LEU B 523 -11.60 28.03 20.94
CA LEU B 523 -11.40 29.01 19.88
C LEU B 523 -11.44 30.43 20.44
N LEU B 524 -12.38 30.71 21.35
CA LEU B 524 -12.44 32.03 21.97
C LEU B 524 -11.18 32.31 22.77
N ALA B 525 -10.68 31.32 23.51
CA ALA B 525 -9.46 31.52 24.28
C ALA B 525 -8.30 31.85 23.35
N ILE B 526 -8.17 31.12 22.24
CA ILE B 526 -7.07 31.38 21.31
C ILE B 526 -7.18 32.79 20.75
N LEU B 527 -8.38 33.17 20.31
CA LEU B 527 -8.58 34.48 19.72
C LEU B 527 -8.23 35.59 20.71
N ILE B 528 -8.77 35.51 21.93
CA ILE B 528 -8.55 36.56 22.92
C ILE B 528 -7.08 36.64 23.30
N THR B 529 -6.44 35.50 23.52
CA THR B 529 -5.04 35.51 23.91
C THR B 529 -4.16 36.11 22.82
N THR B 530 -4.41 35.74 21.55
CA THR B 530 -3.61 36.29 20.47
C THR B 530 -3.84 37.78 20.32
N LEU B 531 -5.09 38.23 20.45
CA LEU B 531 -5.37 39.65 20.35
C LEU B 531 -4.65 40.43 21.44
N VAL B 532 -4.68 39.91 22.67
CA VAL B 532 -4.01 40.60 23.78
C VAL B 532 -2.51 40.63 23.54
N TYR B 533 -1.94 39.52 23.06
CA TYR B 533 -0.51 39.49 22.79
C TYR B 533 -0.13 40.55 21.76
N VAL B 534 -0.87 40.62 20.66
CA VAL B 534 -0.58 41.60 19.62
C VAL B 534 -0.71 43.02 20.16
N GLY B 535 -1.78 43.28 20.90
CA GLY B 535 -1.96 44.62 21.47
C GLY B 535 -0.83 45.02 22.38
N ILE B 536 -0.42 44.12 23.28
CA ILE B 536 0.65 44.44 24.21
C ILE B 536 1.97 44.64 23.47
N ALA B 537 2.25 43.80 22.48
CA ALA B 537 3.48 43.97 21.71
C ALA B 537 3.52 45.33 21.04
N VAL B 538 2.45 45.70 20.35
CA VAL B 538 2.43 46.99 19.66
C VAL B 538 2.57 48.13 20.66
N SER B 539 1.82 48.06 21.77
CA SER B 539 1.86 49.14 22.75
C SER B 539 3.25 49.32 23.32
N VAL B 540 3.91 48.22 23.70
CA VAL B 540 5.26 48.34 24.24
C VAL B 540 6.22 48.85 23.18
N GLY B 541 6.01 48.46 21.91
CA GLY B 541 6.89 48.95 20.86
C GLY B 541 6.67 50.39 20.49
N SER B 542 5.54 50.97 20.88
CA SER B 542 5.22 52.36 20.57
C SER B 542 5.48 53.31 21.73
N CYS B 543 6.09 52.85 22.82
CA CYS B 543 6.31 53.71 23.97
C CYS B 543 7.68 53.57 24.63
N VAL B 544 8.56 52.69 24.15
CA VAL B 544 9.86 52.49 24.77
C VAL B 544 10.91 52.34 23.68
N VAL B 545 12.09 52.90 23.93
CA VAL B 545 13.20 52.82 22.99
C VAL B 545 14.03 51.59 23.33
N ARG B 546 14.69 51.03 22.31
CA ARG B 546 15.44 49.75 22.52
C ARG B 546 16.55 49.90 23.56
N ASP B 547 17.35 50.96 23.46
CA ASP B 547 18.46 51.14 24.37
C ASP B 547 18.23 52.38 25.24
N ALA B 548 18.76 52.34 26.45
CA ALA B 548 18.59 53.45 27.37
C ALA B 548 19.55 53.29 28.55
N THR B 549 19.90 54.41 29.17
CA THR B 549 20.72 54.43 30.38
C THR B 549 20.00 55.32 31.39
N GLY B 550 19.46 54.72 32.44
CA GLY B 550 18.61 55.44 33.37
C GLY B 550 19.36 56.20 34.44
N ASN B 551 19.49 57.51 34.25
CA ASN B 551 20.13 58.37 35.23
C ASN B 551 19.71 59.81 34.95
N VAL B 552 19.27 60.51 35.99
CA VAL B 552 18.91 61.92 35.84
C VAL B 552 20.15 62.74 35.51
N ASN B 553 21.29 62.36 36.05
CA ASN B 553 22.55 63.05 35.72
C ASN B 553 22.84 62.97 34.24
N ASP B 554 22.28 61.98 33.54
CA ASP B 554 22.48 61.87 32.10
C ASP B 554 21.87 63.09 31.41
N THR B 555 22.15 63.21 30.11
CA THR B 555 21.73 64.36 29.34
C THR B 555 20.26 64.22 28.97
N ILE B 556 19.44 65.17 29.44
CA ILE B 556 18.02 65.21 29.10
C ILE B 556 17.58 66.57 28.57
N VAL B 557 18.48 67.56 28.51
CA VAL B 557 18.09 68.89 28.04
C VAL B 557 17.76 68.85 26.55
N THR B 558 18.52 68.07 25.77
CA THR B 558 18.35 68.01 24.32
C THR B 558 18.93 69.23 23.62
N GLU B 559 19.95 69.83 24.22
CA GLU B 559 20.60 71.01 23.65
C GLU B 559 21.28 70.67 22.33
N LEU B 560 21.89 71.67 21.70
CA LEU B 560 22.52 71.47 20.40
C LEU B 560 23.42 70.24 20.42
N THR B 561 23.07 69.25 19.60
CA THR B 561 23.83 68.01 19.50
C THR B 561 23.40 67.26 18.25
N ASN B 562 24.36 66.86 17.41
CA ASN B 562 24.02 66.24 16.13
C ASN B 562 23.21 64.97 16.33
N CYS B 563 23.83 63.94 16.91
CA CYS B 563 23.16 62.70 17.29
C CYS B 563 22.14 62.28 16.22
N THR B 564 22.67 62.03 15.01
CA THR B 564 21.82 61.71 13.86
C THR B 564 20.75 60.67 14.18
N SER B 565 21.00 59.81 15.18
CA SER B 565 20.01 58.81 15.56
C SER B 565 18.68 59.46 15.89
N ALA B 566 17.61 58.66 15.88
CA ALA B 566 16.26 59.18 16.11
C ALA B 566 15.89 59.27 17.58
N ALA B 567 16.71 58.72 18.47
CA ALA B 567 16.41 58.78 19.90
C ALA B 567 16.29 60.21 20.41
N CYS B 568 16.97 61.15 19.77
CA CYS B 568 16.91 62.56 20.17
C CYS B 568 15.66 63.27 19.67
N LYS B 569 14.87 62.63 18.80
CA LYS B 569 13.71 63.30 18.21
C LYS B 569 12.88 64.03 19.25
N LEU B 570 12.82 63.51 20.47
CA LEU B 570 12.10 64.16 21.56
C LEU B 570 13.01 64.61 22.69
N ASN B 571 14.06 63.86 22.99
CA ASN B 571 15.00 64.21 24.06
C ASN B 571 16.25 63.35 23.88
N PHE B 572 17.25 63.62 24.71
CA PHE B 572 18.51 62.89 24.67
C PHE B 572 18.71 61.98 25.88
N ASP B 573 17.70 61.84 26.73
CA ASP B 573 17.82 60.97 27.89
C ASP B 573 17.99 59.53 27.45
N PHE B 574 18.94 58.83 28.05
CA PHE B 574 19.20 57.42 27.75
C PHE B 574 19.57 57.25 26.27
N SER B 575 20.68 57.90 25.89
CA SER B 575 21.16 57.86 24.52
C SER B 575 22.68 57.78 24.52
N SER B 576 23.22 57.33 23.39
CA SER B 576 24.67 57.34 23.14
C SER B 576 25.40 56.29 23.96
N CYS B 577 24.78 55.11 24.14
CA CYS B 577 25.49 53.95 24.68
C CYS B 577 25.63 52.85 23.63
N GLU B 578 25.76 53.25 22.36
CA GLU B 578 25.95 52.27 21.29
C GLU B 578 27.24 51.50 21.43
N SER B 579 28.19 52.00 22.22
CA SER B 579 29.44 51.32 22.49
C SER B 579 29.55 50.82 23.93
N SER B 580 29.13 51.64 24.89
CA SER B 580 29.08 51.24 26.29
C SER B 580 27.76 50.54 26.57
N PRO B 581 27.78 49.33 27.15
CA PRO B 581 26.51 48.61 27.37
C PRO B 581 25.55 49.43 28.22
N CYS B 582 24.28 49.38 27.85
CA CYS B 582 23.24 50.14 28.54
C CYS B 582 22.59 49.25 29.60
N SER B 583 21.92 49.88 30.56
CA SER B 583 21.30 49.16 31.66
C SER B 583 19.78 49.14 31.62
N TYR B 584 19.17 49.72 30.59
CA TYR B 584 17.71 49.75 30.46
C TYR B 584 17.37 49.62 28.99
N GLY B 585 16.10 49.87 28.66
CA GLY B 585 15.63 49.81 27.30
C GLY B 585 14.96 48.49 26.95
N LEU B 586 14.43 48.43 25.74
CA LEU B 586 13.70 47.27 25.25
C LEU B 586 14.62 46.12 24.84
N MET B 587 15.91 46.20 25.14
CA MET B 587 16.85 45.14 24.79
C MET B 587 17.76 44.72 25.94
N ASN B 588 17.73 45.41 27.08
CA ASN B 588 18.60 45.08 28.20
C ASN B 588 17.85 44.94 29.52
N ASN B 589 16.60 45.39 29.61
CA ASN B 589 15.81 45.27 30.83
C ASN B 589 14.52 44.52 30.51
N PHE B 590 14.16 43.58 31.38
CA PHE B 590 12.95 42.79 31.19
C PHE B 590 11.78 43.29 32.03
N GLN B 591 12.03 44.10 33.06
CA GLN B 591 11.00 44.63 33.91
C GLN B 591 10.29 45.84 33.32
N VAL B 592 10.45 46.07 32.01
CA VAL B 592 9.96 47.32 31.42
C VAL B 592 8.46 47.47 31.68
N MET B 593 7.69 46.38 31.56
CA MET B 593 6.27 46.45 31.85
C MET B 593 6.04 46.99 33.26
N SER B 594 6.70 46.39 34.25
CA SER B 594 6.57 46.88 35.62
C SER B 594 6.92 48.36 35.71
N MET B 595 7.90 48.80 34.92
CA MET B 595 8.26 50.22 34.94
C MET B 595 7.23 51.06 34.21
N VAL B 596 6.68 50.55 33.11
CA VAL B 596 5.74 51.32 32.31
C VAL B 596 4.33 51.32 32.88
N SER B 597 4.09 50.56 33.94
CA SER B 597 2.76 50.44 34.52
C SER B 597 2.50 51.61 35.46
N GLY B 598 1.41 51.51 36.23
CA GLY B 598 1.11 52.48 37.27
C GLY B 598 1.58 51.94 38.60
N PHE B 599 0.66 51.40 39.39
CA PHE B 599 1.05 50.69 40.60
C PHE B 599 2.06 49.61 40.25
N THR B 600 3.18 49.59 40.98
CA THR B 600 4.28 48.70 40.66
C THR B 600 4.00 47.26 41.10
N PRO B 601 3.68 47.03 42.37
CA PRO B 601 3.47 45.65 42.83
C PRO B 601 2.30 44.95 42.17
N LEU B 602 1.37 45.68 41.55
CA LEU B 602 0.27 45.01 40.87
C LEU B 602 0.74 44.20 39.68
N ILE B 603 1.77 44.66 38.97
CA ILE B 603 2.35 43.87 37.89
C ILE B 603 2.95 42.59 38.43
N SER B 604 3.65 42.67 39.58
CA SER B 604 4.21 41.47 40.19
C SER B 604 3.10 40.51 40.62
N ALA B 605 1.99 41.04 41.13
CA ALA B 605 0.85 40.19 41.47
C ALA B 605 0.27 39.52 40.24
N GLY B 606 0.17 40.25 39.13
CA GLY B 606 -0.28 39.64 37.89
C GLY B 606 0.65 38.55 37.42
N ILE B 607 1.95 38.74 37.61
CA ILE B 607 2.91 37.69 37.27
C ILE B 607 2.71 36.47 38.15
N PHE B 608 2.51 36.69 39.45
CA PHE B 608 2.23 35.59 40.36
C PHE B 608 1.00 34.81 39.91
N SER B 609 -0.07 35.53 39.57
CA SER B 609 -1.30 34.88 39.13
C SER B 609 -1.08 34.09 37.85
N ALA B 610 -0.35 34.68 36.88
CA ALA B 610 -0.10 33.98 35.64
C ALA B 610 0.70 32.71 35.86
N THR B 611 1.70 32.76 36.75
CA THR B 611 2.53 31.59 36.99
C THR B 611 1.80 30.54 37.82
N LEU B 612 0.85 30.95 38.66
CA LEU B 612 0.14 30.01 39.52
C LEU B 612 -1.04 29.35 38.83
N SER B 613 -1.75 30.07 37.96
CA SER B 613 -2.90 29.49 37.27
C SER B 613 -2.46 28.34 36.36
N SER B 614 -1.35 28.51 35.64
CA SER B 614 -0.86 27.44 34.78
C SER B 614 -0.45 26.22 35.59
N ALA B 615 0.22 26.43 36.72
CA ALA B 615 0.60 25.31 37.57
C ALA B 615 -0.62 24.58 38.09
N LEU B 616 -1.64 25.33 38.53
CA LEU B 616 -2.86 24.70 39.01
C LEU B 616 -3.54 23.90 37.91
N ALA B 617 -3.62 24.49 36.71
CA ALA B 617 -4.26 23.79 35.60
C ALA B 617 -3.52 22.50 35.25
N SER B 618 -2.19 22.55 35.20
CA SER B 618 -1.42 21.35 34.87
C SER B 618 -1.58 20.30 35.96
N LEU B 619 -1.52 20.70 37.23
CA LEU B 619 -1.66 19.74 38.32
C LEU B 619 -3.04 19.10 38.32
N VAL B 620 -4.05 19.84 37.87
CA VAL B 620 -5.39 19.26 37.75
C VAL B 620 -5.46 18.31 36.56
N SER B 621 -4.92 18.72 35.42
CA SER B 621 -5.14 17.99 34.17
C SER B 621 -4.34 16.70 34.11
N ALA B 622 -3.08 16.71 34.57
CA ALA B 622 -2.25 15.52 34.42
C ALA B 622 -2.87 14.29 35.06
N PRO B 623 -3.32 14.33 36.32
CA PRO B 623 -3.97 13.15 36.89
C PRO B 623 -5.21 12.72 36.13
N LYS B 624 -5.96 13.65 35.53
CA LYS B 624 -7.13 13.27 34.75
C LYS B 624 -6.74 12.36 33.59
N ILE B 625 -5.75 12.79 32.79
CA ILE B 625 -5.30 11.99 31.66
C ILE B 625 -4.72 10.67 32.13
N PHE B 626 -3.92 10.70 33.19
CA PHE B 626 -3.32 9.46 33.66
C PHE B 626 -4.37 8.47 34.13
N GLN B 627 -5.39 8.94 34.84
CA GLN B 627 -6.45 8.06 35.31
C GLN B 627 -7.26 7.51 34.15
N ALA B 628 -7.53 8.33 33.13
CA ALA B 628 -8.25 7.83 31.97
C ALA B 628 -7.44 6.73 31.28
N LEU B 629 -6.16 7.01 30.98
CA LEU B 629 -5.32 6.03 30.31
C LEU B 629 -5.08 4.80 31.18
N CYS B 630 -5.26 4.92 32.50
CA CYS B 630 -5.06 3.78 33.38
C CYS B 630 -6.32 2.92 33.45
N LYS B 631 -7.49 3.56 33.47
CA LYS B 631 -8.74 2.82 33.37
C LYS B 631 -8.85 2.11 32.03
N ASP B 632 -8.23 2.67 30.98
CA ASP B 632 -8.17 1.96 29.71
C ASP B 632 -7.33 0.69 29.79
N ASN B 633 -6.52 0.54 30.83
CA ASN B 633 -5.70 -0.65 31.03
C ASN B 633 -4.88 -0.98 29.79
N ILE B 634 -4.06 -0.02 29.37
CA ILE B 634 -3.19 -0.20 28.22
C ILE B 634 -1.81 -0.59 28.70
N TYR B 635 -1.45 -0.13 29.89
CA TYR B 635 -0.25 -0.57 30.59
C TYR B 635 -0.68 -1.25 31.89
N PRO B 636 -0.66 -2.59 31.95
CA PRO B 636 -1.24 -3.27 33.12
C PRO B 636 -0.61 -2.85 34.44
N ALA B 637 0.68 -2.52 34.46
CA ALA B 637 1.33 -2.13 35.70
C ALA B 637 0.72 -0.86 36.30
N PHE B 638 0.02 -0.06 35.51
CA PHE B 638 -0.49 1.23 35.95
C PHE B 638 -1.96 1.18 36.35
N GLN B 639 -2.54 -0.01 36.50
CA GLN B 639 -3.97 -0.10 36.80
C GLN B 639 -4.30 0.52 38.15
N MET B 640 -3.27 0.77 38.97
CA MET B 640 -3.49 1.32 40.30
C MET B 640 -4.02 2.75 40.24
N PHE B 641 -3.39 3.60 39.42
CA PHE B 641 -3.77 5.01 39.33
C PHE B 641 -5.01 5.19 38.45
N ALA B 642 -6.09 4.51 38.85
CA ALA B 642 -7.38 4.66 38.19
C ALA B 642 -8.53 4.85 39.16
N LYS B 643 -8.35 4.54 40.44
CA LYS B 643 -9.43 4.67 41.41
C LYS B 643 -9.85 6.12 41.57
N GLY B 644 -11.15 6.35 41.72
CA GLY B 644 -11.69 7.67 41.97
C GLY B 644 -12.36 7.71 43.33
N TYR B 645 -12.33 8.89 43.97
CA TYR B 645 -12.89 9.08 45.29
C TYR B 645 -13.96 10.17 45.25
N GLY B 646 -14.89 10.08 46.20
CA GLY B 646 -15.91 11.10 46.35
C GLY B 646 -17.04 10.95 45.35
N LYS B 647 -17.97 11.90 45.43
CA LYS B 647 -19.12 11.90 44.53
C LYS B 647 -18.68 12.00 43.08
N ASN B 648 -17.73 12.88 42.79
CA ASN B 648 -17.13 12.99 41.47
C ASN B 648 -15.78 12.29 41.51
N ASN B 649 -15.62 11.26 40.67
CA ASN B 649 -14.39 10.49 40.66
C ASN B 649 -13.18 11.41 40.54
N GLU B 650 -12.34 11.40 41.57
CA GLU B 650 -11.17 12.27 41.63
C GLU B 650 -9.92 11.41 41.77
N PRO B 651 -8.98 11.47 40.83
CA PRO B 651 -7.80 10.60 40.93
C PRO B 651 -6.84 11.03 42.02
N LEU B 652 -7.14 10.66 43.26
CA LEU B 652 -6.30 11.06 44.38
C LEU B 652 -4.88 10.52 44.23
N ARG B 653 -4.75 9.24 43.85
CA ARG B 653 -3.42 8.68 43.62
C ARG B 653 -2.69 9.42 42.51
N GLY B 654 -3.41 9.76 41.44
CA GLY B 654 -2.80 10.55 40.38
C GLY B 654 -2.34 11.91 40.87
N TYR B 655 -3.15 12.55 41.71
CA TYR B 655 -2.76 13.83 42.28
C TYR B 655 -1.48 13.70 43.10
N ILE B 656 -1.40 12.65 43.92
CA ILE B 656 -0.22 12.45 44.75
C ILE B 656 1.01 12.20 43.87
N LEU B 657 0.86 11.37 42.84
CA LEU B 657 2.00 11.08 41.96
C LEU B 657 2.47 12.33 41.22
N THR B 658 1.53 13.13 40.72
CA THR B 658 1.90 14.38 40.06
C THR B 658 2.60 15.32 41.02
N PHE B 659 2.10 15.40 42.27
CA PHE B 659 2.76 16.23 43.26
C PHE B 659 4.19 15.76 43.53
N LEU B 660 4.38 14.44 43.63
CA LEU B 660 5.73 13.92 43.87
C LEU B 660 6.66 14.23 42.72
N ILE B 661 6.19 14.05 41.48
CA ILE B 661 7.03 14.33 40.32
C ILE B 661 7.39 15.81 40.28
N ALA B 662 6.42 16.68 40.51
CA ALA B 662 6.68 18.12 40.50
C ALA B 662 7.64 18.50 41.61
N LEU B 663 7.49 17.90 42.79
CA LEU B 663 8.40 18.20 43.89
C LEU B 663 9.82 17.76 43.57
N GLY B 664 9.99 16.60 42.94
CA GLY B 664 11.32 16.18 42.54
C GLY B 664 11.94 17.13 41.53
N PHE B 665 11.19 17.47 40.49
CA PHE B 665 11.72 18.39 39.48
C PHE B 665 11.96 19.78 40.03
N ILE B 666 11.28 20.15 41.12
CA ILE B 666 11.55 21.42 41.78
C ILE B 666 12.80 21.31 42.65
N LEU B 667 13.00 20.16 43.28
CA LEU B 667 14.22 19.94 44.05
C LEU B 667 15.43 20.01 43.14
N ILE B 668 15.30 19.57 41.90
CA ILE B 668 16.37 19.82 40.92
C ILE B 668 16.59 21.32 40.77
N ALA B 669 15.51 22.08 40.62
CA ALA B 669 15.51 23.53 40.75
C ALA B 669 16.19 24.24 39.58
N GLU B 670 16.76 23.48 38.64
CA GLU B 670 17.39 24.04 37.46
C GLU B 670 16.73 23.39 36.25
N LEU B 671 15.62 23.98 35.80
CA LEU B 671 14.80 23.41 34.74
C LEU B 671 14.97 24.11 33.40
N ASN B 672 15.94 25.02 33.28
CA ASN B 672 16.08 25.77 32.03
C ASN B 672 16.41 24.85 30.86
N VAL B 673 17.04 23.72 31.12
CA VAL B 673 17.41 22.80 30.04
C VAL B 673 16.30 21.81 29.68
N ILE B 674 15.29 21.66 30.54
CA ILE B 674 14.23 20.68 30.29
C ILE B 674 13.03 21.28 29.57
N ALA B 675 12.88 22.60 29.58
CA ALA B 675 11.73 23.24 28.93
C ALA B 675 11.55 22.81 27.48
N PRO B 676 12.59 22.76 26.65
CA PRO B 676 12.38 22.32 25.26
C PRO B 676 11.80 20.92 25.16
N ILE B 677 12.15 20.01 26.07
CA ILE B 677 11.58 18.67 26.04
C ILE B 677 10.06 18.73 26.21
N ILE B 678 9.61 19.51 27.19
CA ILE B 678 8.18 19.65 27.44
C ILE B 678 7.48 20.32 26.25
N SER B 679 8.11 21.35 25.69
CA SER B 679 7.52 22.01 24.53
C SER B 679 7.38 21.04 23.36
N ASN B 680 8.38 20.19 23.15
CA ASN B 680 8.32 19.22 22.07
C ASN B 680 7.28 18.14 22.34
N PHE B 681 7.10 17.75 23.61
CA PHE B 681 6.02 16.83 23.94
C PHE B 681 4.66 17.42 23.60
N PHE B 682 4.45 18.69 23.96
CA PHE B 682 3.19 19.35 23.66
C PHE B 682 2.98 19.45 22.14
N LEU B 683 4.03 19.80 21.42
CA LEU B 683 3.92 19.89 19.96
C LEU B 683 3.64 18.53 19.35
N ALA B 684 4.23 17.47 19.89
CA ALA B 684 3.93 16.12 19.42
C ALA B 684 2.47 15.78 19.62
N SER B 685 1.92 16.15 20.79
CA SER B 685 0.50 15.91 21.02
C SER B 685 -0.36 16.68 20.02
N TYR B 686 0.00 17.93 19.75
CA TYR B 686 -0.75 18.71 18.76
C TYR B 686 -0.68 18.06 17.39
N ALA B 687 0.50 17.61 16.98
CA ALA B 687 0.66 16.95 15.70
C ALA B 687 -0.13 15.67 15.64
N LEU B 688 -0.19 14.92 16.74
CA LEU B 688 -0.99 13.70 16.76
C LEU B 688 -2.47 14.00 16.62
N ILE B 689 -2.94 15.09 17.22
CA ILE B 689 -4.35 15.47 17.05
C ILE B 689 -4.64 15.81 15.59
N ASN B 690 -3.76 16.62 14.98
CA ASN B 690 -3.97 16.99 13.58
C ASN B 690 -3.91 15.76 12.68
N PHE B 691 -2.98 14.85 12.94
CA PHE B 691 -2.90 13.62 12.17
C PHE B 691 -4.09 12.71 12.43
N SER B 692 -4.67 12.76 13.64
CA SER B 692 -5.91 12.04 13.89
C SER B 692 -7.01 12.53 12.97
N VAL B 693 -7.16 13.85 12.87
CA VAL B 693 -8.21 14.38 11.99
C VAL B 693 -7.93 14.01 10.55
N PHE B 694 -6.68 14.14 10.11
CA PHE B 694 -6.33 13.82 8.73
C PHE B 694 -6.57 12.34 8.42
N HIS B 695 -6.17 11.46 9.34
CA HIS B 695 -6.34 10.02 9.15
C HIS B 695 -7.81 9.63 9.14
N ALA B 696 -8.62 10.27 9.99
CA ALA B 696 -10.05 10.01 9.97
C ALA B 696 -10.66 10.48 8.65
N SER B 697 -10.14 11.56 8.08
CA SER B 697 -10.63 11.98 6.77
C SER B 697 -10.13 11.06 5.65
N LEU B 698 -8.97 10.44 5.83
CA LEU B 698 -8.45 9.52 4.83
C LEU B 698 -9.34 8.28 4.74
N ALA B 699 -9.45 7.54 5.84
CA ALA B 699 -10.43 6.47 5.89
C ALA B 699 -11.83 7.07 5.87
N LYS B 700 -12.68 6.57 4.98
CA LYS B 700 -13.98 7.17 4.71
C LYS B 700 -15.10 6.46 5.46
N SER B 701 -14.82 6.01 6.68
CA SER B 701 -15.82 5.33 7.48
C SER B 701 -17.05 6.21 7.67
N PRO B 702 -18.25 5.69 7.47
CA PRO B 702 -19.46 6.51 7.67
C PRO B 702 -19.61 7.03 9.09
N GLY B 703 -18.93 6.42 10.06
CA GLY B 703 -19.02 6.83 11.43
C GLY B 703 -18.18 8.04 11.81
N TRP B 704 -17.48 8.64 10.85
CA TRP B 704 -16.73 9.86 11.14
C TRP B 704 -17.67 10.96 11.64
N ARG B 705 -18.59 11.40 10.79
CA ARG B 705 -19.71 12.27 11.14
C ARG B 705 -19.38 13.27 12.23
N PRO B 706 -18.39 14.15 12.03
CA PRO B 706 -18.13 15.19 13.04
C PRO B 706 -19.17 16.30 12.96
N ALA B 707 -19.61 16.76 14.13
CA ALA B 707 -20.61 17.82 14.19
C ALA B 707 -20.03 19.19 13.91
N PHE B 708 -18.72 19.36 14.01
CA PHE B 708 -18.06 20.64 13.80
C PHE B 708 -17.50 20.69 12.39
N LYS B 709 -17.90 21.70 11.63
CA LYS B 709 -17.37 21.92 10.29
C LYS B 709 -16.07 22.71 10.38
N TYR B 710 -15.57 23.21 9.25
CA TYR B 710 -14.33 23.98 9.20
C TYR B 710 -13.16 23.17 9.75
N TYR B 711 -12.98 21.98 9.18
CA TYR B 711 -11.93 21.07 9.65
C TYR B 711 -11.19 20.41 8.49
N ASN B 712 -11.05 21.11 7.37
CA ASN B 712 -10.51 20.53 6.14
C ASN B 712 -9.32 19.61 6.45
N MET B 713 -9.33 18.43 5.84
CA MET B 713 -8.34 17.41 6.15
C MET B 713 -6.93 17.86 5.76
N TRP B 714 -6.80 18.55 4.62
CA TRP B 714 -5.49 19.01 4.20
C TRP B 714 -4.95 20.07 5.14
N ILE B 715 -5.83 20.91 5.68
CA ILE B 715 -5.40 21.89 6.67
C ILE B 715 -4.89 21.19 7.92
N SER B 716 -5.57 20.11 8.34
CA SER B 716 -5.11 19.36 9.52
C SER B 716 -3.75 18.69 9.26
N LEU B 717 -3.57 18.12 8.07
CA LEU B 717 -2.28 17.52 7.74
C LEU B 717 -1.17 18.57 7.73
N LEU B 718 -1.47 19.73 7.14
CA LEU B 718 -0.50 20.83 7.14
C LEU B 718 -0.20 21.27 8.56
N GLY B 719 -1.20 21.28 9.43
CA GLY B 719 -0.96 21.64 10.82
C GLY B 719 -0.07 20.65 11.54
N ALA B 720 -0.28 19.36 11.30
CA ALA B 720 0.61 18.36 11.89
C ALA B 720 2.03 18.51 11.37
N ILE B 721 2.19 18.76 10.07
CA ILE B 721 3.51 18.99 9.51
C ILE B 721 4.15 20.21 10.13
N LEU B 722 3.37 21.29 10.30
CA LEU B 722 3.90 22.50 10.92
C LEU B 722 4.29 22.26 12.36
N CYS B 723 3.53 21.45 13.08
CA CYS B 723 3.88 21.13 14.46
C CYS B 723 5.20 20.40 14.52
N CYS B 724 5.39 19.40 13.63
CA CYS B 724 6.67 18.69 13.60
C CYS B 724 7.82 19.63 13.24
N ILE B 725 7.61 20.50 12.25
CA ILE B 725 8.67 21.41 11.82
C ILE B 725 9.02 22.39 12.93
N VAL B 726 8.01 22.90 13.63
CA VAL B 726 8.25 23.84 14.72
C VAL B 726 8.99 23.16 15.86
N MET B 727 8.60 21.92 16.19
CA MET B 727 9.29 21.22 17.26
C MET B 727 10.73 20.93 16.89
N PHE B 728 11.01 20.69 15.60
CA PHE B 728 12.40 20.60 15.17
C PHE B 728 13.11 21.95 15.27
N VAL B 729 12.40 23.03 14.94
CA VAL B 729 13.03 24.35 14.89
C VAL B 729 13.66 24.69 16.23
N ILE B 730 12.98 24.38 17.33
CA ILE B 730 13.49 24.61 18.66
C ILE B 730 14.01 23.28 19.20
N ASN B 731 15.30 23.25 19.55
CA ASN B 731 15.89 22.10 20.21
C ASN B 731 15.74 20.83 19.37
N TRP B 732 16.41 20.84 18.22
CA TRP B 732 16.33 19.73 17.27
C TRP B 732 16.59 18.39 17.95
N TRP B 733 17.57 18.31 18.84
CA TRP B 733 17.84 17.04 19.51
C TRP B 733 16.69 16.66 20.44
N ALA B 734 16.03 17.65 21.05
CA ALA B 734 14.83 17.37 21.81
C ALA B 734 13.74 16.78 20.93
N ALA B 735 13.59 17.31 19.71
CA ALA B 735 12.61 16.77 18.78
C ALA B 735 12.95 15.32 18.41
N LEU B 736 14.22 15.04 18.16
CA LEU B 736 14.62 13.67 17.86
C LEU B 736 14.34 12.75 19.04
N LEU B 737 14.63 13.21 20.25
CA LEU B 737 14.38 12.39 21.43
C LEU B 737 12.89 12.10 21.61
N THR B 738 12.05 13.12 21.43
CA THR B 738 10.61 12.91 21.55
C THR B 738 10.10 11.97 20.48
N TYR B 739 10.60 12.10 19.25
CA TYR B 739 10.22 11.17 18.18
C TYR B 739 10.60 9.74 18.56
N VAL B 740 11.81 9.55 19.08
CA VAL B 740 12.27 8.22 19.45
C VAL B 740 11.38 7.64 20.55
N ILE B 741 11.05 8.46 21.55
CA ILE B 741 10.22 7.98 22.66
C ILE B 741 8.84 7.60 22.15
N VAL B 742 8.25 8.43 21.28
CA VAL B 742 6.94 8.13 20.74
C VAL B 742 6.96 6.84 19.96
N LEU B 743 7.99 6.66 19.11
CA LEU B 743 8.08 5.44 18.31
C LEU B 743 8.27 4.22 19.19
N GLY B 744 9.09 4.33 20.24
CA GLY B 744 9.28 3.20 21.14
C GLY B 744 7.99 2.81 21.84
N LEU B 745 7.27 3.79 22.35
CA LEU B 745 5.99 3.50 23.01
C LEU B 745 5.00 2.89 22.02
N TYR B 746 4.96 3.42 20.80
CA TYR B 746 4.07 2.87 19.78
C TYR B 746 4.39 1.41 19.50
N ILE B 747 5.68 1.09 19.34
CA ILE B 747 6.07 -0.29 19.08
C ILE B 747 5.72 -1.18 20.25
N TYR B 748 5.98 -0.72 21.47
CA TYR B 748 5.66 -1.52 22.65
C TYR B 748 4.17 -1.81 22.73
N VAL B 749 3.34 -0.79 22.49
CA VAL B 749 1.89 -0.99 22.56
C VAL B 749 1.42 -1.92 21.45
N THR B 750 1.98 -1.77 20.24
CA THR B 750 1.59 -2.64 19.14
C THR B 750 1.94 -4.10 19.43
N TYR B 751 3.12 -4.34 20.00
CA TYR B 751 3.51 -5.71 20.31
C TYR B 751 2.72 -6.26 21.50
N LYS B 752 2.34 -5.40 22.45
CA LYS B 752 1.57 -5.88 23.59
C LYS B 752 0.17 -6.34 23.18
N LYS B 753 -0.37 -5.77 22.10
CA LYS B 753 -1.67 -6.16 21.59
C LYS B 753 -2.72 -6.08 22.69
N PRO B 754 -3.10 -4.88 23.12
CA PRO B 754 -4.08 -4.77 24.20
C PRO B 754 -5.46 -5.25 23.75
N ASP B 755 -6.23 -5.76 24.71
CA ASP B 755 -7.56 -6.30 24.45
C ASP B 755 -8.57 -5.16 24.58
N VAL B 756 -8.74 -4.41 23.49
CA VAL B 756 -9.64 -3.27 23.47
C VAL B 756 -10.08 -3.04 22.03
N ASN B 757 -11.27 -2.47 21.88
CA ASN B 757 -11.84 -2.22 20.55
C ASN B 757 -12.70 -0.97 20.64
N TRP B 758 -12.25 0.12 19.99
CA TRP B 758 -12.98 1.38 19.99
C TRP B 758 -13.39 1.83 18.59
N GLY B 759 -13.15 1.02 17.57
CA GLY B 759 -13.48 1.42 16.22
C GLY B 759 -12.66 2.59 15.72
N SER B 760 -11.34 2.49 15.85
CA SER B 760 -10.45 3.56 15.45
C SER B 760 -10.43 3.72 13.94
N SER B 761 -9.86 4.83 13.48
CA SER B 761 -9.71 5.08 12.05
C SER B 761 -8.76 4.09 11.39
N THR B 762 -7.87 3.46 12.16
CA THR B 762 -6.95 2.50 11.59
C THR B 762 -7.68 1.30 11.00
N GLN B 763 -8.69 0.79 11.70
CA GLN B 763 -9.44 -0.35 11.20
C GLN B 763 -10.22 0.00 9.94
N ALA B 764 -10.86 1.17 9.92
CA ALA B 764 -11.55 1.64 8.73
C ALA B 764 -10.59 1.77 7.57
N LEU B 765 -9.39 2.29 7.83
CA LEU B 765 -8.40 2.43 6.76
C LEU B 765 -7.93 1.06 6.28
N THR B 766 -7.80 0.09 7.17
CA THR B 766 -7.46 -1.27 6.77
C THR B 766 -8.50 -1.81 5.81
N TYR B 767 -9.78 -1.66 6.16
CA TYR B 767 -10.85 -2.12 5.28
C TYR B 767 -10.78 -1.42 3.93
N LEU B 768 -10.61 -0.09 3.94
CA LEU B 768 -10.61 0.66 2.69
C LEU B 768 -9.42 0.27 1.82
N ASN B 769 -8.26 0.04 2.43
CA ASN B 769 -7.10 -0.39 1.68
C ASN B 769 -7.34 -1.74 1.03
N ALA B 770 -7.88 -2.69 1.80
CA ALA B 770 -8.16 -4.00 1.23
C ALA B 770 -9.15 -3.89 0.08
N LEU B 771 -10.19 -3.08 0.23
CA LEU B 771 -11.19 -2.95 -0.82
C LEU B 771 -10.60 -2.31 -2.07
N GLN B 772 -9.80 -1.26 -1.91
CA GLN B 772 -9.19 -0.62 -3.07
C GLN B 772 -8.23 -1.55 -3.79
N HIS B 773 -7.44 -2.32 -3.04
CA HIS B 773 -6.52 -3.26 -3.67
C HIS B 773 -7.27 -4.36 -4.39
N SER B 774 -8.36 -4.84 -3.81
CA SER B 774 -9.18 -5.83 -4.50
C SER B 774 -9.78 -5.27 -5.79
N ILE B 775 -10.25 -4.02 -5.73
CA ILE B 775 -10.81 -3.39 -6.93
C ILE B 775 -9.76 -3.23 -8.00
N ARG B 776 -8.53 -2.89 -7.61
CA ARG B 776 -7.43 -2.84 -8.56
C ARG B 776 -7.19 -4.21 -9.18
N LEU B 777 -7.09 -5.25 -8.34
CA LEU B 777 -6.82 -6.59 -8.86
C LEU B 777 -7.92 -7.08 -9.78
N SER B 778 -9.15 -6.63 -9.56
CA SER B 778 -10.27 -7.08 -10.39
C SER B 778 -10.12 -6.66 -11.85
N GLY B 779 -9.24 -5.71 -12.15
CA GLY B 779 -9.00 -5.26 -13.51
C GLY B 779 -7.77 -5.85 -14.18
N VAL B 780 -7.17 -6.88 -13.60
CA VAL B 780 -5.95 -7.47 -14.12
C VAL B 780 -6.30 -8.74 -14.89
N GLU B 781 -5.87 -8.82 -16.14
CA GLU B 781 -6.13 -10.00 -16.95
C GLU B 781 -5.29 -11.18 -16.46
N ASP B 782 -5.77 -12.38 -16.76
CA ASP B 782 -5.14 -13.60 -16.30
C ASP B 782 -4.14 -14.11 -17.32
N HIS B 783 -2.98 -14.53 -16.83
CA HIS B 783 -1.92 -15.09 -17.66
C HIS B 783 -1.38 -16.36 -17.03
N VAL B 784 -0.93 -17.28 -17.88
CA VAL B 784 -0.43 -18.56 -17.40
C VAL B 784 0.80 -18.35 -16.51
N LYS B 785 1.63 -17.36 -16.85
CA LYS B 785 2.80 -17.08 -16.03
C LYS B 785 2.41 -16.65 -14.62
N ASN B 786 1.23 -16.07 -14.46
CA ASN B 786 0.78 -15.54 -13.18
C ASN B 786 -0.20 -16.45 -12.47
N PHE B 787 -0.38 -17.69 -12.93
CA PHE B 787 -1.29 -18.60 -12.26
C PHE B 787 -0.82 -18.89 -10.85
N ARG B 788 -1.75 -18.88 -9.91
CA ARG B 788 -1.48 -19.22 -8.53
C ARG B 788 -2.46 -20.29 -8.07
N PRO B 789 -2.03 -21.18 -7.18
CA PRO B 789 -2.97 -22.17 -6.62
C PRO B 789 -3.85 -21.56 -5.55
N GLN B 790 -5.11 -21.31 -5.89
CA GLN B 790 -6.07 -20.71 -4.97
C GLN B 790 -6.96 -21.85 -4.46
N CYS B 791 -6.68 -22.30 -3.25
CA CYS B 791 -7.19 -23.56 -2.75
C CYS B 791 -8.35 -23.34 -1.77
N LEU B 792 -9.42 -24.10 -1.98
CA LEU B 792 -10.53 -24.19 -1.03
C LEU B 792 -10.43 -25.55 -0.36
N VAL B 793 -10.04 -25.55 0.91
CA VAL B 793 -9.79 -26.78 1.66
C VAL B 793 -11.04 -27.08 2.48
N MET B 794 -11.64 -28.24 2.22
CA MET B 794 -12.84 -28.68 2.94
C MET B 794 -12.36 -29.40 4.20
N THR B 795 -12.28 -28.65 5.30
CA THR B 795 -11.72 -29.17 6.54
C THR B 795 -12.67 -29.09 7.73
N GLY B 796 -13.82 -28.44 7.60
CA GLY B 796 -14.69 -28.25 8.74
C GLY B 796 -14.04 -27.34 9.76
N ALA B 797 -13.90 -27.81 10.98
CA ALA B 797 -13.16 -27.05 11.98
C ALA B 797 -11.68 -27.02 11.58
N PRO B 798 -11.06 -25.83 11.49
CA PRO B 798 -9.69 -25.76 11.00
C PRO B 798 -8.64 -26.29 11.97
N ASN B 799 -9.05 -26.88 13.09
CA ASN B 799 -8.12 -27.44 14.06
C ASN B 799 -8.29 -28.94 14.25
N SER B 800 -9.22 -29.57 13.53
CA SER B 800 -9.41 -31.02 13.66
C SER B 800 -8.22 -31.79 13.12
N ARG B 801 -7.70 -31.38 11.96
CA ARG B 801 -6.55 -32.01 11.32
C ARG B 801 -5.49 -30.95 11.09
N PRO B 802 -4.56 -30.78 12.03
CA PRO B 802 -3.55 -29.72 11.89
C PRO B 802 -2.48 -30.03 10.84
N ALA B 803 -2.10 -31.30 10.72
CA ALA B 803 -1.05 -31.66 9.77
C ALA B 803 -1.46 -31.35 8.34
N LEU B 804 -2.70 -31.69 7.97
CA LEU B 804 -3.15 -31.41 6.62
C LEU B 804 -3.23 -29.91 6.36
N LEU B 805 -3.69 -29.15 7.36
CA LEU B 805 -3.73 -27.69 7.20
C LEU B 805 -2.34 -27.12 7.01
N HIS B 806 -1.37 -27.59 7.80
CA HIS B 806 0.01 -27.16 7.62
C HIS B 806 0.50 -27.48 6.21
N LEU B 807 0.26 -28.71 5.76
CA LEU B 807 0.74 -29.11 4.44
C LEU B 807 0.14 -28.24 3.34
N VAL B 808 -1.16 -27.98 3.42
CA VAL B 808 -1.80 -27.14 2.41
C VAL B 808 -1.30 -25.71 2.50
N HIS B 809 -0.98 -25.24 3.71
CA HIS B 809 -0.54 -23.86 3.90
C HIS B 809 0.90 -23.68 3.41
N ASP B 810 1.69 -24.76 3.41
CA ASP B 810 3.07 -24.65 2.95
C ASP B 810 3.15 -24.17 1.50
N PHE B 811 2.36 -24.78 0.61
CA PHE B 811 2.40 -24.43 -0.80
C PHE B 811 1.37 -23.36 -1.17
N THR B 812 0.78 -22.70 -0.19
CA THR B 812 -0.13 -21.59 -0.43
C THR B 812 0.28 -20.28 0.24
N LYS B 813 1.08 -20.34 1.29
CA LYS B 813 1.43 -19.13 2.04
C LYS B 813 2.32 -18.24 1.18
N ASN B 814 1.93 -16.97 1.07
CA ASN B 814 2.66 -15.98 0.28
C ASN B 814 2.48 -16.21 -1.21
N VAL B 815 1.90 -17.36 -1.58
CA VAL B 815 1.62 -17.68 -2.97
C VAL B 815 0.25 -18.35 -3.06
N GLY B 816 -0.75 -17.61 -3.50
CA GLY B 816 -2.08 -18.16 -3.69
C GLY B 816 -2.98 -18.00 -2.48
N LEU B 817 -4.28 -18.21 -2.72
CA LEU B 817 -5.30 -18.06 -1.71
C LEU B 817 -5.58 -19.38 -1.01
N MET B 818 -6.09 -19.28 0.21
CA MET B 818 -6.41 -20.45 1.02
C MET B 818 -7.67 -20.17 1.83
N ILE B 819 -8.75 -20.86 1.51
CA ILE B 819 -10.03 -20.68 2.18
C ILE B 819 -10.39 -21.99 2.88
N CYS B 820 -10.54 -21.93 4.19
CA CYS B 820 -10.95 -23.10 4.97
C CYS B 820 -12.47 -23.13 5.03
N GLY B 821 -13.08 -24.09 4.33
CA GLY B 821 -14.53 -24.16 4.25
C GLY B 821 -15.10 -25.10 5.31
N HIS B 822 -16.11 -24.60 6.02
CA HIS B 822 -16.81 -25.37 7.04
C HIS B 822 -18.30 -25.33 6.76
N VAL B 823 -18.94 -26.50 6.82
CA VAL B 823 -20.37 -26.63 6.57
C VAL B 823 -21.06 -26.96 7.89
N HIS B 824 -22.08 -26.19 8.23
CA HIS B 824 -22.87 -26.39 9.43
C HIS B 824 -24.26 -26.90 9.08
N MET B 825 -24.69 -27.95 9.78
CA MET B 825 -25.99 -28.56 9.57
C MET B 825 -26.84 -28.36 10.81
N GLY B 826 -28.14 -28.61 10.67
CA GLY B 826 -29.06 -28.50 11.78
C GLY B 826 -30.05 -27.37 11.57
N PRO B 827 -30.84 -27.08 12.61
CA PRO B 827 -31.83 -25.99 12.51
C PRO B 827 -31.14 -24.66 12.22
N ARG B 828 -31.82 -23.84 11.41
CA ARG B 828 -31.24 -22.58 10.99
C ARG B 828 -30.99 -21.64 12.16
N ARG B 829 -31.96 -21.55 13.08
CA ARG B 829 -31.86 -20.55 14.16
C ARG B 829 -30.62 -20.78 15.01
N GLN B 830 -30.44 -21.99 15.52
CA GLN B 830 -29.25 -22.29 16.30
C GLN B 830 -27.99 -22.31 15.44
N ALA B 831 -28.14 -22.68 14.16
CA ALA B 831 -26.99 -22.73 13.26
C ALA B 831 -26.37 -21.36 13.07
N MET B 832 -27.21 -20.31 12.99
CA MET B 832 -26.67 -18.97 12.82
C MET B 832 -25.81 -18.56 14.00
N LYS B 833 -26.27 -18.82 15.22
CA LYS B 833 -25.47 -18.49 16.39
C LYS B 833 -24.20 -19.33 16.44
N GLU B 834 -24.30 -20.61 16.12
CA GLU B 834 -23.12 -21.47 16.11
C GLU B 834 -22.09 -20.94 15.13
N MET B 835 -22.52 -20.57 13.92
CA MET B 835 -21.60 -20.03 12.93
C MET B 835 -21.03 -18.69 13.35
N SER B 836 -21.84 -17.84 14.00
CA SER B 836 -21.35 -16.55 14.44
C SER B 836 -20.24 -16.71 15.48
N ILE B 837 -20.41 -17.64 16.41
CA ILE B 837 -19.36 -17.86 17.40
C ILE B 837 -18.14 -18.52 16.75
N ASP B 838 -18.37 -19.50 15.88
CA ASP B 838 -17.28 -20.25 15.27
C ASP B 838 -16.42 -19.37 14.38
N GLN B 839 -17.03 -18.43 13.66
CA GLN B 839 -16.25 -17.55 12.80
C GLN B 839 -15.19 -16.82 13.60
N ALA B 840 -15.61 -16.15 14.68
CA ALA B 840 -14.66 -15.41 15.51
C ALA B 840 -13.64 -16.37 16.12
N LYS B 841 -14.11 -17.48 16.70
CA LYS B 841 -13.18 -18.41 17.36
C LYS B 841 -12.09 -18.86 16.40
N TYR B 842 -12.48 -19.32 15.21
CA TYR B 842 -11.54 -19.94 14.29
C TYR B 842 -10.68 -18.91 13.57
N GLN B 843 -11.21 -17.73 13.25
CA GLN B 843 -10.36 -16.69 12.70
C GLN B 843 -9.29 -16.27 13.70
N ARG B 844 -9.67 -16.10 14.97
CA ARG B 844 -8.68 -15.78 15.99
C ARG B 844 -7.66 -16.91 16.13
N TRP B 845 -8.11 -18.16 16.10
CA TRP B 845 -7.18 -19.28 16.19
C TRP B 845 -6.21 -19.30 15.02
N LEU B 846 -6.71 -19.06 13.81
CA LEU B 846 -5.84 -19.03 12.64
C LEU B 846 -4.80 -17.93 12.75
N ILE B 847 -5.24 -16.71 13.08
CA ILE B 847 -4.31 -15.59 13.15
C ILE B 847 -3.28 -15.83 14.25
N LYS B 848 -3.72 -16.36 15.39
CA LYS B 848 -2.79 -16.67 16.47
C LYS B 848 -1.78 -17.73 16.07
N ASN B 849 -2.14 -18.60 15.12
CA ASN B 849 -1.27 -19.69 14.70
C ASN B 849 -0.48 -19.38 13.43
N LYS B 850 -0.59 -18.16 12.91
CA LYS B 850 0.22 -17.70 11.78
C LYS B 850 -0.21 -18.34 10.47
N MET B 851 -1.48 -18.69 10.33
CA MET B 851 -2.04 -19.20 9.09
C MET B 851 -2.67 -18.06 8.30
N LYS B 852 -2.18 -17.84 7.09
CA LYS B 852 -2.74 -16.82 6.20
C LYS B 852 -3.93 -17.37 5.42
N ALA B 853 -4.88 -17.96 6.14
CA ALA B 853 -6.07 -18.55 5.56
C ALA B 853 -7.31 -17.77 5.96
N PHE B 854 -8.39 -18.01 5.23
CA PHE B 854 -9.69 -17.41 5.49
C PHE B 854 -10.67 -18.49 5.91
N TYR B 855 -11.30 -18.31 7.08
CA TYR B 855 -12.35 -19.21 7.52
C TYR B 855 -13.65 -18.86 6.82
N ALA B 856 -14.31 -19.87 6.25
CA ALA B 856 -15.53 -19.67 5.46
C ALA B 856 -16.58 -20.69 5.88
N PRO B 857 -17.44 -20.34 6.84
CA PRO B 857 -18.53 -21.24 7.23
C PRO B 857 -19.80 -20.97 6.44
N VAL B 858 -20.49 -22.06 6.09
CA VAL B 858 -21.79 -22.01 5.43
C VAL B 858 -22.75 -22.92 6.19
N HIS B 859 -24.04 -22.66 6.01
CA HIS B 859 -25.09 -23.48 6.59
C HIS B 859 -25.85 -24.17 5.47
N ALA B 860 -25.93 -25.49 5.54
CA ALA B 860 -26.65 -26.29 4.56
C ALA B 860 -27.06 -27.60 5.22
N ASP B 861 -27.99 -28.31 4.57
CA ASP B 861 -28.50 -29.54 5.12
C ASP B 861 -27.62 -30.74 4.82
N ASP B 862 -26.58 -30.59 4.00
CA ASP B 862 -25.64 -31.67 3.75
C ASP B 862 -24.33 -31.06 3.23
N LEU B 863 -23.26 -31.84 3.38
CA LEU B 863 -21.94 -31.36 2.97
C LEU B 863 -21.88 -31.09 1.47
N ARG B 864 -22.60 -31.87 0.68
CA ARG B 864 -22.55 -31.69 -0.78
C ARG B 864 -22.96 -30.27 -1.16
N GLU B 865 -24.12 -29.81 -0.69
CA GLU B 865 -24.60 -28.52 -1.12
C GLU B 865 -23.86 -27.37 -0.44
N GLY B 866 -23.30 -27.59 0.74
CA GLY B 866 -22.43 -26.58 1.32
C GLY B 866 -21.17 -26.37 0.49
N ALA B 867 -20.54 -27.48 0.09
CA ALA B 867 -19.41 -27.38 -0.83
C ALA B 867 -19.82 -26.76 -2.16
N GLN B 868 -21.05 -27.02 -2.60
CA GLN B 868 -21.55 -26.37 -3.81
C GLN B 868 -21.61 -24.87 -3.61
N TYR B 869 -22.18 -24.42 -2.48
CA TYR B 869 -22.19 -23.00 -2.16
C TYR B 869 -20.78 -22.43 -2.26
N LEU B 870 -19.82 -23.09 -1.62
CA LEU B 870 -18.47 -22.56 -1.54
C LEU B 870 -17.82 -22.50 -2.92
N MET B 871 -17.92 -23.57 -3.71
CA MET B 871 -17.31 -23.58 -5.03
C MET B 871 -18.03 -22.69 -6.03
N GLN B 872 -19.26 -22.26 -5.73
CA GLN B 872 -19.96 -21.38 -6.65
C GLN B 872 -19.80 -19.90 -6.29
N ALA B 873 -19.69 -19.57 -5.02
CA ALA B 873 -19.74 -18.17 -4.59
C ALA B 873 -18.51 -17.71 -3.81
N ALA B 874 -17.81 -18.60 -3.12
CA ALA B 874 -16.71 -18.17 -2.26
C ALA B 874 -15.67 -17.38 -3.07
N GLY B 875 -15.22 -16.27 -2.49
CA GLY B 875 -14.21 -15.44 -3.11
C GLY B 875 -14.75 -14.06 -3.47
N LEU B 876 -13.85 -13.24 -3.98
CA LEU B 876 -14.19 -11.87 -4.36
C LEU B 876 -13.36 -11.49 -5.58
N GLY B 877 -14.03 -11.08 -6.65
CA GLY B 877 -13.32 -10.67 -7.85
C GLY B 877 -12.46 -11.80 -8.38
N ARG B 878 -11.16 -11.53 -8.51
CA ARG B 878 -10.21 -12.51 -9.02
C ARG B 878 -9.56 -13.34 -7.93
N MET B 879 -9.88 -13.09 -6.66
CA MET B 879 -9.40 -13.91 -5.55
C MET B 879 -10.37 -15.05 -5.24
N LYS B 880 -10.69 -15.88 -6.24
CA LYS B 880 -11.60 -16.99 -6.06
C LYS B 880 -10.86 -18.32 -6.15
N PRO B 881 -11.31 -19.33 -5.42
CA PRO B 881 -10.62 -20.62 -5.44
C PRO B 881 -10.75 -21.29 -6.81
N ASN B 882 -9.73 -22.09 -7.13
CA ASN B 882 -9.76 -22.89 -8.35
C ASN B 882 -9.34 -24.33 -8.10
N THR B 883 -9.14 -24.73 -6.84
CA THR B 883 -8.68 -26.08 -6.52
C THR B 883 -9.33 -26.54 -5.24
N LEU B 884 -10.14 -27.59 -5.32
CA LEU B 884 -10.73 -28.18 -4.13
C LEU B 884 -9.73 -29.13 -3.47
N VAL B 885 -9.49 -28.92 -2.19
CA VAL B 885 -8.57 -29.74 -1.41
C VAL B 885 -9.38 -30.54 -0.40
N LEU B 886 -9.17 -31.84 -0.40
CA LEU B 886 -9.90 -32.77 0.46
C LEU B 886 -8.91 -33.62 1.23
N GLY B 887 -9.34 -34.05 2.41
CA GLY B 887 -8.60 -35.03 3.19
C GLY B 887 -9.18 -36.41 2.94
N PHE B 888 -8.30 -37.40 2.88
CA PHE B 888 -8.74 -38.76 2.60
C PHE B 888 -9.68 -39.25 3.69
N LYS B 889 -10.80 -39.83 3.28
CA LYS B 889 -11.75 -40.39 4.24
C LYS B 889 -11.20 -41.68 4.81
N LYS B 890 -10.48 -41.58 5.94
CA LYS B 890 -9.81 -42.74 6.50
C LYS B 890 -10.79 -43.70 7.16
N ASP B 891 -11.98 -43.24 7.50
CA ASP B 891 -13.00 -44.08 8.14
C ASP B 891 -13.99 -44.65 7.14
N TRP B 892 -13.77 -44.48 5.83
CA TRP B 892 -14.75 -44.90 4.85
C TRP B 892 -15.07 -46.39 4.97
N LEU B 893 -14.12 -47.19 5.42
CA LEU B 893 -14.39 -48.62 5.59
C LEU B 893 -15.47 -48.84 6.63
N GLN B 894 -15.43 -48.10 7.73
CA GLN B 894 -16.45 -48.16 8.78
C GLN B 894 -17.17 -46.81 8.78
N ALA B 895 -18.19 -46.69 7.95
CA ALA B 895 -18.97 -45.46 7.83
C ALA B 895 -20.13 -45.70 6.88
N ASP B 896 -21.22 -45.00 7.12
CA ASP B 896 -22.39 -45.12 6.25
C ASP B 896 -22.02 -44.78 4.81
N MET B 897 -22.46 -45.62 3.87
CA MET B 897 -22.07 -45.42 2.48
C MET B 897 -22.70 -44.17 1.87
N ARG B 898 -23.67 -43.55 2.54
CA ARG B 898 -24.15 -42.25 2.08
C ARG B 898 -23.05 -41.20 2.22
N ASP B 899 -22.27 -41.25 3.29
CA ASP B 899 -21.15 -40.33 3.45
C ASP B 899 -20.10 -40.53 2.35
N VAL B 900 -19.80 -41.79 2.04
CA VAL B 900 -18.83 -42.07 0.98
C VAL B 900 -19.36 -41.60 -0.37
N ASP B 901 -20.65 -41.81 -0.62
CA ASP B 901 -21.26 -41.32 -1.85
C ASP B 901 -21.18 -39.80 -1.93
N MET B 902 -21.41 -39.12 -0.81
CA MET B 902 -21.29 -37.66 -0.78
C MET B 902 -19.87 -37.22 -1.06
N TYR B 903 -18.89 -37.93 -0.51
CA TYR B 903 -17.48 -37.64 -0.77
C TYR B 903 -17.16 -37.76 -2.27
N ILE B 904 -17.57 -38.88 -2.87
CA ILE B 904 -17.25 -39.11 -4.28
C ILE B 904 -18.00 -38.11 -5.16
N ASN B 905 -19.23 -37.77 -4.79
CA ASN B 905 -19.96 -36.76 -5.54
C ASN B 905 -19.37 -35.38 -5.34
N LEU B 906 -18.71 -35.14 -4.21
CA LEU B 906 -17.91 -33.94 -4.06
C LEU B 906 -16.81 -33.90 -5.10
N PHE B 907 -16.10 -35.02 -5.25
CA PHE B 907 -15.13 -35.14 -6.34
C PHE B 907 -15.77 -34.79 -7.69
N HIS B 908 -16.93 -35.39 -7.96
CA HIS B 908 -17.55 -35.25 -9.26
C HIS B 908 -18.00 -33.81 -9.52
N ASP B 909 -18.57 -33.15 -8.51
CA ASP B 909 -18.98 -31.76 -8.67
C ASP B 909 -17.77 -30.84 -8.81
N ALA B 910 -16.68 -31.16 -8.10
CA ALA B 910 -15.45 -30.39 -8.28
C ALA B 910 -15.00 -30.45 -9.74
N PHE B 911 -14.98 -31.64 -10.32
CA PHE B 911 -14.60 -31.75 -11.73
C PHE B 911 -15.62 -31.07 -12.65
N ASP B 912 -16.91 -31.17 -12.32
CA ASP B 912 -17.93 -30.54 -13.15
C ASP B 912 -17.80 -29.03 -13.16
N ILE B 913 -17.32 -28.44 -12.06
CA ILE B 913 -17.16 -27.01 -11.96
C ILE B 913 -15.78 -26.62 -12.47
N GLN B 914 -15.15 -27.55 -13.20
CA GLN B 914 -13.78 -27.40 -13.70
C GLN B 914 -12.84 -26.85 -12.64
N TYR B 915 -12.83 -27.51 -11.49
CA TYR B 915 -11.85 -27.28 -10.45
C TYR B 915 -10.76 -28.35 -10.54
N GLY B 916 -9.56 -27.98 -10.11
CA GLY B 916 -8.57 -28.99 -9.80
C GLY B 916 -8.91 -29.67 -8.48
N VAL B 917 -8.36 -30.85 -8.26
CA VAL B 917 -8.67 -31.63 -7.08
C VAL B 917 -7.37 -32.15 -6.47
N VAL B 918 -7.16 -31.87 -5.19
CA VAL B 918 -6.01 -32.38 -4.46
C VAL B 918 -6.53 -33.14 -3.25
N VAL B 919 -6.17 -34.41 -3.15
CA VAL B 919 -6.56 -35.27 -2.04
C VAL B 919 -5.31 -35.58 -1.24
N ILE B 920 -5.32 -35.26 0.05
CA ILE B 920 -4.16 -35.39 0.91
C ILE B 920 -4.37 -36.57 1.85
N ARG B 921 -3.42 -37.51 1.85
CA ARG B 921 -3.46 -38.67 2.72
C ARG B 921 -2.20 -38.67 3.56
N LEU B 922 -2.35 -38.44 4.86
CA LEU B 922 -1.22 -38.36 5.77
C LEU B 922 -1.69 -38.71 7.18
N LYS B 923 -0.74 -39.11 8.02
CA LYS B 923 -1.03 -39.44 9.40
C LYS B 923 -1.10 -38.17 10.24
N GLU B 924 -2.17 -38.03 11.02
CA GLU B 924 -2.35 -36.86 11.87
C GLU B 924 -1.89 -37.07 13.30
N GLY B 925 -2.14 -38.26 13.86
CA GLY B 925 -1.74 -38.51 15.23
C GLY B 925 -0.26 -38.38 15.45
N LEU B 926 0.55 -38.89 14.51
CA LEU B 926 1.99 -38.82 14.62
C LEU B 926 2.66 -39.08 13.27
N ASN B 1022 16.22 -37.05 2.04
CA ASN B 1022 15.20 -36.02 1.92
C ASN B 1022 14.86 -35.75 0.47
N THR B 1023 13.78 -36.36 -0.01
CA THR B 1023 13.40 -36.25 -1.42
C THR B 1023 11.89 -36.06 -1.53
N ILE B 1024 11.49 -35.45 -2.64
CA ILE B 1024 10.09 -35.31 -3.02
C ILE B 1024 9.91 -36.08 -4.33
N ASP B 1025 9.14 -37.15 -4.28
CA ASP B 1025 8.95 -38.01 -5.44
C ASP B 1025 7.65 -37.65 -6.13
N VAL B 1026 7.74 -37.26 -7.40
CA VAL B 1026 6.58 -36.80 -8.17
C VAL B 1026 6.28 -37.87 -9.20
N TRP B 1027 5.21 -38.63 -8.96
CA TRP B 1027 4.74 -39.67 -9.88
C TRP B 1027 3.57 -39.12 -10.71
N TRP B 1028 3.88 -38.18 -11.59
CA TRP B 1028 2.86 -37.61 -12.45
C TRP B 1028 2.91 -38.31 -13.79
N LEU B 1029 1.83 -39.04 -14.11
CA LEU B 1029 1.78 -39.91 -15.26
C LEU B 1029 0.78 -39.47 -16.32
N PHE B 1030 -0.04 -38.47 -16.02
CA PHE B 1030 -1.00 -37.96 -16.98
C PHE B 1030 -0.96 -36.43 -16.95
N ASP B 1031 -1.02 -35.83 -18.13
CA ASP B 1031 -0.85 -34.39 -18.25
C ASP B 1031 -2.15 -33.70 -17.82
N ASP B 1032 -2.13 -33.12 -16.62
CA ASP B 1032 -3.27 -32.38 -16.09
C ASP B 1032 -3.15 -30.89 -16.33
N GLY B 1033 -2.14 -30.45 -17.08
CA GLY B 1033 -1.83 -29.06 -17.27
C GLY B 1033 -0.62 -28.59 -16.51
N GLY B 1034 -0.13 -29.37 -15.55
CA GLY B 1034 1.10 -29.06 -14.84
C GLY B 1034 0.95 -28.91 -13.33
N LEU B 1035 -0.27 -28.92 -12.79
CA LEU B 1035 -0.43 -28.70 -11.36
C LEU B 1035 0.32 -29.73 -10.53
N THR B 1036 0.32 -31.00 -10.99
CA THR B 1036 1.04 -32.04 -10.28
C THR B 1036 2.52 -31.71 -10.14
N LEU B 1037 3.08 -30.98 -11.10
CA LEU B 1037 4.46 -30.53 -11.01
C LEU B 1037 4.58 -29.19 -10.31
N LEU B 1038 3.62 -28.30 -10.51
CA LEU B 1038 3.69 -26.97 -9.92
C LEU B 1038 3.55 -26.98 -8.40
N ILE B 1039 2.87 -27.98 -7.84
CA ILE B 1039 2.66 -28.02 -6.40
C ILE B 1039 3.95 -28.37 -5.67
N PRO B 1040 4.60 -29.48 -6.01
CA PRO B 1040 5.85 -29.83 -5.32
C PRO B 1040 6.95 -28.80 -5.51
N TYR B 1041 6.95 -28.07 -6.63
CA TYR B 1041 7.94 -27.01 -6.80
C TYR B 1041 7.74 -25.90 -5.78
N LEU B 1042 6.51 -25.43 -5.63
CA LEU B 1042 6.22 -24.47 -4.57
C LEU B 1042 6.54 -25.04 -3.20
N LEU B 1043 6.35 -26.34 -3.02
CA LEU B 1043 6.76 -26.99 -1.78
C LEU B 1043 8.25 -26.79 -1.54
N THR B 1044 9.06 -27.05 -2.56
CA THR B 1044 10.50 -26.84 -2.48
C THR B 1044 10.87 -25.37 -2.38
N THR B 1045 9.95 -24.46 -2.68
CA THR B 1045 10.21 -23.03 -2.61
C THR B 1045 10.22 -22.50 -1.17
N LYS B 1046 9.73 -23.27 -0.20
CA LYS B 1046 9.64 -22.82 1.17
C LYS B 1046 10.81 -23.35 2.00
N LYS B 1047 11.06 -22.69 3.13
CA LYS B 1047 12.20 -23.03 3.96
C LYS B 1047 12.09 -24.41 4.59
N LYS B 1048 10.88 -24.96 4.70
CA LYS B 1048 10.72 -26.27 5.32
C LYS B 1048 11.03 -27.40 4.35
N TRP B 1049 11.11 -27.12 3.04
CA TRP B 1049 11.40 -28.14 2.04
C TRP B 1049 12.57 -27.74 1.15
N LYS B 1050 13.43 -26.84 1.61
CA LYS B 1050 14.57 -26.42 0.80
C LYS B 1050 15.55 -27.56 0.56
N ASP B 1051 15.73 -28.43 1.55
CA ASP B 1051 16.70 -29.51 1.43
C ASP B 1051 16.22 -30.63 0.52
N CYS B 1052 14.92 -30.88 0.48
CA CYS B 1052 14.40 -31.98 -0.31
C CYS B 1052 14.58 -31.70 -1.80
N LYS B 1053 15.04 -32.72 -2.54
CA LYS B 1053 15.25 -32.62 -3.98
C LYS B 1053 14.14 -33.35 -4.70
N ILE B 1054 13.75 -32.83 -5.86
CA ILE B 1054 12.63 -33.36 -6.62
C ILE B 1054 13.14 -34.47 -7.54
N ARG B 1055 12.61 -35.68 -7.36
CA ARG B 1055 12.87 -36.79 -8.26
C ARG B 1055 11.57 -37.19 -8.94
N VAL B 1056 11.60 -37.33 -10.25
CA VAL B 1056 10.40 -37.53 -11.04
C VAL B 1056 10.30 -38.97 -11.49
N PHE B 1057 9.07 -39.47 -11.59
CA PHE B 1057 8.77 -40.79 -12.10
C PHE B 1057 7.78 -40.66 -13.24
N ILE B 1058 8.08 -41.30 -14.37
CA ILE B 1058 7.19 -41.30 -15.52
C ILE B 1058 7.09 -42.72 -16.04
N GLY B 1059 6.07 -42.96 -16.86
CA GLY B 1059 5.85 -44.25 -17.49
C GLY B 1059 6.38 -44.25 -18.91
N GLY B 1060 6.98 -45.38 -19.31
CA GLY B 1060 7.55 -45.50 -20.63
C GLY B 1060 7.46 -46.92 -21.14
N LYS B 1061 7.84 -47.09 -22.40
CA LYS B 1061 7.83 -48.38 -23.06
C LYS B 1061 9.23 -48.98 -23.05
N ILE B 1062 9.33 -50.27 -22.72
CA ILE B 1062 10.62 -50.94 -22.72
C ILE B 1062 11.23 -50.85 -24.12
N ASN B 1063 12.56 -50.81 -24.17
CA ASN B 1063 13.37 -50.67 -25.37
C ASN B 1063 13.47 -49.21 -25.82
N ARG B 1064 12.74 -48.28 -25.20
CA ARG B 1064 12.87 -46.87 -25.49
C ARG B 1064 12.88 -46.03 -24.21
N ILE B 1065 13.49 -46.57 -23.15
CA ILE B 1065 13.51 -45.85 -21.87
C ILE B 1065 14.31 -44.58 -21.98
N ASP B 1066 15.48 -44.65 -22.61
CA ASP B 1066 16.38 -43.50 -22.64
C ASP B 1066 15.79 -42.34 -23.43
N HIS B 1067 15.13 -42.64 -24.56
CA HIS B 1067 14.53 -41.56 -25.34
C HIS B 1067 13.47 -40.81 -24.54
N ASP B 1068 12.61 -41.55 -23.84
CA ASP B 1068 11.58 -40.90 -23.03
C ASP B 1068 12.19 -40.15 -21.85
N ARG B 1069 13.24 -40.71 -21.25
CA ARG B 1069 13.91 -39.99 -20.16
C ARG B 1069 14.52 -38.68 -20.66
N ARG B 1070 15.13 -38.69 -21.84
CA ARG B 1070 15.66 -37.46 -22.41
C ARG B 1070 14.54 -36.46 -22.70
N ALA B 1071 13.42 -36.95 -23.22
CA ALA B 1071 12.30 -36.05 -23.48
C ALA B 1071 11.80 -35.40 -22.20
N MET B 1072 11.67 -36.20 -21.13
CA MET B 1072 11.21 -35.65 -19.85
C MET B 1072 12.22 -34.67 -19.28
N ALA B 1073 13.52 -34.98 -19.39
CA ALA B 1073 14.55 -34.06 -18.90
C ALA B 1073 14.48 -32.75 -19.66
N THR B 1074 14.32 -32.80 -20.98
CA THR B 1074 14.21 -31.57 -21.76
C THR B 1074 12.97 -30.78 -21.36
N LEU B 1075 11.84 -31.47 -21.16
CA LEU B 1075 10.63 -30.78 -20.76
C LEU B 1075 10.80 -30.10 -19.41
N LEU B 1076 11.41 -30.79 -18.45
CA LEU B 1076 11.62 -30.20 -17.13
C LEU B 1076 12.60 -29.04 -17.19
N SER B 1077 13.63 -29.13 -18.04
CA SER B 1077 14.57 -28.03 -18.18
C SER B 1077 13.92 -26.81 -18.81
N LYS B 1078 13.02 -27.03 -19.77
CA LYS B 1078 12.31 -25.91 -20.37
C LYS B 1078 11.38 -25.23 -19.36
N PHE B 1079 10.82 -26.00 -18.42
CA PHE B 1079 10.00 -25.42 -17.36
C PHE B 1079 10.83 -24.83 -16.24
N ARG B 1080 12.13 -25.14 -16.19
CA ARG B 1080 13.02 -24.61 -15.15
C ARG B 1080 12.67 -25.15 -13.78
N ILE B 1081 12.32 -26.43 -13.72
CA ILE B 1081 12.05 -27.12 -12.46
C ILE B 1081 13.19 -28.09 -12.21
N ASP B 1082 14.00 -27.81 -11.20
CA ASP B 1082 15.16 -28.63 -10.91
C ASP B 1082 14.72 -30.01 -10.43
N PHE B 1083 15.38 -31.04 -10.95
CA PHE B 1083 15.11 -32.42 -10.56
C PHE B 1083 16.42 -33.14 -10.29
N SER B 1084 16.45 -33.93 -9.21
CA SER B 1084 17.64 -34.70 -8.90
C SER B 1084 17.78 -35.92 -9.78
N ASP B 1085 16.66 -36.54 -10.18
CA ASP B 1085 16.71 -37.73 -11.02
C ASP B 1085 15.38 -37.91 -11.71
N ILE B 1086 15.40 -38.65 -12.81
CA ILE B 1086 14.21 -39.02 -13.56
C ILE B 1086 14.23 -40.53 -13.73
N MET B 1087 13.12 -41.19 -13.39
CA MET B 1087 13.00 -42.64 -13.49
C MET B 1087 11.84 -42.97 -14.42
N VAL B 1088 12.14 -43.77 -15.45
CA VAL B 1088 11.14 -44.24 -16.39
C VAL B 1088 10.81 -45.69 -16.04
N LEU B 1089 9.51 -45.97 -15.89
CA LEU B 1089 9.05 -47.26 -15.40
C LEU B 1089 8.26 -47.97 -16.50
N GLY B 1090 8.67 -49.19 -16.83
CA GLY B 1090 7.95 -50.04 -17.74
C GLY B 1090 7.10 -51.09 -17.08
N ASP B 1091 7.03 -51.10 -15.75
CA ASP B 1091 6.30 -52.13 -15.01
C ASP B 1091 4.82 -51.77 -14.80
N ILE B 1092 4.37 -50.62 -15.31
CA ILE B 1092 2.96 -50.28 -15.28
C ILE B 1092 2.24 -51.11 -16.34
N ASN B 1093 0.92 -51.18 -16.26
CA ASN B 1093 0.12 -51.98 -17.18
C ASN B 1093 0.58 -53.44 -17.16
N THR B 1094 0.90 -53.94 -15.97
CA THR B 1094 1.24 -55.34 -15.77
C THR B 1094 0.45 -55.86 -14.58
N LYS B 1095 0.04 -57.13 -14.66
CA LYS B 1095 -0.79 -57.69 -13.61
C LYS B 1095 -0.05 -57.62 -12.27
N PRO B 1096 -0.67 -57.10 -11.21
CA PRO B 1096 -0.02 -57.12 -9.89
C PRO B 1096 0.03 -58.51 -9.30
N LYS B 1097 0.52 -58.62 -8.08
CA LYS B 1097 0.60 -59.92 -7.42
C LYS B 1097 -0.79 -60.48 -7.16
N LYS B 1098 -0.87 -61.80 -7.08
CA LYS B 1098 -2.16 -62.44 -6.75
C LYS B 1098 -2.64 -62.02 -5.38
N GLU B 1099 -1.71 -61.94 -4.40
CA GLU B 1099 -2.10 -61.57 -3.05
C GLU B 1099 -2.75 -60.19 -3.00
N ASN B 1100 -2.20 -59.23 -3.75
CA ASN B 1100 -2.76 -57.88 -3.73
C ASN B 1100 -4.15 -57.85 -4.37
N ILE B 1101 -4.34 -58.59 -5.46
CA ILE B 1101 -5.66 -58.65 -6.09
C ILE B 1101 -6.66 -59.28 -5.14
N ILE B 1102 -6.25 -60.34 -4.43
CA ILE B 1102 -7.14 -61.00 -3.48
C ILE B 1102 -7.49 -60.05 -2.34
N ALA B 1103 -6.51 -59.29 -1.86
CA ALA B 1103 -6.79 -58.32 -0.79
C ALA B 1103 -7.76 -57.26 -1.27
N PHE B 1104 -7.60 -56.76 -2.50
CA PHE B 1104 -8.53 -55.77 -3.01
C PHE B 1104 -9.93 -56.36 -3.11
N GLU B 1105 -10.05 -57.60 -3.59
CA GLU B 1105 -11.36 -58.23 -3.69
C GLU B 1105 -11.99 -58.40 -2.32
N GLU B 1106 -11.19 -58.82 -1.33
CA GLU B 1106 -11.72 -58.98 0.02
C GLU B 1106 -12.20 -57.67 0.59
N ILE B 1107 -11.44 -56.60 0.37
CA ILE B 1107 -11.85 -55.28 0.85
C ILE B 1107 -13.15 -54.85 0.17
N ILE B 1108 -13.25 -55.07 -1.14
CA ILE B 1108 -14.41 -54.61 -1.90
C ILE B 1108 -15.63 -55.50 -1.78
N GLU B 1109 -15.49 -56.67 -1.16
CA GLU B 1109 -16.58 -57.64 -1.13
C GLU B 1109 -17.90 -57.07 -0.61
N PRO B 1110 -17.96 -56.44 0.56
CA PRO B 1110 -19.27 -56.04 1.09
C PRO B 1110 -19.81 -54.77 0.45
N TYR B 1111 -19.67 -54.64 -0.87
CA TYR B 1111 -20.30 -53.56 -1.62
C TYR B 1111 -20.76 -53.97 -3.00
N ARG B 1112 -20.65 -55.25 -3.36
CA ARG B 1112 -20.94 -55.70 -4.71
C ARG B 1112 -22.43 -55.94 -4.91
N LEU B 1113 -22.91 -55.56 -6.09
CA LEU B 1113 -24.31 -55.79 -6.44
C LEU B 1113 -24.60 -57.23 -6.83
N HIS B 1114 -23.56 -57.99 -7.17
CA HIS B 1114 -23.69 -59.40 -7.55
C HIS B 1114 -24.89 -59.61 -8.48
N GLU B 1115 -24.84 -58.89 -9.61
CA GLU B 1115 -25.94 -58.98 -10.57
C GLU B 1115 -26.10 -60.39 -11.10
N ASP B 1116 -25.00 -61.10 -11.36
CA ASP B 1116 -25.09 -62.44 -11.93
C ASP B 1116 -25.83 -63.39 -10.99
N ASP B 1117 -25.51 -63.34 -9.69
CA ASP B 1117 -26.17 -64.25 -8.75
C ASP B 1117 -27.65 -63.95 -8.61
N LYS B 1118 -28.04 -62.68 -8.69
CA LYS B 1118 -29.42 -62.27 -8.52
C LYS B 1118 -30.09 -62.14 -9.89
N GLU B 1119 -31.30 -61.60 -9.91
CA GLU B 1119 -32.11 -61.47 -11.11
C GLU B 1119 -32.48 -60.00 -11.32
N GLN B 1120 -33.44 -59.77 -12.22
CA GLN B 1120 -33.83 -58.39 -12.54
C GLN B 1120 -34.32 -57.64 -11.32
N ASP B 1121 -34.78 -58.34 -10.28
CA ASP B 1121 -35.16 -57.67 -9.05
C ASP B 1121 -34.01 -56.86 -8.47
N ILE B 1122 -32.77 -57.27 -8.74
CA ILE B 1122 -31.60 -56.55 -8.26
C ILE B 1122 -31.60 -55.12 -8.77
N ALA B 1123 -32.30 -54.84 -9.87
CA ALA B 1123 -32.38 -53.47 -10.37
C ALA B 1123 -32.97 -52.53 -9.32
N ASP B 1124 -33.82 -53.06 -8.44
CA ASP B 1124 -34.34 -52.24 -7.35
C ASP B 1124 -33.21 -51.78 -6.42
N LYS B 1125 -32.29 -52.68 -6.09
CA LYS B 1125 -31.17 -52.31 -5.23
C LYS B 1125 -30.29 -51.26 -5.88
N MET B 1126 -30.20 -51.26 -7.21
CA MET B 1126 -29.41 -50.26 -7.90
C MET B 1126 -29.96 -48.85 -7.74
N LYS B 1127 -31.21 -48.72 -7.29
CA LYS B 1127 -31.82 -47.41 -7.06
C LYS B 1127 -32.18 -47.17 -5.60
N GLU B 1128 -31.97 -48.14 -4.72
CA GLU B 1128 -32.26 -47.99 -3.30
C GLU B 1128 -31.04 -48.16 -2.41
N ASP B 1129 -30.23 -49.19 -2.67
CA ASP B 1129 -28.95 -49.38 -1.98
C ASP B 1129 -27.78 -48.85 -2.80
N GLU B 1130 -28.05 -48.20 -3.92
CA GLU B 1130 -27.01 -47.73 -4.83
C GLU B 1130 -27.09 -46.21 -4.96
N PRO B 1131 -26.16 -45.58 -5.68
CA PRO B 1131 -25.11 -46.19 -6.51
C PRO B 1131 -23.89 -46.61 -5.70
N TRP B 1132 -24.08 -47.17 -4.51
CA TRP B 1132 -22.96 -47.71 -3.76
C TRP B 1132 -22.51 -49.04 -4.34
N ARG B 1133 -23.47 -49.95 -4.58
CA ARG B 1133 -23.14 -51.30 -4.99
C ARG B 1133 -22.31 -51.31 -6.26
N ILE B 1134 -21.26 -52.12 -6.27
CA ILE B 1134 -20.39 -52.27 -7.42
C ILE B 1134 -20.99 -53.33 -8.32
N THR B 1135 -21.42 -52.93 -9.51
CA THR B 1135 -21.98 -53.88 -10.46
C THR B 1135 -20.91 -54.87 -10.92
N ASP B 1136 -21.37 -55.98 -11.50
CA ASP B 1136 -20.43 -56.94 -12.07
C ASP B 1136 -19.94 -56.48 -13.44
N ASN B 1137 -20.81 -55.85 -14.23
CA ASN B 1137 -20.40 -55.37 -15.55
C ASN B 1137 -19.29 -54.34 -15.44
N GLU B 1138 -19.44 -53.38 -14.52
CA GLU B 1138 -18.40 -52.37 -14.34
C GLU B 1138 -17.11 -52.98 -13.79
N LEU B 1139 -17.23 -53.89 -12.82
CA LEU B 1139 -16.05 -54.52 -12.26
C LEU B 1139 -15.27 -55.28 -13.33
N GLU B 1140 -15.97 -55.98 -14.21
CA GLU B 1140 -15.28 -56.72 -15.27
C GLU B 1140 -14.78 -55.82 -16.38
N LEU B 1141 -15.47 -54.70 -16.64
CA LEU B 1141 -15.13 -53.80 -17.73
C LEU B 1141 -14.06 -52.78 -17.36
N TYR B 1142 -13.66 -52.71 -16.09
CA TYR B 1142 -12.64 -51.79 -15.63
C TYR B 1142 -11.53 -52.51 -14.86
N LYS B 1143 -11.30 -53.78 -15.19
CA LYS B 1143 -10.24 -54.53 -14.53
C LYS B 1143 -8.88 -53.90 -14.75
N THR B 1144 -8.67 -53.29 -15.91
CA THR B 1144 -7.39 -52.65 -16.20
C THR B 1144 -7.10 -51.53 -15.20
N LYS B 1145 -8.09 -50.69 -14.91
CA LYS B 1145 -7.87 -49.58 -13.99
C LYS B 1145 -7.61 -50.07 -12.56
N THR B 1146 -8.34 -51.09 -12.12
CA THR B 1146 -8.10 -51.64 -10.78
C THR B 1146 -6.71 -52.23 -10.68
N TYR B 1147 -6.32 -53.03 -11.67
CA TYR B 1147 -4.97 -53.58 -11.65
C TYR B 1147 -3.93 -52.47 -11.73
N ARG B 1148 -4.24 -51.38 -12.44
CA ARG B 1148 -3.33 -50.25 -12.47
C ARG B 1148 -3.15 -49.65 -11.10
N GLN B 1149 -4.25 -49.46 -10.36
CA GLN B 1149 -4.15 -48.90 -9.00
C GLN B 1149 -3.33 -49.82 -8.10
N ILE B 1150 -3.58 -51.12 -8.15
CA ILE B 1150 -2.86 -52.03 -7.28
C ILE B 1150 -1.36 -52.06 -7.64
N ARG B 1151 -1.05 -52.17 -8.94
CA ARG B 1151 0.33 -52.19 -9.36
C ARG B 1151 1.03 -50.87 -9.05
N LEU B 1152 0.31 -49.75 -9.16
CA LEU B 1152 0.89 -48.45 -8.84
C LEU B 1152 1.22 -48.36 -7.35
N ASN B 1153 0.34 -48.89 -6.50
CA ASN B 1153 0.66 -48.91 -5.08
C ASN B 1153 1.88 -49.78 -4.82
N GLU B 1154 1.98 -50.92 -5.51
CA GLU B 1154 3.16 -51.76 -5.40
C GLU B 1154 4.42 -50.98 -5.77
N LEU B 1155 4.36 -50.27 -6.90
CA LEU B 1155 5.51 -49.51 -7.38
C LEU B 1155 5.90 -48.41 -6.39
N LEU B 1156 4.91 -47.70 -5.86
CA LEU B 1156 5.19 -46.65 -4.90
C LEU B 1156 5.83 -47.21 -3.63
N LYS B 1157 5.34 -48.35 -3.15
CA LYS B 1157 5.96 -48.98 -2.00
C LYS B 1157 7.39 -49.42 -2.31
N GLU B 1158 7.62 -49.86 -3.55
CA GLU B 1158 8.95 -50.32 -3.94
C GLU B 1158 9.95 -49.18 -4.10
N HIS B 1159 9.50 -48.01 -4.55
CA HIS B 1159 10.40 -46.91 -4.89
C HIS B 1159 10.31 -45.74 -3.93
N SER B 1160 9.11 -45.24 -3.65
CA SER B 1160 8.91 -44.00 -2.91
C SER B 1160 8.70 -44.22 -1.42
N SER B 1161 9.00 -45.41 -0.91
CA SER B 1161 8.78 -45.68 0.51
C SER B 1161 9.63 -44.80 1.41
N THR B 1162 10.70 -44.20 0.88
CA THR B 1162 11.59 -43.37 1.68
C THR B 1162 11.42 -41.88 1.38
N ALA B 1163 10.41 -41.51 0.61
CA ALA B 1163 10.21 -40.10 0.27
C ALA B 1163 9.64 -39.33 1.45
N ASN B 1164 9.99 -38.05 1.51
CA ASN B 1164 9.36 -37.17 2.49
C ASN B 1164 7.90 -36.90 2.12
N ILE B 1165 7.63 -36.74 0.83
CA ILE B 1165 6.27 -36.58 0.34
C ILE B 1165 6.19 -37.20 -1.05
N ILE B 1166 5.01 -37.70 -1.40
CA ILE B 1166 4.74 -38.25 -2.72
C ILE B 1166 3.65 -37.41 -3.37
N VAL B 1167 3.82 -37.13 -4.66
CA VAL B 1167 2.78 -36.49 -5.46
C VAL B 1167 2.48 -37.42 -6.62
N MET B 1168 1.22 -37.81 -6.76
CA MET B 1168 0.82 -38.77 -7.77
C MET B 1168 -0.40 -38.23 -8.52
N SER B 1169 -0.60 -38.75 -9.73
CA SER B 1169 -1.74 -38.34 -10.52
C SER B 1169 -3.01 -38.96 -9.96
N LEU B 1170 -4.03 -38.12 -9.77
CA LEU B 1170 -5.28 -38.59 -9.20
C LEU B 1170 -6.12 -39.27 -10.28
N PRO B 1171 -6.50 -40.54 -10.11
CA PRO B 1171 -7.32 -41.20 -11.13
C PRO B 1171 -8.68 -40.54 -11.23
N VAL B 1172 -9.14 -40.33 -12.46
CA VAL B 1172 -10.43 -39.73 -12.72
C VAL B 1172 -11.39 -40.81 -13.21
N ALA B 1173 -12.53 -40.94 -12.54
CA ALA B 1173 -13.54 -41.92 -12.90
C ALA B 1173 -14.68 -41.21 -13.62
N ARG B 1174 -15.07 -41.75 -14.78
CA ARG B 1174 -16.18 -41.16 -15.52
C ARG B 1174 -17.45 -41.20 -14.67
N LYS B 1175 -18.17 -40.08 -14.64
CA LYS B 1175 -19.37 -39.99 -13.84
C LYS B 1175 -20.51 -40.75 -14.52
N GLY B 1176 -21.13 -41.66 -13.77
CA GLY B 1176 -22.15 -42.53 -14.31
C GLY B 1176 -21.65 -43.89 -14.73
N ALA B 1177 -20.34 -44.08 -14.86
CA ALA B 1177 -19.77 -45.35 -15.27
C ALA B 1177 -19.22 -46.17 -14.10
N VAL B 1178 -18.72 -45.52 -13.06
CA VAL B 1178 -18.12 -46.18 -11.92
C VAL B 1178 -18.90 -45.81 -10.66
N SER B 1179 -19.19 -46.81 -9.83
CA SER B 1179 -19.87 -46.55 -8.57
C SER B 1179 -18.96 -45.83 -7.60
N SER B 1180 -19.58 -45.16 -6.62
CA SER B 1180 -18.81 -44.41 -5.64
C SER B 1180 -17.92 -45.32 -4.82
N ALA B 1181 -18.43 -46.50 -4.42
CA ALA B 1181 -17.64 -47.41 -3.62
C ALA B 1181 -16.40 -47.88 -4.35
N LEU B 1182 -16.53 -48.14 -5.66
CA LEU B 1182 -15.36 -48.58 -6.42
C LEU B 1182 -14.34 -47.46 -6.58
N TYR B 1183 -14.81 -46.22 -6.76
CA TYR B 1183 -13.89 -45.09 -6.77
C TYR B 1183 -13.12 -44.99 -5.46
N MET B 1184 -13.84 -45.09 -4.34
CA MET B 1184 -13.18 -45.03 -3.03
C MET B 1184 -12.18 -46.16 -2.86
N ALA B 1185 -12.53 -47.36 -3.32
CA ALA B 1185 -11.61 -48.49 -3.24
C ALA B 1185 -10.39 -48.28 -4.13
N TRP B 1186 -10.57 -47.67 -5.29
CA TRP B 1186 -9.45 -47.33 -6.14
C TRP B 1186 -8.49 -46.40 -5.41
N LEU B 1187 -9.03 -45.37 -4.78
CA LEU B 1187 -8.18 -44.42 -4.04
C LEU B 1187 -7.46 -45.12 -2.89
N GLU B 1188 -8.18 -45.97 -2.15
CA GLU B 1188 -7.57 -46.68 -1.03
C GLU B 1188 -6.45 -47.60 -1.51
N ALA B 1189 -6.69 -48.35 -2.58
CA ALA B 1189 -5.65 -49.22 -3.13
C ALA B 1189 -4.44 -48.41 -3.59
N LEU B 1190 -4.68 -47.28 -4.26
CA LEU B 1190 -3.58 -46.45 -4.72
C LEU B 1190 -2.73 -45.96 -3.55
N SER B 1191 -3.38 -45.42 -2.52
CA SER B 1191 -2.67 -44.87 -1.36
C SER B 1191 -2.93 -45.74 -0.14
N LYS B 1192 -1.87 -46.34 0.39
CA LYS B 1192 -1.94 -47.08 1.64
C LYS B 1192 -0.54 -47.50 2.04
N ASP B 1193 -0.30 -47.56 3.35
CA ASP B 1193 1.01 -47.90 3.89
C ASP B 1193 2.12 -47.12 3.18
N LEU B 1194 1.91 -45.81 3.09
CA LEU B 1194 2.79 -44.92 2.35
C LEU B 1194 3.09 -43.68 3.17
N PRO B 1195 4.14 -42.95 2.83
CA PRO B 1195 4.37 -41.65 3.46
C PRO B 1195 3.30 -40.66 3.05
N PRO B 1196 3.37 -39.42 3.52
CA PRO B 1196 2.36 -38.43 3.12
C PRO B 1196 2.26 -38.36 1.61
N ILE B 1197 1.03 -38.34 1.11
CA ILE B 1197 0.79 -38.43 -0.33
C ILE B 1197 -0.26 -37.43 -0.75
N LEU B 1198 -0.08 -36.87 -1.95
CA LEU B 1198 -1.01 -35.93 -2.54
C LEU B 1198 -1.42 -36.48 -3.91
N LEU B 1199 -2.68 -36.86 -4.04
CA LEU B 1199 -3.25 -37.26 -5.32
C LEU B 1199 -3.81 -36.01 -5.98
N VAL B 1200 -3.18 -35.59 -7.07
CA VAL B 1200 -3.48 -34.31 -7.71
C VAL B 1200 -4.03 -34.57 -9.11
N ARG B 1201 -5.18 -33.97 -9.39
CA ARG B 1201 -5.78 -33.97 -10.73
C ARG B 1201 -6.00 -32.51 -11.09
N GLY B 1202 -5.16 -31.98 -11.96
CA GLY B 1202 -5.26 -30.59 -12.35
C GLY B 1202 -6.48 -30.33 -13.21
N ASN B 1203 -6.70 -29.05 -13.49
CA ASN B 1203 -7.84 -28.62 -14.27
C ASN B 1203 -7.74 -28.98 -15.73
N HIS B 1204 -6.58 -29.46 -16.18
CA HIS B 1204 -6.28 -29.78 -17.58
C HIS B 1204 -6.07 -28.54 -18.43
N GLN B 1205 -5.99 -27.36 -17.82
CA GLN B 1205 -5.55 -26.15 -18.49
C GLN B 1205 -4.09 -25.91 -18.16
N SER B 1206 -3.35 -25.39 -19.13
CA SER B 1206 -1.90 -25.25 -18.95
C SER B 1206 -1.59 -24.39 -17.75
N VAL B 1207 -0.83 -24.94 -16.82
CA VAL B 1207 -0.43 -24.23 -15.61
C VAL B 1207 1.05 -23.84 -15.64
N LEU B 1208 1.85 -24.47 -16.48
CA LEU B 1208 3.25 -24.13 -16.67
C LEU B 1208 3.46 -23.65 -18.10
N THR B 1209 4.58 -22.97 -18.32
CA THR B 1209 4.94 -22.52 -19.65
C THR B 1209 6.45 -22.32 -19.70
N PHE B 1210 7.04 -22.58 -20.86
CA PHE B 1210 8.44 -22.30 -21.09
C PHE B 1210 8.65 -21.12 -22.01
N TYR B 1211 7.60 -20.33 -22.26
CA TYR B 1211 7.72 -19.07 -22.97
C TYR B 1211 7.70 -17.90 -21.98
N SER B 1212 8.20 -16.76 -22.45
CA SER B 1212 8.24 -15.56 -21.61
C SER B 1212 7.59 -14.39 -22.33
N1 A1ATU C . 34.03 6.11 -26.89
N3 A1ATU C . 35.39 4.45 -25.64
C4 A1ATU C . 31.97 4.29 -24.22
C5 A1ATU C . 30.05 7.42 -23.91
C6 A1ATU C . 35.01 5.08 -26.87
C10 A1ATU C . 33.45 2.41 -24.25
C15 A1ATU C . 32.26 7.35 -28.02
C1 A1ATU C . 28.09 6.13 -27.48
C1' A1ATU C . 30.57 6.36 -24.64
C11 A1ATU C . 31.16 2.03 -24.28
C12 A1ATU C . 30.91 3.40 -24.24
C16 A1ATU C . 34.67 7.81 -28.50
C2 A1ATU C . 33.66 6.76 -28.14
C2' A1ATU C . 29.92 5.95 -25.80
C3' A1ATU C . 28.78 6.59 -26.22
C4' A1ATU C . 28.25 7.64 -25.50
C5' A1ATU C . 28.89 8.06 -24.34
C9 A1ATU C . 33.26 3.78 -24.20
N7 A1ATU C . 32.41 1.58 -24.27
N9 A1ATU C . 31.76 5.72 -24.17
O6 A1ATU C . 35.54 4.75 -27.91
OP1 A1ATU C . 35.52 4.40 -23.11
OP3 A1ATU C . 34.39 6.21 -24.09
S1 A1ATU C . 34.67 4.81 -24.19
H13 A1ATU C . 33.60 6.41 -26.03
H12 A1ATU C . 36.07 3.71 -25.65
H5 A1ATU C . 30.54 7.74 -23.00
H9 A1ATU C . 34.46 2.01 -24.25
H17 A1ATU C . 31.55 6.57 -27.91
H16 A1ATU C . 32.05 7.90 -28.89
H15 A1ATU C . 32.21 7.98 -27.18
H3 A1ATU C . 28.20 5.08 -27.57
H1 A1ATU C . 28.54 6.60 -28.32
H2 A1ATU C . 27.07 6.38 -27.43
H10 A1ATU C . 30.33 1.33 -24.30
H11 A1ATU C . 29.90 3.77 -24.24
H20 A1ATU C . 34.35 8.32 -29.37
H19 A1ATU C . 35.61 7.35 -28.69
H18 A1ATU C . 34.78 8.50 -27.71
H14 A1ATU C . 33.63 5.99 -28.93
H4 A1ATU C . 30.33 5.13 -26.37
H7 A1ATU C . 27.35 8.14 -25.83
H6 A1ATU C . 28.49 8.89 -23.77
H8 A1ATU C . 32.52 6.29 -23.85
CL CL D . 24.65 -1.80 -23.58
NA NA E . 34.29 -0.94 -29.89
N1 A1ATU F . 6.32 29.88 30.96
N3 A1ATU F . 5.15 31.74 29.68
C4 A1ATU F . 4.54 28.56 28.04
C5 A1ATU F . 7.51 26.36 27.88
C6 A1ATU F . 5.57 31.10 30.89
C10 A1ATU F . 2.88 30.31 27.99
C15 A1ATU F . 7.14 27.91 32.26
C1 A1ATU F . 5.64 24.23 31.06
C1' A1ATU F . 6.40 26.90 28.52
C11 A1ATU F . 2.19 28.10 27.89
C12 A1ATU F . 3.50 27.66 27.96
C16 A1ATU F . 7.74 30.23 32.88
C2 A1ATU F . 6.66 29.35 32.27
C2' A1ATU F . 5.82 26.20 29.55
C3' A1ATU F . 6.31 24.97 29.94
C4' A1ATU F . 7.41 24.43 29.30
C5' A1ATU F . 8.01 25.12 28.26
C9 A1ATU F . 4.21 29.90 28.04
N7 A1ATU F . 1.90 29.41 27.91
N9 A1ATU F . 5.92 28.18 28.09
O6 A1ATU F . 5.28 31.58 31.94
OP1 A1ATU F . 5.17 32.14 27.18
OP3 A1ATU F . 6.79 30.67 28.07
S1 A1ATU F . 5.44 31.12 28.15
H13 A1ATU F . 6.62 29.41 30.14
H12 A1ATU F . 4.61 32.58 29.72
H5 A1ATU F . 7.98 26.91 27.06
H9 A1ATU F . 2.63 31.37 28.00
H17 A1ATU F . 7.34 27.61 33.27
H16 A1ATU F . 8.01 27.83 31.68
H15 A1ATU F . 6.39 27.30 31.86
H3 A1ATU F . 4.60 24.42 31.01
H1 A1ATU F . 6.03 24.58 31.98
H2 A1ATU F . 5.83 23.20 30.96
H10 A1ATU F . 1.37 27.38 27.83
H11 A1ATU F . 3.71 26.60 27.94
H20 A1ATU F . 8.44 29.61 33.39
H19 A1ATU F . 7.31 30.91 33.56
H18 A1ATU F . 8.23 30.75 32.11
H14 A1ATU F . 5.78 29.41 32.92
H4 A1ATU F . 4.96 26.62 30.06
H7 A1ATU F . 7.80 23.46 29.59
H6 A1ATU F . 8.87 24.71 27.75
H8 A1ATU F . 6.61 28.91 27.90
CL CL G . -2.05 22.07 26.00
NA NA H . -1.09 30.99 33.39
#